data_3D0G
#
_entry.id   3D0G
#
_cell.length_a   80.008
_cell.length_b   119.762
_cell.length_c   108.801
_cell.angle_alpha   90.000
_cell.angle_beta   96.220
_cell.angle_gamma   90.000
#
_symmetry.space_group_name_H-M   'P 1 21 1'
#
loop_
_entity.id
_entity.type
_entity.pdbx_description
1 polymer 'Angiotensin-converting enzyme 2'
2 polymer 'Spike glycoprotein'
3 non-polymer 2-acetamido-2-deoxy-alpha-D-glucopyranose
4 non-polymer 'ZINC ION'
5 non-polymer 'CHLORIDE ION'
6 non-polymer 2-acetamido-2-deoxy-beta-D-glucopyranose
7 water water
#
loop_
_entity_poly.entity_id
_entity_poly.type
_entity_poly.pdbx_seq_one_letter_code
_entity_poly.pdbx_strand_id
1 'polypeptide(L)'
;STTEELAKTFLETFNYEAQELSYQSSVASWNYNTNITEENVQNMNNAGDKWSAFLKEQSTLAQMYPLQEIQNLTVKLQLQ
ALQQNGSSVLSEDKSKRLNTILNTMSTIYSTGKVCNPDNPQECLLLEPGLNEIMANSLDYNERLWAWESWRSEVGKQLRP
LYEEYVVLKNEMARANHYEDYGDYWRGDYEVNGVDGYDYSRGQLIEDVEHTFEEIKPLYEHLHAYVRAKLMNAYPSYISP
IGCLPAHLLGDMWGRFWTNLYSLTVPFGQKPNIDVTDAMVDQAWDAQRIFKEAEKFFVSVGLPNMTQGFWENSMLTDPGN
VQKAVCHPTAWDLGKGDFRILMCTKVTMDDFLTAHHEMGHIQYDMAYAAQPFLLRNGANEGFHEAVGEIMSLSAATPKHL
KSIGLLSPDFQEDNETEINFLLKQALTIVGTLPFTYMLEKWRWMVFKGEIPKDQWMKKWWEMKREIVGVVEPVPHDETYC
DPASLFHVSNDYSFIRYYTRTLYQFQFQEALCQAAKHEGPLHKCDISNSTEAGQKLFNMLRLGKSEPWTLALENVVGAKN
MNVRPLLNYFEPLFTWLKDQNKNSFVGWSTDWSPYAD
;
A,B
2 'polypeptide(L)'
;PFGEVFNATKFPSVYAWERKKISNCVADYSVLYNSTFFSTFKCYGVSATKLNDLCFSNVYADSFVVKGDDVRQIAPGQTG
VIADYNYKLPDDFMGCVLAWNTRNIDATSTGNYNYKYRYLRHGKLRPFERDISNVPFSPDGKPCTPPALNCYWPLNDYGF
YTTTGIGYQPYRVVVLSFE
;
E,F
#
loop_
_chem_comp.id
_chem_comp.type
_chem_comp.name
_chem_comp.formula
CL non-polymer 'CHLORIDE ION' 'Cl -1'
NAG D-saccharide, beta linking 2-acetamido-2-deoxy-beta-D-glucopyranose 'C8 H15 N O6'
NDG D-saccharide, alpha linking 2-acetamido-2-deoxy-alpha-D-glucopyranose 'C8 H15 N O6'
ZN non-polymer 'ZINC ION' 'Zn 2'
#
# COMPACT_ATOMS: atom_id res chain seq x y z
N SER A 1 -24.43 -23.77 -44.60
CA SER A 1 -23.70 -23.64 -43.31
C SER A 1 -22.19 -23.56 -43.57
N THR A 2 -21.54 -22.59 -42.93
CA THR A 2 -20.12 -22.28 -43.17
C THR A 2 -19.17 -23.31 -42.56
N THR A 3 -17.88 -22.98 -42.51
CA THR A 3 -16.88 -23.79 -41.84
C THR A 3 -17.09 -23.76 -40.33
N GLU A 4 -17.45 -22.58 -39.81
CA GLU A 4 -17.64 -22.39 -38.37
C GLU A 4 -18.88 -23.11 -37.85
N GLU A 5 -19.93 -23.20 -38.68
CA GLU A 5 -21.12 -23.95 -38.31
C GLU A 5 -20.81 -25.45 -38.31
N LEU A 6 -20.07 -25.91 -39.32
CA LEU A 6 -19.66 -27.32 -39.42
C LEU A 6 -18.65 -27.72 -38.34
N ALA A 7 -18.01 -26.72 -37.73
CA ALA A 7 -17.06 -26.97 -36.67
C ALA A 7 -17.79 -27.18 -35.34
N LYS A 8 -18.78 -26.34 -35.04
CA LYS A 8 -19.54 -26.45 -33.78
C LYS A 8 -20.19 -27.81 -33.68
N THR A 9 -20.82 -28.24 -34.78
CA THR A 9 -21.52 -29.53 -34.83
C THR A 9 -20.53 -30.67 -34.70
N PHE A 10 -19.37 -30.52 -35.31
CA PHE A 10 -18.31 -31.48 -35.09
C PHE A 10 -17.87 -31.53 -33.61
N LEU A 11 -17.55 -30.37 -33.03
CA LEU A 11 -17.12 -30.30 -31.62
C LEU A 11 -18.17 -30.86 -30.65
N GLU A 12 -19.43 -30.44 -30.80
CA GLU A 12 -20.51 -30.92 -29.96
C GLU A 12 -20.57 -32.45 -29.91
N THR A 13 -20.52 -33.08 -31.08
CA THR A 13 -20.50 -34.53 -31.16
C THR A 13 -19.28 -35.07 -30.41
N PHE A 14 -18.17 -34.36 -30.49
CA PHE A 14 -17.00 -34.78 -29.75
C PHE A 14 -17.26 -34.78 -28.23
N ASN A 15 -17.57 -33.60 -27.69
CA ASN A 15 -17.73 -33.46 -26.24
C ASN A 15 -18.58 -34.58 -25.66
N TYR A 16 -19.69 -34.90 -26.33
CA TYR A 16 -20.56 -35.92 -25.81
C TYR A 16 -19.90 -37.29 -25.87
N GLU A 17 -19.26 -37.63 -26.98
CA GLU A 17 -18.61 -38.94 -27.06
C GLU A 17 -17.40 -39.03 -26.13
N ALA A 18 -16.69 -37.92 -26.02
CA ALA A 18 -15.56 -37.84 -25.12
C ALA A 18 -15.98 -38.02 -23.66
N GLN A 19 -17.13 -37.48 -23.27
CA GLN A 19 -17.54 -37.60 -21.87
C GLN A 19 -17.65 -39.03 -21.40
N GLU A 20 -18.10 -39.90 -22.29
CA GLU A 20 -18.36 -41.27 -21.93
C GLU A 20 -17.08 -42.09 -21.91
N LEU A 21 -16.33 -42.04 -23.01
CA LEU A 21 -15.08 -42.79 -23.06
C LEU A 21 -14.18 -42.31 -21.93
N SER A 22 -14.05 -40.99 -21.80
CA SER A 22 -13.21 -40.44 -20.76
C SER A 22 -13.70 -40.78 -19.36
N TYR A 23 -15.01 -40.74 -19.10
CA TYR A 23 -15.49 -41.16 -17.79
C TYR A 23 -15.14 -42.63 -17.51
N GLN A 24 -15.30 -43.46 -18.53
CA GLN A 24 -14.97 -44.86 -18.40
C GLN A 24 -13.48 -45.04 -18.19
N SER A 25 -12.68 -44.30 -18.95
CA SER A 25 -11.24 -44.31 -18.79
C SER A 25 -10.88 -44.01 -17.33
N SER A 26 -11.41 -42.90 -16.80
CA SER A 26 -11.09 -42.47 -15.44
C SER A 26 -11.51 -43.43 -14.33
N VAL A 27 -12.75 -43.90 -14.35
CA VAL A 27 -13.26 -44.81 -13.32
C VAL A 27 -12.43 -46.08 -13.27
N ALA A 28 -12.12 -46.61 -14.45
CA ALA A 28 -11.27 -47.79 -14.56
C ALA A 28 -9.89 -47.50 -13.98
N SER A 29 -9.32 -46.37 -14.37
CA SER A 29 -8.01 -45.98 -13.90
C SER A 29 -8.03 -45.76 -12.39
N TRP A 30 -9.13 -45.21 -11.88
CA TRP A 30 -9.28 -45.02 -10.45
C TRP A 30 -9.37 -46.36 -9.72
N ASN A 31 -10.35 -47.18 -10.09
CA ASN A 31 -10.50 -48.49 -9.46
C ASN A 31 -9.18 -49.23 -9.31
N TYR A 32 -8.32 -49.12 -10.33
CA TYR A 32 -6.97 -49.68 -10.26
C TYR A 32 -6.21 -49.11 -9.08
N ASN A 33 -5.89 -47.83 -9.14
CA ASN A 33 -5.12 -47.15 -8.11
C ASN A 33 -5.65 -47.37 -6.70
N THR A 34 -6.92 -47.77 -6.58
CA THR A 34 -7.54 -47.99 -5.27
C THR A 34 -7.75 -49.47 -4.92
N ASN A 35 -7.64 -50.34 -5.93
CA ASN A 35 -7.86 -51.77 -5.76
C ASN A 35 -6.97 -52.49 -6.78
N ILE A 36 -5.68 -52.62 -6.45
CA ILE A 36 -4.70 -53.22 -7.37
C ILE A 36 -4.93 -54.73 -7.60
N THR A 37 -5.79 -55.06 -8.57
CA THR A 37 -6.03 -56.45 -8.98
C THR A 37 -5.63 -56.64 -10.44
N GLU A 38 -5.28 -57.87 -10.81
CA GLU A 38 -4.97 -58.20 -12.19
C GLU A 38 -6.18 -58.00 -13.13
N GLU A 39 -7.39 -58.16 -12.58
CA GLU A 39 -8.61 -57.88 -13.31
C GLU A 39 -8.78 -56.38 -13.58
N ASN A 40 -8.17 -55.56 -12.72
CA ASN A 40 -8.26 -54.11 -12.84
C ASN A 40 -7.27 -53.48 -13.82
N VAL A 41 -6.01 -53.94 -13.79
CA VAL A 41 -5.01 -53.47 -14.76
C VAL A 41 -5.45 -53.83 -16.18
N GLN A 42 -6.24 -54.89 -16.29
CA GLN A 42 -6.84 -55.31 -17.55
C GLN A 42 -7.91 -54.29 -17.99
N ASN A 43 -8.68 -53.80 -17.02
CA ASN A 43 -9.74 -52.81 -17.28
C ASN A 43 -9.23 -51.39 -17.56
N MET A 44 -8.24 -50.95 -16.78
CA MET A 44 -7.62 -49.64 -16.97
C MET A 44 -7.00 -49.51 -18.36
N ASN A 45 -6.39 -50.59 -18.84
CA ASN A 45 -5.88 -50.66 -20.20
C ASN A 45 -7.01 -50.67 -21.22
N ASN A 46 -8.03 -51.49 -20.97
CA ASN A 46 -9.23 -51.57 -21.82
C ASN A 46 -9.80 -50.20 -22.15
N ALA A 47 -10.13 -49.45 -21.10
CA ALA A 47 -10.79 -48.16 -21.23
C ALA A 47 -9.83 -47.06 -21.67
N GLY A 48 -8.56 -47.21 -21.32
CA GLY A 48 -7.51 -46.26 -21.70
C GLY A 48 -7.17 -46.38 -23.16
N ASP A 49 -7.28 -47.59 -23.71
CA ASP A 49 -7.01 -47.83 -25.13
C ASP A 49 -8.08 -47.19 -26.04
N LYS A 50 -9.36 -47.51 -25.79
CA LYS A 50 -10.49 -46.90 -26.49
C LYS A 50 -10.43 -45.36 -26.48
N TRP A 51 -10.29 -44.80 -25.28
CA TRP A 51 -10.25 -43.36 -25.11
C TRP A 51 -9.09 -42.70 -25.86
N SER A 52 -7.95 -43.36 -25.88
CA SER A 52 -6.79 -42.87 -26.63
C SER A 52 -6.99 -43.03 -28.15
N ALA A 53 -7.39 -44.23 -28.58
CA ALA A 53 -7.68 -44.46 -30.00
C ALA A 53 -8.65 -43.42 -30.52
N PHE A 54 -9.69 -43.15 -29.73
CA PHE A 54 -10.72 -42.17 -30.06
C PHE A 54 -10.17 -40.78 -30.31
N LEU A 55 -9.36 -40.31 -29.35
CA LEU A 55 -8.71 -39.02 -29.46
C LEU A 55 -8.00 -38.89 -30.81
N LYS A 56 -7.11 -39.84 -31.11
CA LYS A 56 -6.40 -39.87 -32.38
C LYS A 56 -7.38 -39.71 -33.54
N GLU A 57 -8.37 -40.62 -33.60
CA GLU A 57 -9.37 -40.62 -34.67
C GLU A 57 -9.97 -39.21 -34.78
N GLN A 58 -10.30 -38.62 -33.64
CA GLN A 58 -10.95 -37.31 -33.61
C GLN A 58 -10.07 -36.18 -34.06
N SER A 59 -8.83 -36.17 -33.58
CA SER A 59 -7.89 -35.13 -33.94
C SER A 59 -7.69 -35.14 -35.46
N THR A 60 -7.39 -36.31 -36.02
CA THR A 60 -7.21 -36.46 -37.48
C THR A 60 -8.40 -35.89 -38.24
N LEU A 61 -9.61 -36.11 -37.70
CA LEU A 61 -10.81 -35.55 -38.29
C LEU A 61 -10.90 -34.04 -38.06
N ALA A 62 -10.47 -33.59 -36.88
CA ALA A 62 -10.51 -32.17 -36.51
C ALA A 62 -9.59 -31.33 -37.38
N GLN A 63 -8.54 -31.96 -37.90
CA GLN A 63 -7.60 -31.28 -38.80
C GLN A 63 -8.24 -30.96 -40.16
N MET A 64 -9.44 -31.46 -40.39
CA MET A 64 -10.17 -31.16 -41.63
C MET A 64 -11.01 -29.89 -41.52
N TYR A 65 -10.61 -29.00 -40.62
CA TYR A 65 -11.25 -27.71 -40.41
C TYR A 65 -10.15 -26.70 -40.09
N PRO A 66 -9.95 -25.68 -40.95
CA PRO A 66 -8.86 -24.72 -40.79
C PRO A 66 -9.21 -23.63 -39.79
N LEU A 67 -8.35 -23.45 -38.78
CA LEU A 67 -8.72 -22.66 -37.60
C LEU A 67 -8.64 -21.16 -37.77
N GLN A 68 -7.99 -20.70 -38.84
CA GLN A 68 -7.97 -19.27 -39.12
C GLN A 68 -9.12 -18.86 -40.04
N GLU A 69 -10.06 -19.78 -40.20
CA GLU A 69 -11.33 -19.50 -40.88
C GLU A 69 -12.43 -19.31 -39.82
N ILE A 70 -12.00 -19.05 -38.59
CA ILE A 70 -12.91 -18.93 -37.46
C ILE A 70 -12.61 -17.67 -36.64
N GLN A 71 -13.59 -16.76 -36.63
CA GLN A 71 -13.54 -15.56 -35.79
C GLN A 71 -14.40 -15.78 -34.53
N ASN A 72 -13.88 -16.62 -33.64
CA ASN A 72 -14.58 -17.01 -32.43
C ASN A 72 -13.64 -17.80 -31.53
N LEU A 73 -12.96 -17.08 -30.64
CA LEU A 73 -11.99 -17.69 -29.74
C LEU A 73 -12.49 -19.04 -29.21
N THR A 74 -13.65 -19.02 -28.54
CA THR A 74 -14.15 -20.21 -27.84
C THR A 74 -14.02 -21.46 -28.69
N VAL A 75 -14.65 -21.46 -29.86
CA VAL A 75 -14.61 -22.65 -30.73
C VAL A 75 -13.22 -22.84 -31.34
N LYS A 76 -12.61 -21.74 -31.79
CA LYS A 76 -11.26 -21.75 -32.35
C LYS A 76 -10.32 -22.48 -31.37
N LEU A 77 -10.44 -22.12 -30.10
CA LEU A 77 -9.62 -22.72 -29.05
C LEU A 77 -9.84 -24.20 -28.88
N GLN A 78 -11.10 -24.62 -29.01
CA GLN A 78 -11.44 -26.03 -28.85
C GLN A 78 -10.84 -26.84 -29.99
N LEU A 79 -11.05 -26.35 -31.20
CA LEU A 79 -10.58 -27.02 -32.40
C LEU A 79 -9.06 -27.16 -32.38
N GLN A 80 -8.40 -26.13 -31.83
CA GLN A 80 -6.95 -26.09 -31.75
C GLN A 80 -6.45 -27.14 -30.77
N ALA A 81 -7.14 -27.22 -29.63
CA ALA A 81 -6.80 -28.19 -28.60
C ALA A 81 -6.87 -29.61 -29.14
N LEU A 82 -7.98 -29.94 -29.81
CA LEU A 82 -8.19 -31.25 -30.41
C LEU A 82 -7.12 -31.56 -31.48
N GLN A 83 -6.53 -30.51 -32.03
CA GLN A 83 -5.43 -30.70 -32.98
C GLN A 83 -4.10 -30.93 -32.26
N GLN A 84 -4.13 -31.86 -31.30
CA GLN A 84 -2.94 -32.57 -30.85
C GLN A 84 -2.75 -33.70 -31.87
N ASN A 85 -2.01 -33.40 -32.95
CA ASN A 85 -1.62 -34.40 -33.95
C ASN A 85 -1.03 -35.61 -33.24
N GLY A 86 0.12 -35.41 -32.61
CA GLY A 86 0.84 -36.46 -31.88
C GLY A 86 2.08 -36.91 -32.63
N SER A 87 2.55 -38.11 -32.30
CA SER A 87 3.63 -38.75 -33.06
C SER A 87 3.06 -39.45 -34.30
N SER A 88 1.75 -39.31 -34.50
CA SER A 88 1.08 -39.81 -35.69
C SER A 88 1.47 -39.03 -36.95
N VAL A 89 2.11 -37.88 -36.75
CA VAL A 89 2.67 -37.09 -37.86
C VAL A 89 3.94 -37.75 -38.43
N LEU A 90 4.54 -38.62 -37.64
CA LEU A 90 5.71 -39.40 -38.06
C LEU A 90 5.28 -40.69 -38.76
N SER A 91 6.24 -41.39 -39.34
CA SER A 91 5.98 -42.67 -39.99
C SER A 91 5.71 -43.77 -38.96
N GLU A 92 5.05 -44.84 -39.41
CA GLU A 92 4.79 -46.07 -38.64
C GLU A 92 5.90 -46.45 -37.65
N ASP A 93 7.15 -46.48 -38.14
CA ASP A 93 8.28 -47.00 -37.39
C ASP A 93 8.96 -45.97 -36.49
N LYS A 94 8.94 -44.71 -36.91
CA LYS A 94 9.44 -43.60 -36.10
C LYS A 94 8.46 -43.25 -34.98
N SER A 95 7.33 -43.96 -34.94
CA SER A 95 6.32 -43.77 -33.89
C SER A 95 6.35 -44.93 -32.91
N LYS A 96 6.45 -46.15 -33.45
CA LYS A 96 6.56 -47.35 -32.64
C LYS A 96 7.87 -47.30 -31.86
N ARG A 97 8.96 -46.98 -32.56
CA ARG A 97 10.28 -46.90 -31.95
C ARG A 97 10.31 -45.84 -30.86
N LEU A 98 9.81 -44.64 -31.17
CA LEU A 98 9.77 -43.54 -30.19
C LEU A 98 9.02 -43.93 -28.92
N ASN A 99 7.86 -44.54 -29.08
CA ASN A 99 7.12 -45.09 -27.96
C ASN A 99 7.91 -46.18 -27.24
N THR A 100 8.72 -46.91 -27.99
CA THR A 100 9.56 -47.93 -27.39
C THR A 100 10.54 -47.21 -26.47
N ILE A 101 11.25 -46.22 -27.00
CA ILE A 101 12.18 -45.39 -26.22
C ILE A 101 11.48 -44.82 -24.98
N LEU A 102 10.36 -44.13 -25.19
CA LEU A 102 9.61 -43.49 -24.12
C LEU A 102 9.34 -44.44 -22.99
N ASN A 103 9.00 -45.67 -23.33
CA ASN A 103 8.62 -46.67 -22.34
C ASN A 103 9.82 -47.22 -21.58
N THR A 104 10.93 -47.39 -22.30
CA THR A 104 12.15 -47.99 -21.75
C THR A 104 12.86 -47.02 -20.79
N MET A 105 12.99 -45.77 -21.20
CA MET A 105 13.50 -44.73 -20.31
C MET A 105 12.71 -44.78 -19.02
N SER A 106 11.38 -44.85 -19.15
CA SER A 106 10.48 -44.91 -18.00
C SER A 106 10.78 -46.09 -17.09
N THR A 107 10.78 -47.28 -17.67
CA THR A 107 10.96 -48.51 -16.92
C THR A 107 12.38 -48.64 -16.32
N ILE A 108 13.36 -48.01 -16.93
CA ILE A 108 14.71 -48.02 -16.37
C ILE A 108 14.79 -47.15 -15.10
N TYR A 109 14.22 -45.96 -15.16
CA TYR A 109 14.26 -45.07 -14.00
C TYR A 109 13.42 -45.64 -12.87
N SER A 110 12.38 -46.39 -13.23
CA SER A 110 11.48 -46.98 -12.23
C SER A 110 12.00 -48.28 -11.61
N THR A 111 12.81 -49.05 -12.35
CA THR A 111 13.28 -50.35 -11.85
C THR A 111 14.75 -50.36 -11.53
N GLY A 112 15.46 -49.32 -11.97
CA GLY A 112 16.88 -49.19 -11.73
C GLY A 112 17.25 -49.31 -10.26
N LYS A 113 18.29 -50.09 -10.00
CA LYS A 113 18.78 -50.29 -8.65
C LYS A 113 20.30 -50.35 -8.63
N VAL A 114 20.89 -50.03 -7.47
CA VAL A 114 22.33 -50.13 -7.28
C VAL A 114 22.63 -50.90 -5.99
N CYS A 115 23.80 -51.54 -5.96
CA CYS A 115 24.13 -52.45 -4.87
C CYS A 115 25.40 -52.06 -4.15
N ASN A 116 25.35 -52.19 -2.83
CA ASN A 116 26.45 -51.87 -1.94
C ASN A 116 27.70 -52.71 -2.23
N PRO A 117 28.77 -52.09 -2.75
CA PRO A 117 29.99 -52.84 -3.05
C PRO A 117 30.60 -53.54 -1.83
N ASP A 118 30.36 -52.99 -0.64
CA ASP A 118 30.83 -53.59 0.61
C ASP A 118 29.85 -54.62 1.15
N ASN A 119 28.64 -54.65 0.60
CA ASN A 119 27.61 -55.63 0.97
C ASN A 119 26.64 -55.86 -0.20
N PRO A 120 27.09 -56.59 -1.24
CA PRO A 120 26.34 -56.69 -2.49
C PRO A 120 25.00 -57.41 -2.40
N GLN A 121 24.67 -57.95 -1.22
CA GLN A 121 23.40 -58.65 -1.00
C GLN A 121 22.21 -57.70 -0.79
N GLU A 122 22.52 -56.41 -0.68
CA GLU A 122 21.50 -55.37 -0.48
C GLU A 122 21.51 -54.38 -1.64
N CYS A 123 20.53 -54.52 -2.53
CA CYS A 123 20.41 -53.60 -3.66
C CYS A 123 19.26 -52.64 -3.44
N LEU A 124 19.58 -51.36 -3.56
CA LEU A 124 18.69 -50.27 -3.21
C LEU A 124 18.06 -49.66 -4.44
N LEU A 125 16.78 -49.30 -4.35
CA LEU A 125 16.09 -48.55 -5.40
C LEU A 125 16.30 -47.05 -5.18
N LEU A 126 15.65 -46.23 -6.00
CA LEU A 126 15.63 -44.78 -5.74
C LEU A 126 14.72 -44.51 -4.57
N GLU A 127 13.44 -44.82 -4.74
CA GLU A 127 12.50 -44.78 -3.64
C GLU A 127 12.29 -46.21 -3.16
N PRO A 128 12.35 -46.42 -1.84
CA PRO A 128 12.81 -45.45 -0.85
C PRO A 128 14.32 -45.54 -0.57
N GLY A 129 15.03 -46.39 -1.30
CA GLY A 129 16.41 -46.77 -0.96
C GLY A 129 17.44 -45.67 -0.92
N LEU A 130 17.93 -45.28 -2.11
CA LEU A 130 18.86 -44.18 -2.28
C LEU A 130 18.32 -42.88 -1.70
N ASN A 131 17.07 -42.55 -2.02
CA ASN A 131 16.41 -41.35 -1.50
C ASN A 131 16.55 -41.14 0.00
N GLU A 132 16.47 -42.21 0.77
CA GLU A 132 16.57 -42.11 2.23
C GLU A 132 17.97 -41.62 2.61
N ILE A 133 18.97 -42.23 2.01
CA ILE A 133 20.36 -41.83 2.18
C ILE A 133 20.53 -40.33 1.89
N MET A 134 20.10 -39.91 0.70
CA MET A 134 20.29 -38.53 0.23
C MET A 134 19.61 -37.47 1.10
N ALA A 135 18.60 -37.91 1.85
CA ALA A 135 17.88 -37.02 2.73
C ALA A 135 18.49 -36.96 4.13
N ASN A 136 19.05 -38.05 4.62
CA ASN A 136 19.44 -38.14 6.04
C ASN A 136 20.91 -38.40 6.34
N SER A 137 21.61 -39.10 5.44
CA SER A 137 23.02 -39.39 5.65
C SER A 137 23.86 -38.14 5.84
N LEU A 138 24.73 -38.17 6.86
CA LEU A 138 25.73 -37.11 7.07
C LEU A 138 27.11 -37.53 6.62
N ASP A 139 27.24 -38.72 6.02
CA ASP A 139 28.54 -39.26 5.62
C ASP A 139 28.82 -38.90 4.16
N TYR A 140 29.83 -38.08 3.96
CA TYR A 140 30.15 -37.54 2.64
C TYR A 140 30.27 -38.66 1.61
N ASN A 141 31.00 -39.70 1.99
CA ASN A 141 31.30 -40.80 1.08
C ASN A 141 30.12 -41.71 0.73
N GLU A 142 29.35 -42.09 1.75
CA GLU A 142 28.10 -42.81 1.51
C GLU A 142 27.25 -41.98 0.55
N ARG A 143 27.09 -40.71 0.87
CA ARG A 143 26.37 -39.81 0.02
C ARG A 143 26.98 -39.82 -1.38
N LEU A 144 28.30 -39.65 -1.47
CA LEU A 144 29.00 -39.67 -2.76
C LEU A 144 28.71 -40.95 -3.55
N TRP A 145 28.75 -42.06 -2.85
CA TRP A 145 28.46 -43.35 -3.43
C TRP A 145 27.06 -43.38 -4.10
N ALA A 146 26.01 -43.27 -3.31
CA ALA A 146 24.65 -43.21 -3.86
C ALA A 146 24.55 -42.27 -5.08
N TRP A 147 24.86 -40.99 -4.89
CA TRP A 147 24.85 -39.99 -5.97
C TRP A 147 25.47 -40.51 -7.27
N GLU A 148 26.76 -40.91 -7.19
CA GLU A 148 27.50 -41.43 -8.34
C GLU A 148 26.93 -42.75 -8.91
N SER A 149 26.62 -43.71 -8.05
CA SER A 149 26.02 -44.97 -8.46
C SER A 149 24.86 -44.73 -9.42
N TRP A 150 23.86 -43.97 -8.95
CA TRP A 150 22.64 -43.70 -9.70
C TRP A 150 22.93 -43.19 -11.10
N ARG A 151 23.81 -42.20 -11.20
CA ARG A 151 24.13 -41.60 -12.49
C ARG A 151 25.03 -42.49 -13.35
N SER A 152 25.74 -43.41 -12.69
CA SER A 152 26.73 -44.27 -13.31
C SER A 152 26.11 -45.57 -13.82
N GLU A 153 25.06 -46.05 -13.14
CA GLU A 153 24.36 -47.24 -13.60
C GLU A 153 23.21 -46.85 -14.53
N VAL A 154 22.15 -46.25 -13.98
CA VAL A 154 20.99 -45.92 -14.78
C VAL A 154 21.24 -44.72 -15.71
N GLY A 155 22.12 -43.80 -15.30
CA GLY A 155 22.53 -42.71 -16.17
C GLY A 155 23.01 -43.23 -17.51
N LYS A 156 24.16 -43.90 -17.49
CA LYS A 156 24.80 -44.41 -18.72
C LYS A 156 23.86 -45.21 -19.62
N GLN A 157 22.92 -45.94 -19.00
CA GLN A 157 21.91 -46.72 -19.70
C GLN A 157 20.97 -45.86 -20.52
N LEU A 158 20.63 -44.67 -20.01
CA LEU A 158 19.66 -43.79 -20.63
C LEU A 158 20.31 -42.90 -21.69
N ARG A 159 21.63 -42.77 -21.60
CA ARG A 159 22.38 -41.96 -22.55
C ARG A 159 22.00 -42.25 -24.02
N PRO A 160 22.22 -43.49 -24.52
CA PRO A 160 21.93 -43.71 -25.93
C PRO A 160 20.46 -43.42 -26.21
N LEU A 161 19.59 -44.01 -25.39
CA LEU A 161 18.15 -43.85 -25.53
C LEU A 161 17.74 -42.40 -25.59
N TYR A 162 18.30 -41.59 -24.70
CA TYR A 162 17.97 -40.16 -24.68
C TYR A 162 18.39 -39.45 -25.97
N GLU A 163 19.53 -39.86 -26.53
CA GLU A 163 20.05 -39.27 -27.77
C GLU A 163 19.07 -39.43 -28.91
N GLU A 164 18.58 -40.65 -29.08
CA GLU A 164 17.63 -40.95 -30.14
C GLU A 164 16.28 -40.28 -29.86
N TYR A 165 15.93 -40.22 -28.57
CA TYR A 165 14.71 -39.56 -28.09
C TYR A 165 14.63 -38.11 -28.58
N VAL A 166 15.79 -37.44 -28.58
CA VAL A 166 15.93 -36.03 -28.94
C VAL A 166 15.75 -35.79 -30.44
N VAL A 167 16.30 -36.72 -31.24
CA VAL A 167 16.17 -36.66 -32.71
C VAL A 167 14.72 -36.93 -33.11
N LEU A 168 14.18 -38.04 -32.59
CA LEU A 168 12.84 -38.45 -32.92
C LEU A 168 11.81 -37.40 -32.50
N LYS A 169 12.01 -36.83 -31.31
CA LYS A 169 11.07 -35.88 -30.75
C LYS A 169 11.13 -34.56 -31.51
N ASN A 170 12.34 -34.21 -31.94
CA ASN A 170 12.55 -32.97 -32.70
C ASN A 170 11.88 -32.97 -34.06
N GLU A 171 12.04 -34.06 -34.81
CA GLU A 171 11.37 -34.23 -36.10
C GLU A 171 9.87 -33.92 -35.98
N MET A 172 9.22 -34.55 -34.99
CA MET A 172 7.83 -34.32 -34.68
C MET A 172 7.50 -32.83 -34.59
N ALA A 173 8.23 -32.11 -33.74
CA ALA A 173 7.96 -30.69 -33.52
C ALA A 173 8.20 -29.85 -34.77
N ARG A 174 9.17 -30.27 -35.58
CA ARG A 174 9.46 -29.60 -36.85
C ARG A 174 8.29 -29.78 -37.80
N ALA A 175 7.81 -31.02 -37.90
CA ALA A 175 6.68 -31.39 -38.75
C ALA A 175 5.35 -30.76 -38.32
N ASN A 176 5.33 -30.17 -37.13
CA ASN A 176 4.16 -29.42 -36.67
C ASN A 176 4.39 -27.91 -36.73
N HIS A 177 5.40 -27.53 -37.49
CA HIS A 177 5.76 -26.12 -37.73
C HIS A 177 6.19 -25.42 -36.45
N TYR A 178 7.08 -26.07 -35.70
CA TYR A 178 7.77 -25.47 -34.55
C TYR A 178 9.25 -25.53 -34.81
N GLU A 179 9.99 -24.56 -34.25
CA GLU A 179 11.46 -24.49 -34.37
C GLU A 179 12.14 -25.80 -33.93
N ASP A 180 11.70 -26.29 -32.77
CA ASP A 180 12.23 -27.52 -32.15
C ASP A 180 11.23 -28.04 -31.11
N TYR A 181 11.58 -29.16 -30.45
CA TYR A 181 10.71 -29.73 -29.40
C TYR A 181 10.54 -28.77 -28.21
N GLY A 182 11.60 -28.03 -27.91
CA GLY A 182 11.54 -26.98 -26.90
C GLY A 182 10.43 -26.00 -27.23
N ASP A 183 10.50 -25.46 -28.44
CA ASP A 183 9.49 -24.55 -28.95
C ASP A 183 8.10 -25.16 -28.88
N TYR A 184 8.02 -26.48 -29.05
CA TYR A 184 6.75 -27.20 -28.91
C TYR A 184 6.23 -27.03 -27.49
N TRP A 185 7.08 -27.36 -26.52
CA TRP A 185 6.76 -27.17 -25.10
C TRP A 185 6.45 -25.72 -24.70
N ARG A 186 7.22 -24.76 -25.18
CA ARG A 186 6.91 -23.36 -24.87
C ARG A 186 5.50 -23.00 -25.36
N GLY A 187 5.04 -23.74 -26.37
CA GLY A 187 3.73 -23.55 -26.95
C GLY A 187 2.63 -23.40 -25.92
N ASP A 188 2.66 -24.24 -24.89
CA ASP A 188 1.67 -24.20 -23.81
C ASP A 188 1.38 -22.78 -23.27
N TYR A 189 2.35 -21.87 -23.36
CA TYR A 189 2.20 -20.49 -22.87
C TYR A 189 1.75 -19.48 -23.94
N GLU A 190 1.54 -19.95 -25.15
CA GLU A 190 1.26 -19.08 -26.29
C GLU A 190 -0.18 -18.59 -26.39
N VAL A 191 -0.36 -17.36 -26.86
CA VAL A 191 -1.70 -16.82 -27.09
C VAL A 191 -1.76 -16.07 -28.43
N ASN A 192 -2.68 -16.49 -29.31
CA ASN A 192 -2.90 -15.88 -30.63
C ASN A 192 -4.27 -15.20 -30.78
N GLY A 193 -4.26 -13.88 -30.96
CA GLY A 193 -5.48 -13.11 -31.18
C GLY A 193 -6.22 -12.76 -29.91
N VAL A 194 -6.06 -11.50 -29.47
CA VAL A 194 -6.88 -10.82 -28.43
C VAL A 194 -6.34 -9.42 -28.11
N ASP A 195 -5.08 -9.18 -28.47
CA ASP A 195 -4.41 -7.87 -28.34
C ASP A 195 -3.93 -7.55 -26.91
N GLY A 196 -2.60 -7.40 -26.77
CA GLY A 196 -2.00 -7.16 -25.46
C GLY A 196 -2.03 -8.42 -24.60
N TYR A 197 -3.16 -9.13 -24.64
CA TYR A 197 -3.28 -10.43 -24.00
C TYR A 197 -2.52 -11.53 -24.75
N ASP A 198 -1.98 -11.19 -25.92
CA ASP A 198 -1.16 -12.10 -26.70
C ASP A 198 0.17 -12.40 -26.01
N TYR A 199 0.74 -13.56 -26.33
CA TYR A 199 2.01 -14.02 -25.79
C TYR A 199 2.63 -15.01 -26.76
N SER A 200 3.88 -14.75 -27.17
CA SER A 200 4.58 -15.64 -28.08
C SER A 200 5.36 -16.69 -27.30
N ARG A 201 5.79 -17.74 -27.98
CA ARG A 201 6.56 -18.83 -27.35
C ARG A 201 7.90 -18.36 -26.79
N GLY A 202 8.65 -17.60 -27.59
CA GLY A 202 9.94 -17.04 -27.19
C GLY A 202 9.87 -15.99 -26.07
N GLN A 203 8.74 -15.28 -26.00
CA GLN A 203 8.54 -14.28 -24.95
C GLN A 203 8.68 -14.91 -23.57
N LEU A 204 8.41 -16.22 -23.49
CA LEU A 204 8.56 -16.97 -22.26
C LEU A 204 10.01 -16.98 -21.77
N ILE A 205 10.93 -17.39 -22.64
CA ILE A 205 12.35 -17.37 -22.29
C ILE A 205 12.71 -15.97 -21.81
N GLU A 206 12.37 -14.98 -22.60
CA GLU A 206 12.61 -13.58 -22.26
C GLU A 206 12.10 -13.26 -20.87
N ASP A 207 10.82 -13.52 -20.63
CA ASP A 207 10.21 -13.25 -19.33
C ASP A 207 10.74 -14.12 -18.22
N VAL A 208 11.20 -15.33 -18.54
CA VAL A 208 11.89 -16.15 -17.53
C VAL A 208 13.26 -15.57 -17.21
N GLU A 209 14.07 -15.31 -18.23
CA GLU A 209 15.41 -14.80 -18.00
C GLU A 209 15.41 -13.43 -17.32
N HIS A 210 14.53 -12.52 -17.77
CA HIS A 210 14.47 -11.18 -17.16
C HIS A 210 14.09 -11.26 -15.68
N THR A 211 13.10 -12.10 -15.40
CA THR A 211 12.57 -12.28 -14.06
C THR A 211 13.55 -13.04 -13.14
N PHE A 212 14.45 -13.81 -13.74
CA PHE A 212 15.41 -14.63 -13.00
C PHE A 212 16.58 -13.79 -12.50
N GLU A 213 16.97 -12.78 -13.28
CA GLU A 213 17.99 -11.83 -12.84
C GLU A 213 17.60 -11.22 -11.50
N GLU A 214 16.34 -10.82 -11.40
CA GLU A 214 15.81 -10.26 -10.17
C GLU A 214 15.73 -11.28 -9.01
N ILE A 215 16.29 -12.47 -9.18
CA ILE A 215 16.26 -13.53 -8.16
C ILE A 215 17.66 -13.81 -7.63
N LYS A 216 18.64 -13.63 -8.49
CA LYS A 216 20.05 -13.88 -8.14
C LYS A 216 20.49 -13.36 -6.74
N PRO A 217 20.28 -12.06 -6.43
CA PRO A 217 20.70 -11.52 -5.14
C PRO A 217 20.24 -12.36 -3.98
N LEU A 218 18.93 -12.63 -3.92
CA LEU A 218 18.37 -13.51 -2.91
C LEU A 218 19.06 -14.89 -2.91
N TYR A 219 19.06 -15.56 -4.06
CA TYR A 219 19.63 -16.91 -4.15
C TYR A 219 21.10 -16.96 -3.71
N GLU A 220 21.84 -15.92 -4.09
CA GLU A 220 23.27 -15.87 -3.82
C GLU A 220 23.44 -15.80 -2.33
N HIS A 221 22.62 -14.99 -1.69
CA HIS A 221 22.68 -14.92 -0.26
C HIS A 221 22.26 -16.25 0.38
N LEU A 222 21.21 -16.88 -0.15
CA LEU A 222 20.76 -18.18 0.39
C LEU A 222 21.90 -19.18 0.30
N HIS A 223 22.42 -19.29 -0.93
CA HIS A 223 23.62 -20.05 -1.23
C HIS A 223 24.70 -19.73 -0.22
N ALA A 224 25.12 -18.47 -0.08
CA ALA A 224 26.27 -18.13 0.79
C ALA A 224 26.10 -18.60 2.23
N TYR A 225 24.90 -18.46 2.76
CA TYR A 225 24.61 -18.87 4.13
C TYR A 225 24.70 -20.39 4.23
N VAL A 226 23.95 -21.11 3.40
CA VAL A 226 24.02 -22.57 3.43
C VAL A 226 25.44 -23.08 3.22
N ARG A 227 26.22 -22.41 2.36
CA ARG A 227 27.60 -22.86 2.16
C ARG A 227 28.32 -22.83 3.50
N ALA A 228 28.21 -21.70 4.20
CA ALA A 228 28.84 -21.56 5.51
C ALA A 228 28.39 -22.68 6.43
N LYS A 229 27.08 -22.85 6.55
CA LYS A 229 26.52 -23.93 7.35
C LYS A 229 27.06 -25.31 6.99
N LEU A 230 27.13 -25.62 5.70
CA LEU A 230 27.61 -26.94 5.25
C LEU A 230 29.07 -27.18 5.59
N MET A 231 29.88 -26.12 5.52
CA MET A 231 31.29 -26.18 5.89
C MET A 231 31.44 -26.79 7.26
N ASN A 232 30.46 -26.52 8.14
CA ASN A 232 30.49 -27.05 9.49
C ASN A 232 30.17 -28.53 9.56
N ALA A 233 29.24 -29.00 8.75
CA ALA A 233 28.85 -30.40 8.74
C ALA A 233 29.83 -31.32 8.00
N TYR A 234 30.58 -30.75 7.07
CA TYR A 234 31.61 -31.47 6.32
C TYR A 234 32.85 -30.60 6.25
N PRO A 235 33.55 -30.45 7.37
CA PRO A 235 34.69 -29.54 7.34
C PRO A 235 35.70 -30.08 6.36
N SER A 236 36.38 -29.19 5.65
CA SER A 236 37.47 -29.58 4.76
C SER A 236 36.99 -30.13 3.41
N TYR A 237 35.70 -30.40 3.26
CA TYR A 237 35.17 -30.87 1.97
C TYR A 237 34.75 -29.76 1.01
N ILE A 238 34.50 -28.57 1.56
CA ILE A 238 33.84 -27.51 0.84
C ILE A 238 34.67 -26.24 0.92
N SER A 239 34.77 -25.50 -0.19
CA SER A 239 35.54 -24.24 -0.21
C SER A 239 34.61 -23.05 0.00
N PRO A 240 35.04 -22.06 0.82
CA PRO A 240 34.15 -20.93 1.12
C PRO A 240 33.94 -19.94 -0.05
N ILE A 241 34.60 -20.17 -1.19
CA ILE A 241 34.36 -19.35 -2.35
C ILE A 241 33.84 -20.21 -3.48
N GLY A 242 33.66 -21.50 -3.21
CA GLY A 242 33.34 -22.44 -4.28
C GLY A 242 31.88 -22.78 -4.47
N CYS A 243 31.63 -23.65 -5.45
CA CYS A 243 30.32 -24.25 -5.58
C CYS A 243 30.04 -25.30 -4.50
N LEU A 244 28.78 -25.71 -4.42
CA LEU A 244 28.36 -26.71 -3.46
C LEU A 244 28.40 -28.07 -4.12
N PRO A 245 29.15 -29.01 -3.51
CA PRO A 245 29.18 -30.38 -4.03
C PRO A 245 27.77 -30.88 -4.26
N ALA A 246 27.51 -31.32 -5.49
CA ALA A 246 26.18 -31.67 -5.93
C ALA A 246 25.47 -32.71 -5.08
N HIS A 247 26.25 -33.58 -4.44
CA HIS A 247 25.71 -34.68 -3.65
C HIS A 247 25.46 -34.36 -2.20
N LEU A 248 25.52 -33.08 -1.82
CA LEU A 248 25.33 -32.72 -0.41
C LEU A 248 24.09 -31.87 -0.17
N LEU A 249 23.14 -31.91 -1.12
CA LEU A 249 22.14 -30.85 -1.16
C LEU A 249 20.78 -31.22 -0.63
N GLY A 250 20.67 -32.40 -0.07
CA GLY A 250 19.42 -32.77 0.58
C GLY A 250 18.60 -33.85 -0.08
N ASP A 251 18.82 -34.07 -1.38
CA ASP A 251 18.16 -35.15 -2.12
C ASP A 251 19.03 -35.57 -3.27
N MET A 252 18.53 -36.45 -4.13
CA MET A 252 19.38 -37.08 -5.13
C MET A 252 19.97 -36.06 -6.09
N TRP A 253 19.28 -34.95 -6.32
CA TRP A 253 19.72 -34.03 -7.35
C TRP A 253 19.96 -32.65 -6.80
N GLY A 254 19.38 -32.37 -5.64
CA GLY A 254 19.40 -31.02 -5.11
C GLY A 254 18.32 -30.18 -5.78
N ARG A 255 17.25 -30.84 -6.23
CA ARG A 255 16.09 -30.12 -6.70
C ARG A 255 15.49 -29.29 -5.55
N PHE A 256 15.65 -29.76 -4.32
CA PHE A 256 15.17 -29.03 -3.17
C PHE A 256 16.18 -29.13 -2.06
N TRP A 257 16.39 -28.02 -1.34
CA TRP A 257 17.32 -28.04 -0.22
C TRP A 257 16.63 -28.42 1.11
N THR A 258 15.37 -28.87 1.01
CA THR A 258 14.49 -29.05 2.19
C THR A 258 15.22 -29.73 3.35
N ASN A 259 15.82 -30.89 3.08
CA ASN A 259 16.44 -31.70 4.12
C ASN A 259 17.74 -31.12 4.68
N LEU A 260 18.20 -29.99 4.14
CA LEU A 260 19.33 -29.28 4.73
C LEU A 260 18.95 -28.53 6.02
N TYR A 261 17.65 -28.41 6.26
CA TYR A 261 17.17 -27.65 7.39
C TYR A 261 17.86 -28.03 8.69
N SER A 262 18.01 -29.33 8.95
CA SER A 262 18.62 -29.78 10.20
C SER A 262 19.95 -29.10 10.43
N LEU A 263 20.77 -28.99 9.39
CA LEU A 263 22.08 -28.37 9.57
C LEU A 263 22.21 -26.92 9.06
N THR A 264 21.14 -26.36 8.54
CA THR A 264 21.16 -24.92 8.25
C THR A 264 20.22 -24.08 9.11
N VAL A 265 19.50 -24.71 10.03
CA VAL A 265 18.49 -23.99 10.82
C VAL A 265 19.13 -22.78 11.49
N PRO A 266 18.55 -21.58 11.31
CA PRO A 266 19.05 -20.34 11.92
C PRO A 266 19.06 -20.34 13.45
N PHE A 267 17.91 -20.57 14.07
CA PHE A 267 17.81 -20.59 15.54
C PHE A 267 17.38 -21.95 16.09
N GLY A 268 18.36 -22.84 16.21
CA GLY A 268 18.16 -24.23 16.57
C GLY A 268 17.50 -24.45 17.90
N GLN A 269 17.51 -23.42 18.75
CA GLN A 269 16.90 -23.47 20.08
C GLN A 269 15.37 -23.50 20.05
N LYS A 270 14.77 -22.66 19.22
CA LYS A 270 13.31 -22.52 19.12
C LYS A 270 12.65 -23.84 18.72
N PRO A 271 11.44 -24.11 19.25
CA PRO A 271 10.86 -25.41 19.00
C PRO A 271 9.96 -25.43 17.76
N ASN A 272 9.01 -26.37 17.77
CA ASN A 272 8.19 -26.69 16.61
C ASN A 272 7.22 -25.61 16.16
N ILE A 273 7.01 -25.59 14.85
CA ILE A 273 5.78 -25.09 14.26
C ILE A 273 4.89 -26.33 14.11
N ASP A 274 5.55 -27.49 14.09
CA ASP A 274 4.94 -28.82 13.99
C ASP A 274 3.80 -29.05 15.00
N VAL A 275 2.56 -29.09 14.50
CA VAL A 275 1.39 -29.41 15.31
C VAL A 275 1.00 -30.88 15.21
N THR A 276 1.92 -31.68 14.65
CA THR A 276 1.69 -33.11 14.45
C THR A 276 1.14 -33.75 15.72
N ASP A 277 1.78 -33.43 16.85
CA ASP A 277 1.41 -33.98 18.16
C ASP A 277 0.16 -33.32 18.75
N ALA A 278 -0.06 -32.05 18.41
CA ALA A 278 -1.26 -31.31 18.85
C ALA A 278 -2.55 -31.89 18.23
N MET A 279 -2.43 -32.39 17.01
CA MET A 279 -3.56 -32.99 16.29
C MET A 279 -4.02 -34.33 16.89
N VAL A 280 -3.06 -35.16 17.27
CA VAL A 280 -3.34 -36.49 17.86
C VAL A 280 -4.06 -36.34 19.19
N ASP A 281 -3.61 -35.37 20.00
CA ASP A 281 -4.18 -35.07 21.32
C ASP A 281 -5.71 -35.00 21.34
N GLN A 282 -6.31 -34.78 20.18
CA GLN A 282 -7.76 -34.64 20.08
C GLN A 282 -8.37 -35.74 19.20
N ALA A 283 -7.68 -36.88 19.09
CA ALA A 283 -8.15 -38.07 18.35
C ALA A 283 -8.78 -37.75 16.98
N TRP A 284 -8.18 -36.79 16.28
CA TRP A 284 -8.64 -36.37 14.97
C TRP A 284 -8.48 -37.47 13.93
N ASP A 285 -9.56 -37.78 13.22
CA ASP A 285 -9.53 -38.72 12.09
C ASP A 285 -9.63 -37.97 10.77
N ALA A 286 -9.37 -38.68 9.68
CA ALA A 286 -9.41 -38.08 8.33
C ALA A 286 -10.66 -37.22 8.10
N GLN A 287 -11.81 -37.71 8.56
CA GLN A 287 -13.09 -36.99 8.44
C GLN A 287 -12.95 -35.53 8.83
N ARG A 288 -12.25 -35.30 9.94
CA ARG A 288 -12.03 -33.95 10.48
C ARG A 288 -11.03 -33.14 9.63
N ILE A 289 -10.00 -33.81 9.13
CA ILE A 289 -8.97 -33.14 8.34
C ILE A 289 -9.59 -32.45 7.14
N PHE A 290 -10.45 -33.19 6.44
CA PHE A 290 -11.05 -32.70 5.20
C PHE A 290 -12.25 -31.80 5.47
N LYS A 291 -13.06 -32.17 6.46
CA LYS A 291 -14.17 -31.31 6.86
C LYS A 291 -13.61 -29.93 7.13
N GLU A 292 -12.46 -29.90 7.80
CA GLU A 292 -11.74 -28.67 8.09
C GLU A 292 -11.29 -27.98 6.80
N ALA A 293 -10.61 -28.73 5.93
CA ALA A 293 -10.22 -28.19 4.63
C ALA A 293 -11.48 -27.60 4.01
N GLU A 294 -12.53 -28.42 3.89
CA GLU A 294 -13.82 -27.96 3.38
C GLU A 294 -14.31 -26.68 4.06
N LYS A 295 -14.21 -26.63 5.39
CA LYS A 295 -14.58 -25.44 6.15
C LYS A 295 -13.72 -24.26 5.74
N PHE A 296 -12.42 -24.51 5.50
CA PHE A 296 -11.51 -23.47 5.03
C PHE A 296 -12.05 -22.81 3.76
N PHE A 297 -12.32 -23.64 2.75
CA PHE A 297 -12.79 -23.17 1.45
C PHE A 297 -14.18 -22.53 1.52
N VAL A 298 -15.07 -23.08 2.36
CA VAL A 298 -16.38 -22.45 2.53
C VAL A 298 -16.24 -21.08 3.18
N SER A 299 -15.17 -20.88 3.94
CA SER A 299 -14.94 -19.62 4.64
C SER A 299 -14.70 -18.45 3.68
N VAL A 300 -14.11 -18.76 2.53
CA VAL A 300 -13.88 -17.74 1.51
C VAL A 300 -15.04 -17.68 0.51
N GLY A 301 -16.17 -18.27 0.89
CA GLY A 301 -17.42 -18.16 0.11
C GLY A 301 -17.60 -19.18 -1.01
N LEU A 302 -16.69 -20.15 -1.09
CA LEU A 302 -16.75 -21.23 -2.07
C LEU A 302 -17.58 -22.41 -1.55
N PRO A 303 -17.93 -23.36 -2.43
CA PRO A 303 -18.91 -24.39 -2.06
C PRO A 303 -18.39 -25.57 -1.26
N ASN A 304 -19.29 -26.18 -0.48
CA ASN A 304 -19.10 -27.50 0.14
C ASN A 304 -18.59 -28.51 -0.89
N MET A 305 -17.93 -29.58 -0.41
CA MET A 305 -17.61 -30.70 -1.29
C MET A 305 -18.91 -31.40 -1.67
N THR A 306 -18.91 -32.12 -2.79
CA THR A 306 -20.13 -32.81 -3.23
C THR A 306 -20.33 -34.08 -2.44
N GLN A 307 -21.58 -34.40 -2.15
CA GLN A 307 -21.94 -35.64 -1.46
C GLN A 307 -21.14 -36.84 -1.97
N GLY A 308 -20.94 -36.89 -3.29
CA GLY A 308 -20.20 -37.96 -3.97
C GLY A 308 -18.74 -38.04 -3.56
N PHE A 309 -18.17 -36.89 -3.20
CA PHE A 309 -16.79 -36.79 -2.74
C PHE A 309 -16.65 -37.54 -1.43
N TRP A 310 -17.57 -37.29 -0.51
CA TRP A 310 -17.59 -37.97 0.78
C TRP A 310 -17.90 -39.46 0.65
N GLU A 311 -18.75 -39.82 -0.31
CA GLU A 311 -19.12 -41.21 -0.53
C GLU A 311 -18.04 -42.02 -1.27
N ASN A 312 -17.42 -41.42 -2.29
CA ASN A 312 -16.54 -42.17 -3.19
C ASN A 312 -15.02 -41.99 -3.01
N SER A 313 -14.60 -41.00 -2.22
CA SER A 313 -13.17 -40.74 -1.94
C SER A 313 -12.56 -41.85 -1.08
N MET A 314 -11.26 -42.06 -1.25
CA MET A 314 -10.52 -42.95 -0.33
C MET A 314 -9.63 -42.14 0.63
N LEU A 315 -10.05 -42.09 1.88
CA LEU A 315 -9.39 -41.25 2.89
C LEU A 315 -8.32 -41.97 3.73
N THR A 316 -8.34 -43.30 3.74
CA THR A 316 -7.39 -44.07 4.55
C THR A 316 -6.97 -45.38 3.89
N ASP A 317 -5.67 -45.67 3.96
CA ASP A 317 -5.10 -46.91 3.45
C ASP A 317 -5.71 -48.14 4.13
N PRO A 318 -6.16 -49.13 3.33
CA PRO A 318 -6.65 -50.41 3.87
C PRO A 318 -5.53 -51.33 4.36
N GLY A 319 -4.28 -50.94 4.10
CA GLY A 319 -3.11 -51.74 4.47
C GLY A 319 -2.95 -52.88 3.47
N ASN A 320 -2.50 -54.04 3.96
CA ASN A 320 -2.53 -55.26 3.18
C ASN A 320 -3.96 -55.79 3.05
N VAL A 321 -4.20 -56.68 2.08
CA VAL A 321 -5.54 -57.13 1.68
C VAL A 321 -6.32 -55.93 1.13
N GLN A 322 -6.30 -55.80 -0.20
CA GLN A 322 -6.69 -54.57 -0.91
C GLN A 322 -5.65 -53.47 -0.66
N LYS A 323 -4.58 -53.52 -1.46
CA LYS A 323 -3.53 -52.49 -1.41
C LYS A 323 -3.78 -51.46 -2.50
N ALA A 324 -3.30 -50.24 -2.26
CA ALA A 324 -3.49 -49.11 -3.18
C ALA A 324 -2.21 -48.29 -3.32
N VAL A 325 -2.10 -47.52 -4.40
CA VAL A 325 -1.01 -46.54 -4.51
C VAL A 325 -1.35 -45.38 -3.57
N CYS A 326 -0.33 -44.85 -2.90
CA CYS A 326 -0.60 -43.92 -1.79
C CYS A 326 -0.17 -42.47 -1.99
N HIS A 327 0.29 -42.15 -3.19
CA HIS A 327 0.66 -40.77 -3.53
C HIS A 327 -0.59 -39.89 -3.57
N PRO A 328 -0.58 -38.74 -2.87
CA PRO A 328 -1.78 -37.90 -2.74
C PRO A 328 -2.14 -37.30 -4.09
N THR A 329 -3.41 -37.43 -4.49
CA THR A 329 -3.88 -36.90 -5.78
C THR A 329 -5.30 -36.37 -5.72
N ALA A 330 -5.60 -35.41 -6.60
CA ALA A 330 -6.97 -34.96 -6.76
C ALA A 330 -7.48 -35.49 -8.08
N TRP A 331 -8.59 -36.22 -8.02
CA TRP A 331 -9.18 -36.82 -9.20
C TRP A 331 -10.40 -36.05 -9.71
N ASP A 332 -10.36 -35.74 -11.01
CA ASP A 332 -11.47 -35.10 -11.72
C ASP A 332 -11.93 -36.03 -12.85
N LEU A 333 -12.84 -36.93 -12.51
CA LEU A 333 -13.19 -38.06 -13.36
C LEU A 333 -14.11 -37.65 -14.51
N GLY A 334 -14.87 -36.57 -14.29
CA GLY A 334 -15.87 -36.14 -15.24
C GLY A 334 -17.23 -36.32 -14.61
N LYS A 335 -18.29 -36.08 -15.38
CA LYS A 335 -19.66 -36.20 -14.88
C LYS A 335 -19.82 -35.71 -13.44
N GLY A 336 -19.26 -34.53 -13.13
CA GLY A 336 -19.36 -33.99 -11.77
C GLY A 336 -18.90 -34.92 -10.66
N ASP A 337 -18.04 -35.89 -11.01
CA ASP A 337 -17.47 -36.82 -10.06
C ASP A 337 -16.07 -36.37 -9.67
N PHE A 338 -15.96 -35.83 -8.45
CA PHE A 338 -14.68 -35.38 -7.89
C PHE A 338 -14.33 -36.25 -6.71
N ARG A 339 -13.04 -36.51 -6.54
CA ARG A 339 -12.59 -37.27 -5.38
C ARG A 339 -11.09 -37.20 -5.22
N ILE A 340 -10.66 -37.46 -3.99
CA ILE A 340 -9.25 -37.49 -3.66
C ILE A 340 -8.87 -38.89 -3.20
N LEU A 341 -7.74 -39.37 -3.70
CA LEU A 341 -7.12 -40.59 -3.23
C LEU A 341 -5.86 -40.19 -2.47
N MET A 342 -5.84 -40.48 -1.16
CA MET A 342 -4.76 -40.04 -0.27
C MET A 342 -4.69 -40.90 0.98
N CYS A 343 -3.55 -41.55 1.18
CA CYS A 343 -3.35 -42.42 2.34
C CYS A 343 -3.03 -41.60 3.58
N THR A 344 -4.05 -40.84 4.01
CA THR A 344 -3.94 -39.91 5.11
C THR A 344 -3.26 -40.52 6.33
N LYS A 345 -2.11 -39.97 6.69
CA LYS A 345 -1.54 -40.15 8.02
C LYS A 345 -1.97 -38.94 8.85
N VAL A 346 -1.62 -38.92 10.13
CA VAL A 346 -2.12 -37.88 11.05
C VAL A 346 -1.19 -36.67 11.23
N THR A 347 -0.12 -36.60 10.44
CA THR A 347 0.88 -35.52 10.55
C THR A 347 0.32 -34.13 10.20
N MET A 348 1.11 -33.09 10.50
CA MET A 348 0.80 -31.73 10.07
C MET A 348 0.92 -31.64 8.55
N ASP A 349 2.00 -32.21 8.02
CA ASP A 349 2.29 -32.23 6.58
C ASP A 349 1.12 -32.77 5.73
N ASP A 350 0.37 -33.69 6.31
CA ASP A 350 -0.81 -34.27 5.66
C ASP A 350 -2.04 -33.39 5.80
N PHE A 351 -2.22 -32.80 6.99
CA PHE A 351 -3.28 -31.80 7.19
C PHE A 351 -3.17 -30.71 6.14
N LEU A 352 -1.93 -30.26 5.94
CA LEU A 352 -1.64 -29.24 4.95
C LEU A 352 -1.78 -29.77 3.55
N THR A 353 -1.36 -31.03 3.36
CA THR A 353 -1.48 -31.72 2.08
C THR A 353 -2.93 -31.79 1.62
N ALA A 354 -3.85 -32.01 2.56
CA ALA A 354 -5.27 -32.00 2.25
C ALA A 354 -5.69 -30.66 1.67
N HIS A 355 -5.17 -29.56 2.23
CA HIS A 355 -5.51 -28.23 1.72
C HIS A 355 -5.02 -27.99 0.28
N HIS A 356 -3.83 -28.49 -0.04
CA HIS A 356 -3.35 -28.44 -1.40
C HIS A 356 -4.33 -29.25 -2.27
N GLU A 357 -4.40 -30.56 -2.02
CA GLU A 357 -5.21 -31.42 -2.85
C GLU A 357 -6.63 -30.86 -3.08
N MET A 358 -7.31 -30.45 -2.02
CA MET A 358 -8.67 -29.88 -2.12
C MET A 358 -8.77 -28.53 -2.86
N GLY A 359 -7.66 -27.81 -2.93
CA GLY A 359 -7.61 -26.67 -3.83
C GLY A 359 -7.94 -27.12 -5.25
N HIS A 360 -7.29 -28.19 -5.69
CA HIS A 360 -7.49 -28.72 -7.03
C HIS A 360 -8.95 -28.98 -7.29
N ILE A 361 -9.57 -29.77 -6.42
CA ILE A 361 -11.01 -30.11 -6.51
C ILE A 361 -11.83 -28.83 -6.60
N GLN A 362 -11.47 -27.82 -5.81
CA GLN A 362 -12.22 -26.59 -5.87
C GLN A 362 -12.10 -25.96 -7.25
N TYR A 363 -10.89 -25.98 -7.81
CA TYR A 363 -10.61 -25.45 -9.13
C TYR A 363 -11.41 -26.25 -10.15
N ASP A 364 -11.26 -27.58 -10.11
CA ASP A 364 -11.92 -28.52 -11.03
C ASP A 364 -13.42 -28.29 -11.03
N MET A 365 -13.98 -28.06 -9.84
CA MET A 365 -15.41 -27.84 -9.67
C MET A 365 -15.82 -26.54 -10.34
N ALA A 366 -15.05 -25.49 -10.09
CA ALA A 366 -15.30 -24.18 -10.66
C ALA A 366 -15.40 -24.18 -12.19
N TYR A 367 -14.49 -24.91 -12.84
CA TYR A 367 -14.46 -24.86 -14.31
C TYR A 367 -15.22 -26.00 -14.98
N ALA A 368 -16.04 -26.71 -14.22
CA ALA A 368 -16.86 -27.79 -14.75
C ALA A 368 -17.78 -27.38 -15.92
N ALA A 369 -18.47 -26.24 -15.77
CA ALA A 369 -19.47 -25.81 -16.77
C ALA A 369 -18.89 -25.38 -18.13
N GLN A 370 -17.56 -25.31 -18.21
CA GLN A 370 -16.88 -25.01 -19.46
C GLN A 370 -16.96 -26.19 -20.42
N PRO A 371 -16.83 -25.91 -21.72
CA PRO A 371 -16.73 -26.98 -22.70
C PRO A 371 -15.72 -28.02 -22.27
N PHE A 372 -16.02 -29.29 -22.54
CA PHE A 372 -15.19 -30.41 -22.13
C PHE A 372 -13.69 -30.18 -22.35
N LEU A 373 -13.34 -29.90 -23.61
CA LEU A 373 -11.96 -29.64 -24.00
C LEU A 373 -11.29 -28.48 -23.29
N LEU A 374 -12.06 -27.72 -22.52
CA LEU A 374 -11.53 -26.49 -21.93
C LEU A 374 -11.45 -26.55 -20.42
N ARG A 375 -11.69 -27.72 -19.86
CA ARG A 375 -11.63 -27.92 -18.43
C ARG A 375 -10.21 -28.29 -18.03
N ASN A 376 -9.47 -27.28 -17.57
CA ASN A 376 -8.11 -27.44 -17.07
C ASN A 376 -7.57 -26.09 -16.59
N GLY A 377 -6.48 -26.09 -15.82
CA GLY A 377 -5.86 -24.83 -15.40
C GLY A 377 -5.45 -23.95 -16.56
N ALA A 378 -5.32 -22.65 -16.32
CA ALA A 378 -5.09 -21.71 -17.42
C ALA A 378 -3.82 -22.07 -18.18
N ASN A 379 -2.75 -22.35 -17.45
CA ASN A 379 -1.63 -23.07 -18.05
C ASN A 379 -1.10 -24.16 -17.13
N GLU A 380 -0.05 -24.83 -17.56
CA GLU A 380 0.56 -25.91 -16.80
C GLU A 380 1.01 -25.44 -15.43
N GLY A 381 1.21 -24.14 -15.30
CA GLY A 381 1.68 -23.56 -14.05
C GLY A 381 0.57 -23.12 -13.11
N PHE A 382 -0.68 -23.32 -13.51
CA PHE A 382 -1.81 -22.85 -12.72
C PHE A 382 -2.31 -23.83 -11.64
N HIS A 383 -2.65 -25.07 -11.98
CA HIS A 383 -3.28 -25.95 -10.98
C HIS A 383 -2.52 -25.99 -9.64
N GLU A 384 -1.26 -26.41 -9.67
CA GLU A 384 -0.42 -26.45 -8.48
C GLU A 384 -0.32 -25.09 -7.76
N ALA A 385 -0.31 -24.01 -8.54
CA ALA A 385 -0.19 -22.68 -7.96
C ALA A 385 -1.36 -22.44 -7.01
N VAL A 386 -2.56 -22.82 -7.47
CA VAL A 386 -3.79 -22.78 -6.66
C VAL A 386 -3.66 -23.71 -5.46
N GLY A 387 -3.01 -24.84 -5.68
CA GLY A 387 -2.74 -25.82 -4.64
C GLY A 387 -1.91 -25.24 -3.52
N GLU A 388 -0.75 -24.67 -3.88
CA GLU A 388 0.15 -24.13 -2.88
C GLU A 388 -0.44 -22.98 -2.06
N ILE A 389 -1.16 -22.09 -2.73
CA ILE A 389 -1.92 -21.01 -2.05
C ILE A 389 -2.59 -21.53 -0.77
N MET A 390 -3.38 -22.59 -0.92
CA MET A 390 -4.15 -23.14 0.18
C MET A 390 -3.27 -23.63 1.29
N SER A 391 -2.16 -24.28 0.94
CA SER A 391 -1.16 -24.74 1.89
C SER A 391 -0.56 -23.58 2.69
N LEU A 392 -0.34 -22.47 2.01
CA LEU A 392 0.25 -21.27 2.60
C LEU A 392 -0.63 -20.64 3.69
N SER A 393 -1.92 -20.46 3.40
CA SER A 393 -2.80 -19.81 4.39
C SER A 393 -3.07 -20.72 5.58
N ALA A 394 -3.15 -22.02 5.33
CA ALA A 394 -3.48 -22.97 6.37
C ALA A 394 -2.38 -23.08 7.42
N ALA A 395 -1.12 -22.96 7.00
CA ALA A 395 0.05 -23.16 7.88
C ALA A 395 0.43 -21.93 8.71
N THR A 396 -0.18 -20.79 8.41
CA THR A 396 0.14 -19.59 9.18
C THR A 396 -0.20 -19.82 10.65
N PRO A 397 0.68 -19.34 11.56
CA PRO A 397 0.44 -19.50 13.00
C PRO A 397 -0.88 -18.87 13.41
N LYS A 398 -1.31 -17.85 12.66
CA LYS A 398 -2.61 -17.24 12.84
C LYS A 398 -3.72 -18.28 12.64
N HIS A 399 -3.59 -19.08 11.58
CA HIS A 399 -4.63 -20.04 11.19
C HIS A 399 -4.72 -21.24 12.12
N LEU A 400 -3.57 -21.84 12.44
CA LEU A 400 -3.57 -22.93 13.42
C LEU A 400 -4.19 -22.50 14.78
N LYS A 401 -3.99 -21.24 15.15
CA LYS A 401 -4.65 -20.65 16.32
C LYS A 401 -6.16 -20.74 16.15
N SER A 402 -6.66 -20.03 15.15
CA SER A 402 -8.06 -20.04 14.76
C SER A 402 -8.72 -21.43 14.82
N ILE A 403 -8.07 -22.45 14.27
CA ILE A 403 -8.62 -23.82 14.22
C ILE A 403 -8.77 -24.42 15.63
N GLY A 404 -7.96 -23.93 16.56
CA GLY A 404 -7.85 -24.53 17.88
C GLY A 404 -6.82 -25.65 17.82
N LEU A 405 -5.69 -25.36 17.18
CA LEU A 405 -4.58 -26.30 17.07
C LEU A 405 -3.29 -25.75 17.64
N LEU A 406 -3.05 -24.46 17.44
CA LEU A 406 -1.89 -23.81 18.04
C LEU A 406 -2.26 -23.25 19.40
N SER A 407 -1.37 -23.47 20.38
CA SER A 407 -1.50 -22.89 21.71
C SER A 407 -1.67 -21.36 21.59
N PRO A 408 -2.77 -20.82 22.15
CA PRO A 408 -3.08 -19.40 21.96
C PRO A 408 -2.10 -18.43 22.66
N ASP A 409 -1.11 -18.97 23.38
CA ASP A 409 -0.12 -18.15 24.12
C ASP A 409 1.19 -17.92 23.33
N PHE A 410 1.44 -18.79 22.35
CA PHE A 410 2.64 -18.75 21.48
C PHE A 410 2.69 -17.46 20.65
N GLN A 411 3.73 -16.65 20.88
CA GLN A 411 3.87 -15.37 20.17
C GLN A 411 4.93 -15.42 19.07
N GLU A 412 4.79 -14.52 18.11
CA GLU A 412 5.59 -14.53 16.92
C GLU A 412 6.81 -13.64 17.06
N ASP A 413 7.79 -14.13 17.80
CA ASP A 413 9.08 -13.45 17.94
C ASP A 413 9.93 -13.58 16.67
N ASN A 414 10.80 -12.59 16.47
CA ASN A 414 11.63 -12.48 15.26
C ASN A 414 12.36 -13.75 14.82
N GLU A 415 12.50 -14.72 15.72
CA GLU A 415 13.32 -15.91 15.47
C GLU A 415 12.58 -17.12 14.87
N THR A 416 11.44 -17.47 15.45
CA THR A 416 10.61 -18.54 14.89
C THR A 416 10.25 -18.22 13.43
N GLU A 417 10.17 -16.93 13.11
CA GLU A 417 9.74 -16.46 11.79
C GLU A 417 10.82 -16.54 10.70
N ILE A 418 12.07 -16.25 11.08
CA ILE A 418 13.22 -16.45 10.21
C ILE A 418 13.48 -17.94 10.04
N ASN A 419 13.43 -18.70 11.12
CA ASN A 419 13.52 -20.17 11.07
C ASN A 419 12.65 -20.75 9.96
N PHE A 420 11.34 -20.58 10.12
CA PHE A 420 10.34 -21.00 9.17
C PHE A 420 10.63 -20.45 7.77
N LEU A 421 10.83 -19.14 7.64
CA LEU A 421 11.15 -18.54 6.35
C LEU A 421 12.34 -19.16 5.61
N LEU A 422 13.35 -19.58 6.36
CA LEU A 422 14.52 -20.25 5.81
C LEU A 422 14.06 -21.60 5.27
N LYS A 423 13.29 -22.33 6.08
CA LYS A 423 12.75 -23.61 5.65
C LYS A 423 12.00 -23.42 4.35
N GLN A 424 11.29 -22.30 4.25
CA GLN A 424 10.62 -21.97 3.02
C GLN A 424 11.58 -21.73 1.86
N ALA A 425 12.73 -21.15 2.15
CA ALA A 425 13.57 -20.71 1.06
C ALA A 425 14.29 -21.93 0.55
N LEU A 426 14.62 -22.83 1.47
CA LEU A 426 15.33 -24.08 1.16
C LEU A 426 14.61 -24.89 0.10
N THR A 427 13.29 -24.72 0.00
CA THR A 427 12.49 -25.49 -0.94
C THR A 427 12.06 -24.57 -2.09
N ILE A 428 11.46 -23.44 -1.73
CA ILE A 428 10.89 -22.58 -2.75
C ILE A 428 11.94 -21.81 -3.55
N VAL A 429 12.84 -21.10 -2.86
CA VAL A 429 13.89 -20.36 -3.58
C VAL A 429 14.94 -21.31 -4.13
N GLY A 430 15.37 -22.25 -3.31
CA GLY A 430 16.41 -23.19 -3.67
C GLY A 430 16.20 -23.84 -5.01
N THR A 431 14.95 -24.20 -5.32
CA THR A 431 14.61 -24.97 -6.52
C THR A 431 14.55 -24.16 -7.84
N LEU A 432 14.65 -22.83 -7.75
CA LEU A 432 14.40 -22.00 -8.92
C LEU A 432 15.56 -21.93 -9.91
N PRO A 433 16.79 -21.71 -9.42
CA PRO A 433 17.90 -21.79 -10.40
C PRO A 433 18.07 -23.21 -10.95
N PHE A 434 17.76 -24.20 -10.13
CA PHE A 434 17.89 -25.57 -10.56
C PHE A 434 16.90 -25.83 -11.66
N THR A 435 15.67 -25.36 -11.45
CA THR A 435 14.61 -25.56 -12.43
C THR A 435 14.92 -24.79 -13.71
N TYR A 436 15.26 -23.51 -13.59
CA TYR A 436 15.59 -22.74 -14.79
C TYR A 436 16.70 -23.44 -15.57
N MET A 437 17.78 -23.73 -14.87
CA MET A 437 18.94 -24.34 -15.46
C MET A 437 18.57 -25.59 -16.27
N LEU A 438 17.90 -26.54 -15.60
CA LEU A 438 17.43 -27.78 -16.22
C LEU A 438 16.76 -27.56 -17.57
N GLU A 439 15.79 -26.63 -17.65
CA GLU A 439 15.11 -26.41 -18.92
C GLU A 439 16.01 -25.66 -19.88
N LYS A 440 16.85 -24.79 -19.33
CA LYS A 440 17.79 -24.02 -20.15
C LYS A 440 18.63 -24.99 -20.97
N TRP A 441 19.22 -25.99 -20.30
CA TRP A 441 19.93 -27.08 -20.96
C TRP A 441 19.02 -27.78 -21.96
N ARG A 442 17.91 -28.32 -21.46
CA ARG A 442 16.93 -29.05 -22.29
C ARG A 442 16.60 -28.27 -23.57
N TRP A 443 16.20 -27.01 -23.42
CA TRP A 443 15.86 -26.16 -24.54
C TRP A 443 16.99 -26.08 -25.57
N MET A 444 18.21 -25.80 -25.10
CA MET A 444 19.40 -25.68 -25.94
C MET A 444 19.76 -26.99 -26.63
N VAL A 445 19.56 -28.11 -25.93
CA VAL A 445 19.79 -29.41 -26.54
C VAL A 445 18.85 -29.60 -27.73
N PHE A 446 17.61 -29.14 -27.61
CA PHE A 446 16.65 -29.32 -28.69
C PHE A 446 16.85 -28.36 -29.87
N LYS A 447 17.58 -27.26 -29.66
CA LYS A 447 17.91 -26.32 -30.72
C LYS A 447 19.16 -26.73 -31.50
N GLY A 448 19.93 -27.65 -30.95
CA GLY A 448 21.23 -28.03 -31.52
C GLY A 448 22.40 -27.23 -30.97
N GLU A 449 22.10 -26.24 -30.12
CA GLU A 449 23.10 -25.34 -29.53
C GLU A 449 24.13 -26.04 -28.64
N ILE A 450 23.80 -27.25 -28.19
CA ILE A 450 24.73 -28.08 -27.42
C ILE A 450 24.89 -29.45 -28.08
N PRO A 451 25.98 -29.63 -28.84
CA PRO A 451 26.30 -30.90 -29.51
C PRO A 451 26.41 -32.11 -28.59
N LYS A 452 26.05 -33.27 -29.12
CA LYS A 452 26.25 -34.55 -28.44
C LYS A 452 27.58 -34.63 -27.69
N ASP A 453 28.68 -34.26 -28.35
CA ASP A 453 30.00 -34.44 -27.74
C ASP A 453 30.25 -33.53 -26.51
N GLN A 454 29.34 -32.60 -26.25
CA GLN A 454 29.47 -31.65 -25.12
C GLN A 454 28.22 -31.58 -24.23
N TRP A 455 27.47 -32.68 -24.15
CA TRP A 455 26.23 -32.72 -23.38
C TRP A 455 26.48 -32.55 -21.91
N MET A 456 27.33 -33.41 -21.37
CA MET A 456 27.67 -33.35 -19.96
C MET A 456 28.60 -32.18 -19.65
N LYS A 457 29.55 -31.92 -20.53
CA LYS A 457 30.47 -30.79 -20.42
C LYS A 457 29.66 -29.48 -20.23
N LYS A 458 28.55 -29.35 -20.94
CA LYS A 458 27.77 -28.11 -20.91
C LYS A 458 26.79 -28.09 -19.74
N TRP A 459 26.30 -29.27 -19.37
CA TRP A 459 25.43 -29.43 -18.20
C TRP A 459 26.16 -28.90 -16.97
N TRP A 460 27.26 -29.54 -16.59
CA TRP A 460 28.04 -29.13 -15.43
C TRP A 460 28.59 -27.70 -15.49
N GLU A 461 28.97 -27.24 -16.68
CA GLU A 461 29.33 -25.85 -16.87
C GLU A 461 28.20 -24.95 -16.41
N MET A 462 26.98 -25.29 -16.82
CA MET A 462 25.79 -24.53 -16.42
C MET A 462 25.38 -24.73 -14.96
N LYS A 463 25.52 -25.94 -14.44
CA LYS A 463 25.25 -26.16 -13.02
C LYS A 463 26.18 -25.32 -12.15
N ARG A 464 27.44 -25.16 -12.59
CA ARG A 464 28.39 -24.30 -11.90
C ARG A 464 28.02 -22.83 -12.06
N GLU A 465 27.89 -22.38 -13.31
CA GLU A 465 27.60 -21.00 -13.63
C GLU A 465 26.26 -20.58 -13.05
N ILE A 466 25.19 -21.26 -13.46
CA ILE A 466 23.83 -20.89 -13.04
C ILE A 466 23.50 -21.24 -11.58
N VAL A 467 23.81 -22.46 -11.15
CA VAL A 467 23.24 -23.01 -9.92
C VAL A 467 24.14 -22.86 -8.67
N GLY A 468 25.44 -22.79 -8.87
CA GLY A 468 26.38 -22.66 -7.76
C GLY A 468 26.72 -24.05 -7.28
N VAL A 469 26.62 -25.01 -8.18
CA VAL A 469 26.72 -26.40 -7.78
C VAL A 469 27.73 -27.18 -8.63
N VAL A 470 28.45 -28.13 -8.02
CA VAL A 470 29.49 -28.88 -8.75
C VAL A 470 29.40 -30.38 -8.61
N GLU A 471 29.80 -31.07 -9.68
CA GLU A 471 29.96 -32.51 -9.69
C GLU A 471 31.09 -32.86 -8.72
N PRO A 472 30.83 -33.78 -7.79
CA PRO A 472 31.83 -34.32 -6.88
C PRO A 472 32.80 -35.33 -7.57
N VAL A 473 32.33 -35.92 -8.69
CA VAL A 473 33.15 -36.76 -9.56
C VAL A 473 32.95 -36.23 -10.97
N PRO A 474 34.02 -36.21 -11.80
CA PRO A 474 33.91 -35.72 -13.19
C PRO A 474 33.16 -36.70 -14.08
N HIS A 475 32.44 -36.18 -15.06
CA HIS A 475 31.62 -36.99 -15.98
C HIS A 475 31.90 -36.74 -17.47
N ASP A 476 32.36 -37.77 -18.17
CA ASP A 476 32.50 -37.70 -19.63
C ASP A 476 31.13 -37.91 -20.28
N GLU A 477 31.09 -37.96 -21.62
CA GLU A 477 29.82 -38.10 -22.34
C GLU A 477 29.24 -39.52 -22.28
N THR A 478 29.86 -40.37 -21.47
CA THR A 478 29.29 -41.68 -21.17
C THR A 478 28.07 -41.55 -20.24
N TYR A 479 27.95 -40.42 -19.54
CA TYR A 479 26.84 -40.16 -18.62
C TYR A 479 25.68 -39.43 -19.31
N CYS A 480 24.58 -39.31 -18.59
CA CYS A 480 23.47 -38.47 -19.01
C CYS A 480 22.74 -38.02 -17.76
N ASP A 481 23.47 -37.30 -16.91
CA ASP A 481 22.99 -36.94 -15.59
C ASP A 481 21.60 -36.34 -15.57
N PRO A 482 21.27 -35.43 -16.51
CA PRO A 482 19.92 -34.86 -16.46
C PRO A 482 18.83 -35.91 -16.49
N ALA A 483 18.98 -36.90 -17.35
CA ALA A 483 17.93 -37.91 -17.50
C ALA A 483 17.77 -38.82 -16.28
N SER A 484 18.67 -38.66 -15.31
CA SER A 484 18.59 -39.42 -14.07
C SER A 484 17.60 -38.79 -13.10
N LEU A 485 16.79 -37.85 -13.58
CA LEU A 485 15.70 -37.23 -12.80
C LEU A 485 14.37 -37.49 -13.49
N PHE A 486 13.37 -37.86 -12.69
CA PHE A 486 12.10 -38.34 -13.20
C PHE A 486 11.59 -37.66 -14.44
N HIS A 487 11.46 -36.34 -14.40
CA HIS A 487 10.76 -35.57 -15.44
C HIS A 487 11.44 -35.61 -16.78
N VAL A 488 12.77 -35.70 -16.73
CA VAL A 488 13.59 -35.66 -17.92
C VAL A 488 13.38 -36.94 -18.69
N SER A 489 13.67 -38.07 -18.03
CA SER A 489 13.57 -39.37 -18.67
C SER A 489 12.13 -39.84 -18.75
N ASN A 490 11.20 -39.05 -18.23
CA ASN A 490 9.77 -39.34 -18.43
C ASN A 490 9.03 -38.26 -19.23
N ASP A 491 9.77 -37.51 -20.03
CA ASP A 491 9.18 -36.61 -21.04
C ASP A 491 8.17 -35.56 -20.53
N TYR A 492 8.39 -34.95 -19.36
CA TYR A 492 7.52 -33.84 -18.93
C TYR A 492 8.29 -32.52 -18.94
N SER A 493 7.69 -31.50 -19.53
CA SER A 493 8.22 -30.14 -19.45
C SER A 493 8.48 -29.83 -17.98
N PHE A 494 9.52 -29.06 -17.70
CA PHE A 494 9.96 -28.82 -16.33
C PHE A 494 9.85 -27.35 -15.90
N ILE A 495 9.65 -26.46 -16.88
CA ILE A 495 9.50 -25.04 -16.57
C ILE A 495 8.21 -24.69 -15.76
N ARG A 496 7.13 -25.47 -15.89
CA ARG A 496 5.95 -25.24 -15.02
C ARG A 496 6.35 -24.99 -13.54
N TYR A 497 7.35 -25.72 -13.04
CA TYR A 497 7.76 -25.53 -11.66
C TYR A 497 8.25 -24.11 -11.35
N TYR A 498 8.75 -23.40 -12.36
CA TYR A 498 9.26 -22.05 -12.17
C TYR A 498 8.07 -21.09 -12.26
N THR A 499 7.37 -21.13 -13.40
CA THR A 499 6.31 -20.18 -13.69
C THR A 499 5.21 -20.23 -12.62
N ARG A 500 4.80 -21.45 -12.27
CA ARG A 500 3.94 -21.66 -11.10
C ARG A 500 4.51 -20.96 -9.87
N THR A 501 5.76 -21.29 -9.52
CA THR A 501 6.32 -20.80 -8.27
C THR A 501 6.11 -19.30 -8.17
N LEU A 502 6.34 -18.57 -9.26
CA LEU A 502 6.03 -17.12 -9.27
C LEU A 502 4.53 -16.85 -9.23
N TYR A 503 3.76 -17.52 -10.10
CA TYR A 503 2.30 -17.34 -10.09
C TYR A 503 1.77 -17.36 -8.67
N GLN A 504 2.16 -18.38 -7.92
CA GLN A 504 1.58 -18.60 -6.59
C GLN A 504 1.87 -17.45 -5.65
N PHE A 505 3.00 -16.80 -5.80
CA PHE A 505 3.21 -15.61 -4.97
C PHE A 505 2.45 -14.40 -5.48
N GLN A 506 2.25 -14.34 -6.78
CA GLN A 506 1.47 -13.28 -7.37
C GLN A 506 0.07 -13.38 -6.84
N PHE A 507 -0.49 -14.59 -6.90
CA PHE A 507 -1.80 -14.92 -6.35
C PHE A 507 -1.90 -14.48 -4.91
N GLN A 508 -1.07 -15.10 -4.05
CA GLN A 508 -1.01 -14.77 -2.62
C GLN A 508 -1.08 -13.30 -2.32
N GLU A 509 -0.09 -12.56 -2.78
CA GLU A 509 -0.02 -11.13 -2.50
C GLU A 509 -1.33 -10.44 -2.84
N ALA A 510 -1.85 -10.72 -4.04
CA ALA A 510 -3.08 -10.10 -4.51
C ALA A 510 -4.31 -10.55 -3.73
N LEU A 511 -4.28 -11.79 -3.28
CA LEU A 511 -5.37 -12.32 -2.47
C LEU A 511 -5.34 -11.77 -1.07
N CYS A 512 -4.14 -11.57 -0.54
CA CYS A 512 -3.98 -11.00 0.79
C CYS A 512 -4.29 -9.52 0.82
N GLN A 513 -3.98 -8.85 -0.28
CA GLN A 513 -4.33 -7.44 -0.49
C GLN A 513 -5.85 -7.32 -0.47
N ALA A 514 -6.51 -8.15 -1.27
CA ALA A 514 -7.96 -8.22 -1.32
C ALA A 514 -8.55 -8.46 0.07
N ALA A 515 -7.72 -8.96 0.97
CA ALA A 515 -8.19 -9.47 2.25
C ALA A 515 -7.72 -8.61 3.42
N LYS A 516 -7.19 -7.43 3.10
CA LYS A 516 -6.85 -6.39 4.10
C LYS A 516 -5.78 -6.80 5.12
N HIS A 517 -4.99 -7.83 4.79
CA HIS A 517 -3.95 -8.38 5.68
C HIS A 517 -2.85 -7.36 5.95
N GLU A 518 -2.52 -7.16 7.24
CA GLU A 518 -1.62 -6.05 7.65
C GLU A 518 -0.11 -6.32 7.62
N GLY A 519 0.32 -7.42 8.21
CA GLY A 519 1.76 -7.70 8.42
C GLY A 519 2.57 -8.12 7.20
N PRO A 520 3.69 -8.83 7.42
CA PRO A 520 4.42 -9.39 6.31
C PRO A 520 3.56 -10.39 5.56
N LEU A 521 3.71 -10.39 4.24
CA LEU A 521 2.95 -11.26 3.34
C LEU A 521 2.98 -12.74 3.75
N HIS A 522 3.94 -13.12 4.58
CA HIS A 522 4.14 -14.51 4.89
C HIS A 522 3.29 -15.01 6.04
N LYS A 523 2.67 -14.09 6.77
CA LYS A 523 1.80 -14.49 7.88
C LYS A 523 0.34 -14.48 7.47
N CYS A 524 0.12 -14.19 6.19
CA CYS A 524 -1.22 -13.98 5.62
C CYS A 524 -2.13 -15.17 5.75
N ASP A 525 -3.42 -14.91 5.81
CA ASP A 525 -4.38 -15.98 5.87
C ASP A 525 -5.65 -15.46 5.22
N ILE A 526 -6.02 -16.05 4.09
CA ILE A 526 -7.17 -15.57 3.35
C ILE A 526 -8.46 -16.14 3.95
N SER A 527 -8.31 -17.04 4.92
CA SER A 527 -9.43 -17.65 5.63
C SER A 527 -10.42 -16.58 6.14
N ASN A 528 -11.72 -16.85 5.97
CA ASN A 528 -12.82 -15.94 6.34
C ASN A 528 -13.00 -14.73 5.41
N SER A 529 -12.15 -14.57 4.41
CA SER A 529 -12.26 -13.43 3.50
C SER A 529 -12.95 -13.71 2.16
N THR A 530 -14.27 -13.57 2.11
CA THR A 530 -15.05 -13.97 0.92
C THR A 530 -14.64 -13.24 -0.37
N GLU A 531 -14.39 -11.93 -0.27
CA GLU A 531 -13.90 -11.10 -1.38
C GLU A 531 -12.59 -11.61 -2.03
N ALA A 532 -11.81 -12.37 -1.26
CA ALA A 532 -10.67 -13.08 -1.80
C ALA A 532 -11.16 -14.19 -2.70
N GLY A 533 -12.04 -15.02 -2.14
CA GLY A 533 -12.64 -16.11 -2.90
C GLY A 533 -13.18 -15.63 -4.23
N GLN A 534 -13.93 -14.52 -4.20
CA GLN A 534 -14.51 -13.91 -5.38
C GLN A 534 -13.40 -13.51 -6.37
N LYS A 535 -12.33 -12.91 -5.85
CA LYS A 535 -11.21 -12.49 -6.71
C LYS A 535 -10.54 -13.71 -7.31
N LEU A 536 -10.45 -14.79 -6.54
CA LEU A 536 -9.91 -16.06 -7.02
C LEU A 536 -10.88 -16.80 -7.95
N PHE A 537 -12.15 -16.86 -7.59
CA PHE A 537 -13.13 -17.61 -8.36
C PHE A 537 -13.25 -17.02 -9.75
N ASN A 538 -13.03 -15.72 -9.84
CA ASN A 538 -13.06 -15.04 -11.13
C ASN A 538 -12.14 -15.68 -12.17
N MET A 539 -10.97 -16.13 -11.74
CA MET A 539 -10.12 -16.88 -12.66
C MET A 539 -10.28 -18.39 -12.51
N LEU A 540 -10.73 -18.82 -11.35
CA LEU A 540 -10.89 -20.24 -11.11
C LEU A 540 -11.93 -20.83 -12.07
N ARG A 541 -13.01 -20.09 -12.31
CA ARG A 541 -14.10 -20.53 -13.20
C ARG A 541 -13.77 -20.48 -14.66
N LEU A 542 -12.63 -19.94 -15.02
CA LEU A 542 -12.29 -19.76 -16.42
C LEU A 542 -11.81 -21.04 -17.07
N GLY A 543 -11.13 -21.89 -16.32
CA GLY A 543 -10.38 -22.98 -16.91
C GLY A 543 -9.44 -22.50 -18.00
N LYS A 544 -9.27 -23.36 -19.01
CA LYS A 544 -8.46 -23.08 -20.17
C LYS A 544 -9.20 -22.17 -21.15
N SER A 545 -10.35 -21.64 -20.70
CA SER A 545 -11.32 -20.88 -21.51
C SER A 545 -10.76 -19.61 -22.19
N GLU A 546 -10.23 -18.69 -21.39
CA GLU A 546 -9.63 -17.47 -21.87
C GLU A 546 -8.12 -17.49 -21.59
N PRO A 547 -7.32 -16.77 -22.39
CA PRO A 547 -5.85 -16.74 -22.27
C PRO A 547 -5.33 -16.49 -20.84
N TRP A 548 -4.30 -17.25 -20.44
CA TRP A 548 -3.76 -17.17 -19.06
C TRP A 548 -3.40 -15.74 -18.64
N THR A 549 -3.04 -14.92 -19.61
CA THR A 549 -2.76 -13.50 -19.35
C THR A 549 -3.97 -12.81 -18.70
N LEU A 550 -5.16 -12.98 -19.31
CA LEU A 550 -6.38 -12.42 -18.75
C LEU A 550 -6.77 -13.13 -17.47
N ALA A 551 -6.61 -14.46 -17.46
CA ALA A 551 -6.84 -15.26 -16.26
C ALA A 551 -6.03 -14.72 -15.08
N LEU A 552 -4.78 -14.33 -15.33
CA LEU A 552 -3.94 -13.79 -14.26
C LEU A 552 -4.39 -12.38 -13.86
N GLU A 553 -4.62 -11.54 -14.85
CA GLU A 553 -5.07 -10.18 -14.66
C GLU A 553 -6.38 -10.13 -13.86
N ASN A 554 -7.18 -11.19 -13.95
CA ASN A 554 -8.39 -11.31 -13.16
C ASN A 554 -8.16 -11.35 -11.66
N VAL A 555 -7.03 -11.92 -11.26
CA VAL A 555 -6.72 -12.13 -9.85
C VAL A 555 -5.68 -11.14 -9.36
N VAL A 556 -4.65 -10.92 -10.16
CA VAL A 556 -3.59 -10.00 -9.75
C VAL A 556 -3.81 -8.57 -10.22
N GLY A 557 -4.38 -8.41 -11.42
CA GLY A 557 -4.53 -7.10 -12.04
C GLY A 557 -3.37 -6.72 -12.94
N ALA A 558 -2.61 -7.71 -13.39
CA ALA A 558 -1.53 -7.51 -14.36
C ALA A 558 -1.46 -8.66 -15.37
N LYS A 559 -1.06 -8.33 -16.59
CA LYS A 559 -1.05 -9.29 -17.69
C LYS A 559 0.20 -10.19 -17.71
N ASN A 560 1.09 -10.04 -16.73
CA ASN A 560 2.27 -10.90 -16.75
C ASN A 560 2.73 -11.47 -15.43
N MET A 561 3.60 -12.46 -15.56
CA MET A 561 4.35 -13.03 -14.48
C MET A 561 5.31 -11.98 -13.96
N ASN A 562 5.13 -11.61 -12.70
CA ASN A 562 6.00 -10.66 -12.03
C ASN A 562 6.66 -11.33 -10.82
N VAL A 563 7.98 -11.20 -10.73
CA VAL A 563 8.76 -11.83 -9.68
C VAL A 563 8.73 -11.05 -8.37
N ARG A 564 8.16 -9.84 -8.43
CA ARG A 564 8.22 -8.91 -7.33
C ARG A 564 7.52 -9.46 -6.07
N PRO A 565 6.30 -10.00 -6.22
CA PRO A 565 5.65 -10.64 -5.05
C PRO A 565 6.48 -11.75 -4.40
N LEU A 566 7.20 -12.55 -5.20
CA LEU A 566 8.08 -13.62 -4.70
C LEU A 566 9.16 -13.08 -3.76
N LEU A 567 9.84 -12.02 -4.19
CA LEU A 567 10.82 -11.36 -3.35
C LEU A 567 10.17 -10.89 -2.06
N ASN A 568 9.03 -10.19 -2.20
CA ASN A 568 8.28 -9.64 -1.06
C ASN A 568 8.07 -10.64 0.07
N TYR A 569 7.68 -11.85 -0.31
CA TYR A 569 7.45 -12.92 0.65
C TYR A 569 8.72 -13.16 1.49
N PHE A 570 9.87 -13.26 0.80
CA PHE A 570 11.16 -13.56 1.43
C PHE A 570 11.98 -12.30 1.81
N GLU A 571 11.32 -11.14 1.84
CA GLU A 571 12.00 -9.89 2.18
C GLU A 571 12.63 -9.82 3.58
N PRO A 572 11.94 -10.34 4.63
CA PRO A 572 12.58 -10.26 5.94
C PRO A 572 13.73 -11.25 6.13
N LEU A 573 13.74 -12.32 5.32
CA LEU A 573 14.84 -13.25 5.32
C LEU A 573 16.02 -12.67 4.56
N PHE A 574 15.73 -12.00 3.44
CA PHE A 574 16.75 -11.37 2.60
C PHE A 574 17.62 -10.36 3.34
N THR A 575 17.04 -9.67 4.30
CA THR A 575 17.77 -8.65 5.04
C THR A 575 18.70 -9.36 6.01
N TRP A 576 18.14 -10.26 6.80
CA TRP A 576 18.89 -11.11 7.71
C TRP A 576 20.10 -11.72 7.00
N LEU A 577 19.86 -12.38 5.87
CA LEU A 577 20.89 -12.93 5.00
C LEU A 577 22.04 -11.97 4.69
N LYS A 578 21.70 -10.80 4.17
CA LYS A 578 22.69 -9.80 3.77
C LYS A 578 23.59 -9.42 4.94
N ASP A 579 23.02 -9.45 6.13
CA ASP A 579 23.72 -9.14 7.36
C ASP A 579 24.47 -10.37 7.90
N GLN A 580 23.83 -11.54 7.90
CA GLN A 580 24.52 -12.77 8.30
C GLN A 580 25.74 -13.02 7.43
N ASN A 581 25.71 -12.54 6.20
CA ASN A 581 26.79 -12.76 5.24
C ASN A 581 27.80 -11.62 5.24
N LYS A 582 27.65 -10.70 6.21
CA LYS A 582 28.56 -9.57 6.43
C LYS A 582 30.02 -9.89 6.11
N ASN A 583 30.54 -11.00 6.66
CA ASN A 583 31.92 -11.40 6.42
C ASN A 583 32.06 -12.73 5.68
N SER A 584 31.00 -13.15 5.00
CA SER A 584 31.06 -14.36 4.16
C SER A 584 31.19 -13.96 2.71
N PHE A 585 31.82 -14.80 1.89
CA PHE A 585 31.86 -14.56 0.46
C PHE A 585 30.48 -14.84 -0.13
N VAL A 586 30.02 -13.97 -1.04
CA VAL A 586 28.73 -14.16 -1.69
C VAL A 586 28.91 -14.25 -3.20
N GLY A 587 28.60 -15.44 -3.74
CA GLY A 587 28.91 -15.79 -5.15
C GLY A 587 29.79 -17.04 -5.19
N TRP A 588 30.20 -17.46 -6.38
CA TRP A 588 31.05 -18.65 -6.47
C TRP A 588 32.08 -18.61 -7.58
N SER A 589 33.11 -19.43 -7.42
CA SER A 589 34.03 -19.69 -8.49
C SER A 589 33.53 -20.92 -9.26
N THR A 590 33.42 -20.77 -10.59
CA THR A 590 33.12 -21.89 -11.47
C THR A 590 34.31 -22.83 -11.66
N ASP A 591 35.47 -22.46 -11.13
CA ASP A 591 36.67 -23.26 -11.42
C ASP A 591 36.99 -24.36 -10.40
N TRP A 592 36.74 -24.09 -9.12
CA TRP A 592 37.03 -25.06 -8.06
C TRP A 592 36.10 -26.28 -8.12
N SER A 593 36.66 -27.48 -8.03
CA SER A 593 35.86 -28.67 -7.85
C SER A 593 36.39 -29.51 -6.69
N PRO A 594 35.55 -30.42 -6.15
CA PRO A 594 35.98 -31.22 -4.99
C PRO A 594 36.97 -32.35 -5.28
N TYR A 595 36.95 -32.88 -6.49
CA TYR A 595 37.91 -33.91 -6.89
C TYR A 595 39.19 -33.23 -7.35
N ALA A 596 39.07 -31.93 -7.66
CA ALA A 596 40.17 -31.00 -7.98
C ALA A 596 40.95 -31.30 -9.28
N ASP A 597 42.28 -31.40 -9.18
CA ASP A 597 43.17 -31.86 -10.28
C ASP A 597 43.29 -30.87 -11.44
N SER B 1 38.65 50.75 3.01
CA SER B 1 37.61 49.70 2.88
C SER B 1 36.55 50.01 1.82
N THR B 2 36.01 48.96 1.21
CA THR B 2 35.15 49.06 0.03
C THR B 2 33.71 49.46 0.34
N THR B 3 32.77 48.57 0.05
CA THR B 3 31.34 48.82 0.23
C THR B 3 30.68 47.58 0.81
N GLU B 4 30.77 46.46 0.10
CA GLU B 4 30.28 45.16 0.58
C GLU B 4 30.88 44.93 1.96
N GLU B 5 32.10 45.41 2.15
CA GLU B 5 32.80 45.38 3.43
C GLU B 5 32.02 46.12 4.53
N LEU B 6 31.82 47.42 4.33
CA LEU B 6 31.18 48.28 5.34
C LEU B 6 29.76 47.84 5.66
N ALA B 7 29.14 47.20 4.68
CA ALA B 7 27.78 46.68 4.82
C ALA B 7 27.69 45.51 5.81
N LYS B 8 28.62 44.56 5.70
CA LYS B 8 28.67 43.39 6.60
C LYS B 8 28.61 43.83 8.06
N THR B 9 29.61 44.61 8.47
CA THR B 9 29.75 45.13 9.84
C THR B 9 28.45 45.75 10.37
N PHE B 10 27.81 46.60 9.56
CA PHE B 10 26.52 47.18 9.90
C PHE B 10 25.46 46.11 10.17
N LEU B 11 25.31 45.15 9.24
CA LEU B 11 24.37 44.06 9.43
C LEU B 11 24.68 43.29 10.71
N GLU B 12 25.93 42.85 10.87
CA GLU B 12 26.37 42.16 12.08
C GLU B 12 25.86 42.92 13.33
N THR B 13 26.08 44.23 13.35
CA THR B 13 25.68 45.06 14.49
C THR B 13 24.17 45.07 14.64
N PHE B 14 23.48 45.38 13.55
CA PHE B 14 22.01 45.31 13.52
C PHE B 14 21.50 44.01 14.12
N ASN B 15 22.04 42.90 13.61
CA ASN B 15 21.72 41.54 14.05
C ASN B 15 21.78 41.38 15.55
N TYR B 16 22.94 41.63 16.15
CA TYR B 16 23.12 41.37 17.58
C TYR B 16 22.22 42.26 18.43
N GLU B 17 22.01 43.51 18.00
CA GLU B 17 21.06 44.40 18.68
C GLU B 17 19.62 43.98 18.46
N ALA B 18 19.27 43.64 17.23
CA ALA B 18 17.91 43.27 16.89
C ALA B 18 17.44 42.12 17.75
N GLN B 19 18.29 41.10 17.87
CA GLN B 19 17.95 39.90 18.63
C GLN B 19 17.45 40.28 20.00
N GLU B 20 18.26 41.05 20.71
CA GLU B 20 17.94 41.50 22.06
C GLU B 20 16.62 42.23 22.13
N LEU B 21 16.39 43.16 21.22
CA LEU B 21 15.15 43.93 21.27
C LEU B 21 13.97 43.05 20.92
N SER B 22 14.14 42.21 19.90
CA SER B 22 13.04 41.38 19.36
C SER B 22 12.62 40.27 20.33
N TYR B 23 13.58 39.76 21.13
CA TYR B 23 13.25 38.80 22.17
C TYR B 23 12.40 39.46 23.26
N GLN B 24 12.86 40.61 23.75
CA GLN B 24 12.14 41.38 24.77
C GLN B 24 10.74 41.72 24.32
N SER B 25 10.56 41.93 23.02
CA SER B 25 9.27 42.23 22.44
C SER B 25 8.34 41.01 22.52
N SER B 26 8.89 39.83 22.22
CA SER B 26 8.11 38.61 22.14
C SER B 26 7.73 38.14 23.53
N VAL B 27 8.75 37.98 24.37
CA VAL B 27 8.55 37.62 25.76
C VAL B 27 7.54 38.57 26.38
N ALA B 28 7.59 39.86 26.02
CA ALA B 28 6.50 40.75 26.38
C ALA B 28 5.20 40.24 25.75
N SER B 29 5.08 40.41 24.43
CA SER B 29 3.91 39.99 23.69
C SER B 29 3.26 38.68 24.21
N TRP B 30 4.11 37.70 24.51
CA TRP B 30 3.69 36.40 25.05
C TRP B 30 2.98 36.53 26.39
N ASN B 31 3.69 37.11 27.37
CA ASN B 31 3.15 37.21 28.73
C ASN B 31 1.81 37.89 28.77
N TYR B 32 1.54 38.75 27.78
CA TYR B 32 0.22 39.34 27.62
C TYR B 32 -0.77 38.29 27.12
N ASN B 33 -0.43 37.61 26.02
CA ASN B 33 -1.37 36.67 25.42
C ASN B 33 -1.63 35.42 26.27
N THR B 34 -1.00 35.36 27.44
CA THR B 34 -1.17 34.25 28.37
C THR B 34 -1.60 34.72 29.75
N ASN B 35 -1.59 36.04 29.92
CA ASN B 35 -1.97 36.72 31.16
C ASN B 35 -2.28 38.18 30.83
N ILE B 36 -3.56 38.48 30.60
CA ILE B 36 -3.97 39.78 30.03
C ILE B 36 -3.96 40.93 31.06
N THR B 37 -3.20 40.76 32.14
CA THR B 37 -3.02 41.78 33.19
C THR B 37 -2.76 43.19 32.65
N GLU B 38 -3.12 44.18 33.48
CA GLU B 38 -2.89 45.61 33.19
C GLU B 38 -1.41 45.95 33.04
N GLU B 39 -0.57 45.41 33.92
CA GLU B 39 0.87 45.68 33.83
C GLU B 39 1.54 45.00 32.62
N ASN B 40 0.90 43.96 32.09
CA ASN B 40 1.40 43.21 30.93
C ASN B 40 1.09 43.87 29.58
N VAL B 41 -0.12 44.44 29.46
CA VAL B 41 -0.49 45.24 28.28
C VAL B 41 0.43 46.47 28.19
N GLN B 42 0.82 46.97 29.35
CA GLN B 42 1.78 48.05 29.44
C GLN B 42 3.12 47.60 28.83
N ASN B 43 3.75 46.62 29.47
CA ASN B 43 5.02 46.08 29.00
C ASN B 43 5.03 45.63 27.53
N MET B 44 3.99 44.89 27.13
CA MET B 44 3.87 44.41 25.74
C MET B 44 3.96 45.53 24.73
N ASN B 45 3.29 46.64 25.04
CA ASN B 45 3.37 47.85 24.23
C ASN B 45 4.79 48.39 24.23
N ASN B 46 5.34 48.61 25.43
CA ASN B 46 6.66 49.23 25.58
C ASN B 46 7.74 48.61 24.70
N ALA B 47 8.05 47.34 24.94
CA ALA B 47 9.11 46.65 24.21
C ALA B 47 8.84 46.64 22.71
N GLY B 48 7.57 46.47 22.36
CA GLY B 48 7.13 46.49 20.96
C GLY B 48 7.26 47.85 20.31
N ASP B 49 7.36 48.90 21.13
CA ASP B 49 7.60 50.24 20.63
C ASP B 49 9.10 50.45 20.45
N LYS B 50 9.87 50.06 21.46
CA LYS B 50 11.33 50.09 21.43
C LYS B 50 11.93 49.20 20.34
N TRP B 51 11.10 48.31 19.79
CA TRP B 51 11.54 47.41 18.72
C TRP B 51 11.20 47.97 17.35
N SER B 52 9.97 48.43 17.16
CA SER B 52 9.56 49.06 15.91
C SER B 52 10.34 50.35 15.64
N ALA B 53 10.46 51.20 16.66
CA ALA B 53 11.26 52.41 16.54
C ALA B 53 12.67 52.04 16.06
N PHE B 54 13.23 51.00 16.67
CA PHE B 54 14.58 50.54 16.36
C PHE B 54 14.73 50.21 14.89
N LEU B 55 13.82 49.39 14.38
CA LEU B 55 13.84 48.99 12.98
C LEU B 55 13.71 50.20 12.07
N LYS B 56 12.93 51.18 12.53
CA LYS B 56 12.69 52.41 11.80
C LYS B 56 13.98 53.22 11.77
N GLU B 57 14.60 53.34 12.94
CA GLU B 57 15.87 54.02 13.09
C GLU B 57 16.96 53.32 12.26
N GLN B 58 16.81 52.01 12.10
CA GLN B 58 17.77 51.21 11.35
C GLN B 58 17.42 51.10 9.87
N SER B 59 16.14 51.22 9.54
CA SER B 59 15.71 51.17 8.15
C SER B 59 16.32 52.33 7.39
N THR B 60 16.16 53.53 7.94
CA THR B 60 16.75 54.73 7.35
C THR B 60 18.23 54.47 7.09
N LEU B 61 18.96 54.08 8.14
CA LEU B 61 20.40 53.83 8.03
C LEU B 61 20.77 52.73 7.05
N ALA B 62 19.83 51.82 6.80
CA ALA B 62 20.03 50.75 5.83
C ALA B 62 20.14 51.33 4.42
N GLN B 63 19.22 52.25 4.10
CA GLN B 63 19.16 52.87 2.77
C GLN B 63 20.47 53.53 2.31
N MET B 64 21.35 53.84 3.25
CA MET B 64 22.60 54.51 2.95
C MET B 64 23.62 53.59 2.29
N TYR B 65 23.20 52.36 2.01
CA TYR B 65 24.08 51.38 1.39
C TYR B 65 23.59 50.97 -0.01
N PRO B 66 24.23 51.51 -1.06
CA PRO B 66 23.91 51.18 -2.45
C PRO B 66 24.00 49.68 -2.72
N LEU B 67 22.84 49.01 -2.62
CA LEU B 67 22.75 47.56 -2.73
C LEU B 67 23.10 47.04 -4.14
N GLN B 68 22.67 47.79 -5.16
CA GLN B 68 22.99 47.46 -6.56
C GLN B 68 24.43 47.85 -6.88
N GLU B 69 25.35 47.24 -6.13
CA GLU B 69 26.77 47.50 -6.19
C GLU B 69 27.44 46.41 -5.35
N ILE B 70 26.59 45.52 -4.82
CA ILE B 70 27.03 44.42 -3.97
C ILE B 70 26.89 43.09 -4.69
N GLN B 71 27.96 42.29 -4.65
CA GLN B 71 28.06 41.05 -5.43
C GLN B 71 27.82 39.76 -4.64
N ASN B 72 27.63 39.90 -3.33
CA ASN B 72 27.22 38.78 -2.47
C ASN B 72 25.72 38.85 -2.17
N LEU B 73 24.97 37.89 -2.71
CA LEU B 73 23.52 37.91 -2.63
C LEU B 73 23.00 37.74 -1.20
N THR B 74 23.76 37.02 -0.36
CA THR B 74 23.39 36.77 1.04
C THR B 74 23.16 38.08 1.80
N VAL B 75 24.06 39.04 1.59
CA VAL B 75 24.01 40.32 2.30
C VAL B 75 23.01 41.29 1.70
N LYS B 76 22.83 41.22 0.38
CA LYS B 76 21.91 42.10 -0.33
C LYS B 76 20.46 41.90 0.11
N LEU B 77 20.04 40.65 0.19
CA LEU B 77 18.70 40.31 0.69
C LEU B 77 18.49 40.85 2.10
N GLN B 78 19.47 40.57 2.97
CA GLN B 78 19.46 41.12 4.32
C GLN B 78 19.34 42.64 4.30
N LEU B 79 20.17 43.27 3.47
CA LEU B 79 20.13 44.71 3.29
C LEU B 79 18.78 45.18 2.74
N GLN B 80 18.23 44.39 1.81
CA GLN B 80 16.99 44.70 1.11
C GLN B 80 15.78 44.67 2.05
N ALA B 81 15.74 43.66 2.92
CA ALA B 81 14.64 43.51 3.87
C ALA B 81 14.62 44.65 4.88
N LEU B 82 15.82 45.12 5.22
CA LEU B 82 15.98 46.22 6.16
C LEU B 82 15.56 47.55 5.52
N GLN B 83 15.75 47.65 4.21
CA GLN B 83 15.20 48.76 3.45
C GLN B 83 13.69 48.53 3.26
N GLN B 84 12.95 48.86 4.31
CA GLN B 84 11.50 48.76 4.36
C GLN B 84 10.97 50.05 4.98
N ASN B 85 10.04 50.70 4.29
CA ASN B 85 9.52 51.98 4.75
C ASN B 85 8.30 51.88 5.67
N GLY B 86 7.53 50.80 5.53
CA GLY B 86 6.40 50.52 6.42
C GLY B 86 5.26 51.53 6.36
N SER B 87 4.76 51.93 7.54
CA SER B 87 3.60 52.83 7.65
C SER B 87 3.94 54.21 8.20
N SER B 88 5.15 54.35 8.77
CA SER B 88 5.64 55.66 9.22
C SER B 88 5.83 56.62 8.04
N VAL B 89 5.69 56.07 6.84
CA VAL B 89 5.71 56.83 5.59
C VAL B 89 4.49 57.76 5.49
N LEU B 90 3.49 57.54 6.34
CA LEU B 90 2.36 58.45 6.45
C LEU B 90 2.69 59.61 7.37
N SER B 91 1.81 60.62 7.42
CA SER B 91 2.01 61.78 8.29
C SER B 91 1.74 61.45 9.77
N GLU B 92 1.77 62.49 10.60
CA GLU B 92 1.65 62.35 12.05
C GLU B 92 0.28 61.84 12.49
N ASP B 93 -0.77 62.54 12.06
CA ASP B 93 -2.14 62.22 12.46
C ASP B 93 -2.64 60.95 11.80
N LYS B 94 -2.33 60.82 10.50
CA LYS B 94 -2.75 59.69 9.69
C LYS B 94 -2.09 58.39 10.15
N SER B 95 -1.19 58.49 11.13
CA SER B 95 -0.53 57.31 11.69
C SER B 95 -1.11 56.91 13.03
N LYS B 96 -1.44 57.91 13.85
CA LYS B 96 -2.03 57.63 15.16
C LYS B 96 -3.45 57.14 14.93
N ARG B 97 -4.13 57.77 13.96
CA ARG B 97 -5.51 57.44 13.65
C ARG B 97 -5.65 56.03 13.08
N LEU B 98 -4.82 55.70 12.10
CA LEU B 98 -4.84 54.35 11.54
C LEU B 98 -4.64 53.34 12.65
N ASN B 99 -3.61 53.53 13.46
CA ASN B 99 -3.36 52.67 14.61
C ASN B 99 -4.48 52.63 15.65
N THR B 100 -5.36 53.63 15.63
CA THR B 100 -6.49 53.65 16.53
C THR B 100 -7.65 52.84 15.94
N ILE B 101 -7.91 53.05 14.65
CA ILE B 101 -8.85 52.21 13.90
C ILE B 101 -8.54 50.73 14.15
N LEU B 102 -7.28 50.36 13.89
CA LEU B 102 -6.81 48.98 13.97
C LEU B 102 -7.08 48.40 15.32
N ASN B 103 -6.85 49.20 16.33
CA ASN B 103 -6.97 48.75 17.69
C ASN B 103 -8.44 48.57 18.10
N THR B 104 -9.25 49.57 17.80
CA THR B 104 -10.69 49.53 18.04
C THR B 104 -11.37 48.33 17.34
N MET B 105 -11.06 48.11 16.05
CA MET B 105 -11.62 46.99 15.29
C MET B 105 -11.27 45.69 15.99
N SER B 106 -10.02 45.57 16.39
CA SER B 106 -9.57 44.42 17.12
C SER B 106 -10.44 44.21 18.36
N THR B 107 -10.76 45.30 19.06
CA THR B 107 -11.46 45.24 20.35
C THR B 107 -12.97 45.08 20.20
N ILE B 108 -13.53 45.62 19.13
CA ILE B 108 -14.94 45.40 18.83
C ILE B 108 -15.17 43.92 18.57
N TYR B 109 -14.22 43.29 17.86
CA TYR B 109 -14.29 41.88 17.51
C TYR B 109 -14.19 40.99 18.75
N SER B 110 -13.16 41.23 19.57
CA SER B 110 -12.84 40.33 20.67
C SER B 110 -13.79 40.48 21.86
N THR B 111 -14.50 41.61 21.90
CA THR B 111 -15.32 41.98 23.07
C THR B 111 -16.79 41.87 22.75
N GLY B 112 -17.09 41.67 21.47
CA GLY B 112 -18.46 41.51 21.04
C GLY B 112 -19.21 40.48 21.86
N LYS B 113 -20.41 40.83 22.25
CA LYS B 113 -21.34 39.86 22.83
C LYS B 113 -22.73 40.08 22.25
N VAL B 114 -23.50 39.02 22.13
CA VAL B 114 -24.89 39.13 21.75
C VAL B 114 -25.68 38.63 22.94
N CYS B 115 -26.81 39.26 23.21
CA CYS B 115 -27.66 38.82 24.31
C CYS B 115 -29.02 38.41 23.78
N ASN B 116 -29.56 37.34 24.35
CA ASN B 116 -30.81 36.75 23.90
C ASN B 116 -31.95 37.77 24.00
N PRO B 117 -32.74 37.92 22.92
CA PRO B 117 -33.99 38.65 23.02
C PRO B 117 -34.89 38.15 24.18
N ASP B 118 -34.80 36.86 24.48
CA ASP B 118 -35.57 36.25 25.58
C ASP B 118 -34.78 36.18 26.91
N ASN B 119 -33.61 36.83 26.96
CA ASN B 119 -32.75 36.83 28.16
C ASN B 119 -31.65 37.91 28.08
N PRO B 120 -31.95 39.14 28.58
CA PRO B 120 -30.98 40.24 28.66
C PRO B 120 -29.81 40.02 29.65
N GLN B 121 -29.80 38.86 30.32
CA GLN B 121 -28.70 38.47 31.21
C GLN B 121 -27.76 37.42 30.60
N GLU B 122 -28.31 36.42 29.90
CA GLU B 122 -27.47 35.51 29.14
C GLU B 122 -26.95 36.25 27.92
N CYS B 123 -25.64 36.44 27.87
CA CYS B 123 -24.96 36.92 26.69
C CYS B 123 -23.90 35.92 26.29
N LEU B 124 -23.64 35.85 24.99
CA LEU B 124 -22.69 34.89 24.48
C LEU B 124 -21.61 35.61 23.72
N LEU B 125 -20.37 35.19 23.97
CA LEU B 125 -19.23 35.67 23.22
C LEU B 125 -19.09 34.79 21.99
N LEU B 126 -18.34 35.26 21.00
CA LEU B 126 -18.07 34.45 19.81
C LEU B 126 -17.54 33.07 20.23
N GLU B 127 -16.36 33.06 20.83
CA GLU B 127 -15.80 31.88 21.47
C GLU B 127 -16.13 31.95 22.96
N PRO B 128 -16.69 30.86 23.55
CA PRO B 128 -17.19 29.62 22.97
C PRO B 128 -18.65 29.69 22.54
N GLY B 129 -19.40 30.59 23.16
CA GLY B 129 -20.86 30.67 23.09
C GLY B 129 -21.50 30.57 21.72
N LEU B 130 -21.30 31.60 20.90
CA LEU B 130 -21.78 31.57 19.52
C LEU B 130 -21.18 30.42 18.77
N ASN B 131 -19.85 30.38 18.68
CA ASN B 131 -19.17 29.30 17.97
C ASN B 131 -19.73 27.89 18.21
N GLU B 132 -20.09 27.59 19.47
CA GLU B 132 -20.68 26.30 19.82
C GLU B 132 -22.00 26.12 19.09
N ILE B 133 -22.84 27.14 19.17
CA ILE B 133 -24.12 27.14 18.45
C ILE B 133 -23.91 26.81 16.97
N MET B 134 -22.97 27.50 16.32
CA MET B 134 -22.73 27.29 14.89
C MET B 134 -22.16 25.91 14.54
N ALA B 135 -21.35 25.35 15.44
CA ALA B 135 -20.76 24.03 15.18
C ALA B 135 -21.69 22.87 15.46
N ASN B 136 -22.83 23.11 16.10
CA ASN B 136 -23.59 22.01 16.68
C ASN B 136 -25.11 22.07 16.62
N SER B 137 -25.69 23.25 16.51
CA SER B 137 -27.14 23.35 16.47
C SER B 137 -27.70 22.73 15.20
N LEU B 138 -28.86 22.08 15.37
CA LEU B 138 -29.66 21.60 14.25
C LEU B 138 -30.90 22.46 14.07
N ASP B 139 -30.95 23.57 14.80
CA ASP B 139 -32.14 24.39 14.82
C ASP B 139 -31.97 25.57 13.88
N TYR B 140 -32.67 25.54 12.76
CA TYR B 140 -32.63 26.62 11.80
C TYR B 140 -32.59 27.98 12.49
N ASN B 141 -33.59 28.23 13.34
CA ASN B 141 -33.79 29.54 13.99
C ASN B 141 -32.68 29.98 14.94
N GLU B 142 -32.19 29.06 15.77
CA GLU B 142 -31.06 29.31 16.62
C GLU B 142 -29.86 29.77 15.78
N ARG B 143 -29.60 29.05 14.70
CA ARG B 143 -28.44 29.32 13.86
C ARG B 143 -28.64 30.66 13.17
N LEU B 144 -29.85 30.87 12.65
CA LEU B 144 -30.23 32.16 12.08
C LEU B 144 -29.99 33.30 13.07
N TRP B 145 -30.49 33.11 14.29
CA TRP B 145 -30.24 34.07 15.35
C TRP B 145 -28.72 34.37 15.46
N ALA B 146 -27.93 33.39 15.93
CA ALA B 146 -26.49 33.56 16.15
C ALA B 146 -25.80 34.27 14.99
N TRP B 147 -25.93 33.71 13.79
CA TRP B 147 -25.35 34.28 12.57
C TRP B 147 -25.63 35.78 12.42
N GLU B 148 -26.89 36.17 12.66
CA GLU B 148 -27.37 37.52 12.33
C GLU B 148 -27.07 38.54 13.43
N SER B 149 -27.29 38.13 14.66
CA SER B 149 -26.92 38.90 15.83
C SER B 149 -25.47 39.34 15.67
N TRP B 150 -24.59 38.37 15.43
CA TRP B 150 -23.18 38.65 15.23
C TRP B 150 -22.93 39.74 14.19
N ARG B 151 -23.63 39.70 13.06
CA ARG B 151 -23.34 40.64 12.00
C ARG B 151 -24.03 41.98 12.24
N SER B 152 -25.05 41.95 13.10
CA SER B 152 -25.83 43.15 13.41
C SER B 152 -25.14 43.93 14.52
N GLU B 153 -24.64 43.21 15.52
CA GLU B 153 -23.93 43.81 16.64
C GLU B 153 -22.55 44.24 16.20
N VAL B 154 -21.62 43.31 16.14
CA VAL B 154 -20.25 43.67 15.79
C VAL B 154 -20.14 44.23 14.37
N GLY B 155 -20.88 43.66 13.44
CA GLY B 155 -20.70 43.99 12.03
C GLY B 155 -20.98 45.44 11.69
N LYS B 156 -22.10 45.94 12.18
CA LYS B 156 -22.51 47.29 11.92
C LYS B 156 -21.53 48.26 12.57
N GLN B 157 -21.15 47.96 13.82
CA GLN B 157 -20.13 48.73 14.53
C GLN B 157 -18.89 48.97 13.67
N LEU B 158 -18.40 47.89 13.06
CA LEU B 158 -17.15 47.91 12.34
C LEU B 158 -17.24 48.71 11.03
N ARG B 159 -18.42 48.80 10.46
CA ARG B 159 -18.60 49.38 9.14
C ARG B 159 -17.88 50.72 8.96
N PRO B 160 -18.13 51.70 9.87
CA PRO B 160 -17.53 53.03 9.71
C PRO B 160 -16.01 52.93 9.79
N LEU B 161 -15.54 52.17 10.77
CA LEU B 161 -14.12 52.03 10.96
C LEU B 161 -13.49 51.39 9.73
N TYR B 162 -14.14 50.37 9.18
CA TYR B 162 -13.56 49.68 8.03
C TYR B 162 -13.39 50.61 6.84
N GLU B 163 -14.39 51.44 6.58
CA GLU B 163 -14.33 52.42 5.48
C GLU B 163 -13.12 53.37 5.59
N GLU B 164 -12.86 53.86 6.81
CA GLU B 164 -11.77 54.79 7.06
C GLU B 164 -10.40 54.07 7.06
N TYR B 165 -10.43 52.77 7.38
CA TYR B 165 -9.26 51.90 7.36
C TYR B 165 -8.82 51.67 5.92
N VAL B 166 -9.79 51.44 5.04
CA VAL B 166 -9.56 51.32 3.60
C VAL B 166 -8.75 52.51 3.12
N VAL B 167 -9.25 53.72 3.40
CA VAL B 167 -8.66 54.96 2.89
C VAL B 167 -7.24 55.19 3.42
N LEU B 168 -7.07 55.01 4.72
CA LEU B 168 -5.76 55.23 5.32
C LEU B 168 -4.73 54.20 4.87
N LYS B 169 -5.19 52.98 4.57
CA LYS B 169 -4.27 51.89 4.24
C LYS B 169 -3.90 51.97 2.77
N ASN B 170 -4.83 52.50 1.97
CA ASN B 170 -4.53 52.78 0.59
C ASN B 170 -3.50 53.88 0.51
N GLU B 171 -3.69 54.95 1.27
CA GLU B 171 -2.73 56.07 1.32
C GLU B 171 -1.30 55.63 1.62
N MET B 172 -1.13 54.74 2.59
CA MET B 172 0.18 54.17 2.90
C MET B 172 0.71 53.32 1.75
N ALA B 173 -0.18 52.59 1.11
CA ALA B 173 0.21 51.71 0.02
C ALA B 173 0.84 52.53 -1.10
N ARG B 174 0.11 53.54 -1.56
CA ARG B 174 0.51 54.40 -2.67
C ARG B 174 1.78 55.18 -2.35
N ALA B 175 1.90 55.63 -1.10
CA ALA B 175 3.10 56.30 -0.59
C ALA B 175 4.34 55.39 -0.64
N ASN B 176 4.13 54.08 -0.61
CA ASN B 176 5.22 53.12 -0.77
C ASN B 176 5.32 52.60 -2.19
N HIS B 177 4.75 53.38 -3.11
CA HIS B 177 4.79 53.12 -4.55
C HIS B 177 4.19 51.74 -4.90
N TYR B 178 2.95 51.56 -4.44
CA TYR B 178 2.14 50.38 -4.73
C TYR B 178 0.79 50.88 -5.21
N GLU B 179 0.12 50.09 -6.05
CA GLU B 179 -1.18 50.45 -6.60
C GLU B 179 -2.20 50.72 -5.52
N ASP B 180 -2.30 49.78 -4.58
CA ASP B 180 -3.22 49.84 -3.46
C ASP B 180 -2.74 48.85 -2.40
N TYR B 181 -3.39 48.84 -1.24
CA TYR B 181 -3.07 47.90 -0.15
C TYR B 181 -3.18 46.46 -0.63
N GLY B 182 -4.12 46.22 -1.54
CA GLY B 182 -4.29 44.94 -2.19
C GLY B 182 -3.00 44.53 -2.87
N ASP B 183 -2.50 45.41 -3.73
CA ASP B 183 -1.23 45.17 -4.42
C ASP B 183 -0.07 45.04 -3.45
N TYR B 184 -0.14 45.80 -2.36
CA TYR B 184 0.86 45.76 -1.31
C TYR B 184 0.99 44.33 -0.77
N TRP B 185 -0.13 43.78 -0.31
CA TRP B 185 -0.18 42.41 0.21
C TRP B 185 0.26 41.41 -0.84
N ARG B 186 -0.17 41.62 -2.09
CA ARG B 186 0.14 40.70 -3.16
C ARG B 186 1.64 40.64 -3.36
N GLY B 187 2.32 41.66 -2.82
CA GLY B 187 3.78 41.78 -2.84
C GLY B 187 4.57 40.62 -2.25
N ASP B 188 4.13 40.09 -1.11
CA ASP B 188 4.79 38.93 -0.49
C ASP B 188 5.30 37.89 -1.48
N TYR B 189 4.59 37.72 -2.59
CA TYR B 189 4.90 36.64 -3.53
C TYR B 189 5.90 37.03 -4.62
N GLU B 190 6.34 38.30 -4.60
CA GLU B 190 7.14 38.90 -5.66
C GLU B 190 8.61 38.53 -5.60
N VAL B 191 9.21 38.31 -6.76
CA VAL B 191 10.66 38.06 -6.84
C VAL B 191 11.25 38.84 -8.03
N ASN B 192 12.32 39.59 -7.79
CA ASN B 192 12.96 40.37 -8.84
C ASN B 192 14.41 39.98 -9.05
N GLY B 193 14.77 39.73 -10.30
CA GLY B 193 16.15 39.43 -10.66
C GLY B 193 16.61 38.05 -10.23
N VAL B 194 16.35 37.07 -11.08
CA VAL B 194 16.81 35.68 -10.92
C VAL B 194 16.73 34.90 -12.25
N ASP B 195 15.83 35.35 -13.13
CA ASP B 195 15.56 34.72 -14.43
C ASP B 195 14.96 33.32 -14.31
N GLY B 196 13.73 33.18 -14.80
CA GLY B 196 12.99 31.91 -14.70
C GLY B 196 12.47 31.67 -13.30
N TYR B 197 12.91 32.49 -12.35
CA TYR B 197 12.46 32.41 -10.96
C TYR B 197 11.78 33.70 -10.49
N ASP B 198 11.66 34.69 -11.37
CA ASP B 198 10.95 35.93 -11.04
C ASP B 198 9.45 35.65 -10.90
N TYR B 199 8.76 36.54 -10.19
CA TYR B 199 7.31 36.48 -10.04
C TYR B 199 6.76 37.87 -9.74
N SER B 200 5.80 38.34 -10.55
CA SER B 200 5.27 39.70 -10.39
C SER B 200 4.02 39.74 -9.54
N ARG B 201 3.66 40.92 -9.04
CA ARG B 201 2.49 41.06 -8.15
C ARG B 201 1.17 40.70 -8.84
N GLY B 202 0.90 41.35 -9.96
CA GLY B 202 -0.30 41.05 -10.74
C GLY B 202 -0.34 39.63 -11.31
N GLN B 203 0.74 38.89 -11.15
CA GLN B 203 0.84 37.52 -11.66
C GLN B 203 0.17 36.55 -10.73
N LEU B 204 -0.01 36.95 -9.47
CA LEU B 204 -0.64 36.09 -8.49
C LEU B 204 -2.14 35.98 -8.75
N ILE B 205 -2.80 37.12 -8.99
CA ILE B 205 -4.21 37.11 -9.37
C ILE B 205 -4.39 36.14 -10.55
N GLU B 206 -3.65 36.38 -11.63
CA GLU B 206 -3.70 35.54 -12.81
C GLU B 206 -3.66 34.06 -12.46
N ASP B 207 -2.75 33.71 -11.56
CA ASP B 207 -2.48 32.32 -11.19
C ASP B 207 -3.54 31.69 -10.31
N VAL B 208 -3.99 32.44 -9.29
CA VAL B 208 -5.01 31.97 -8.37
C VAL B 208 -6.25 31.58 -9.12
N GLU B 209 -6.66 32.45 -10.04
CA GLU B 209 -7.88 32.26 -10.81
C GLU B 209 -7.71 31.19 -11.87
N HIS B 210 -6.58 31.19 -12.54
CA HIS B 210 -6.33 30.17 -13.54
C HIS B 210 -6.51 28.81 -12.88
N THR B 211 -6.03 28.72 -11.67
CA THR B 211 -5.95 27.47 -10.96
C THR B 211 -7.29 27.14 -10.27
N PHE B 212 -8.03 28.18 -9.92
CA PHE B 212 -9.34 28.03 -9.31
C PHE B 212 -10.38 27.49 -10.28
N GLU B 213 -10.25 27.85 -11.57
CA GLU B 213 -11.13 27.32 -12.60
C GLU B 213 -11.10 25.80 -12.57
N GLU B 214 -9.91 25.25 -12.38
CA GLU B 214 -9.72 23.80 -12.37
C GLU B 214 -10.35 23.09 -11.17
N ILE B 215 -10.57 23.84 -10.10
CA ILE B 215 -11.11 23.31 -8.82
C ILE B 215 -12.64 23.29 -8.85
N LYS B 216 -13.22 24.10 -9.74
CA LYS B 216 -14.65 24.27 -9.85
C LYS B 216 -15.47 22.96 -9.97
N PRO B 217 -15.08 22.03 -10.88
CA PRO B 217 -15.91 20.84 -11.01
C PRO B 217 -16.02 20.08 -9.71
N LEU B 218 -14.88 19.91 -9.03
CA LEU B 218 -14.84 19.23 -7.73
C LEU B 218 -15.68 19.92 -6.68
N TYR B 219 -15.45 21.24 -6.49
CA TYR B 219 -16.24 21.99 -5.51
C TYR B 219 -17.74 21.86 -5.86
N GLU B 220 -18.06 21.94 -7.15
CA GLU B 220 -19.45 21.96 -7.57
C GLU B 220 -20.15 20.73 -7.07
N HIS B 221 -19.55 19.58 -7.32
CA HIS B 221 -20.14 18.34 -6.83
C HIS B 221 -20.23 18.32 -5.28
N LEU B 222 -19.11 18.65 -4.62
CA LEU B 222 -19.07 18.60 -3.19
C LEU B 222 -20.31 19.31 -2.71
N HIS B 223 -20.50 20.50 -3.29
CA HIS B 223 -21.62 21.40 -3.01
C HIS B 223 -22.95 20.68 -3.16
N ALA B 224 -23.15 20.08 -4.34
CA ALA B 224 -24.39 19.38 -4.70
C ALA B 224 -24.70 18.33 -3.66
N TYR B 225 -23.67 17.54 -3.36
CA TYR B 225 -23.77 16.45 -2.42
C TYR B 225 -24.11 16.97 -1.04
N VAL B 226 -23.33 17.95 -0.54
CA VAL B 226 -23.72 18.53 0.75
C VAL B 226 -25.10 19.20 0.76
N ARG B 227 -25.48 19.88 -0.33
CA ARG B 227 -26.84 20.44 -0.42
C ARG B 227 -27.90 19.36 -0.20
N ALA B 228 -27.87 18.29 -0.99
CA ALA B 228 -28.80 17.19 -0.76
C ALA B 228 -28.88 16.80 0.73
N LYS B 229 -27.70 16.63 1.35
CA LYS B 229 -27.63 16.17 2.73
C LYS B 229 -28.23 17.20 3.70
N LEU B 230 -27.89 18.47 3.51
CA LEU B 230 -28.48 19.54 4.30
C LEU B 230 -30.02 19.64 4.13
N MET B 231 -30.52 19.25 2.95
CA MET B 231 -31.96 19.21 2.78
C MET B 231 -32.60 18.20 3.74
N ASN B 232 -31.95 17.05 3.95
CA ASN B 232 -32.47 16.09 4.94
C ASN B 232 -32.37 16.60 6.37
N ALA B 233 -31.24 17.21 6.71
CA ALA B 233 -31.07 17.89 7.98
C ALA B 233 -32.12 19.00 8.16
N TYR B 234 -32.24 19.92 7.20
CA TYR B 234 -33.17 21.04 7.36
C TYR B 234 -34.34 20.99 6.37
N PRO B 235 -35.24 20.01 6.53
CA PRO B 235 -36.36 19.84 5.62
C PRO B 235 -36.98 21.16 5.23
N SER B 236 -37.03 21.41 3.93
CA SER B 236 -37.80 22.48 3.28
C SER B 236 -37.22 23.91 3.41
N TYR B 237 -36.05 24.04 3.99
CA TYR B 237 -35.37 25.32 4.02
C TYR B 237 -34.43 25.56 2.83
N ILE B 238 -34.17 24.53 2.01
CA ILE B 238 -33.19 24.69 0.94
C ILE B 238 -33.78 24.28 -0.38
N SER B 239 -33.57 25.10 -1.40
CA SER B 239 -33.91 24.74 -2.77
C SER B 239 -32.91 23.76 -3.33
N PRO B 240 -33.39 22.77 -4.11
CA PRO B 240 -32.46 21.81 -4.72
C PRO B 240 -31.59 22.45 -5.80
N ILE B 241 -31.75 23.74 -6.01
CA ILE B 241 -30.97 24.44 -7.01
C ILE B 241 -30.40 25.71 -6.42
N GLY B 242 -30.77 25.98 -5.17
CA GLY B 242 -30.44 27.23 -4.53
C GLY B 242 -29.07 27.12 -3.95
N CYS B 243 -28.48 28.26 -3.64
CA CYS B 243 -27.25 28.28 -2.89
C CYS B 243 -27.55 27.81 -1.48
N LEU B 244 -26.53 27.31 -0.81
CA LEU B 244 -26.67 26.94 0.59
C LEU B 244 -26.76 28.19 1.44
N PRO B 245 -27.73 28.22 2.34
CA PRO B 245 -27.90 29.28 3.34
C PRO B 245 -26.70 29.39 4.28
N ALA B 246 -26.16 30.60 4.39
CA ALA B 246 -24.87 30.87 5.05
C ALA B 246 -24.79 30.60 6.56
N HIS B 247 -25.93 30.51 7.24
CA HIS B 247 -25.92 30.16 8.65
C HIS B 247 -26.02 28.65 8.88
N LEU B 248 -25.96 27.88 7.80
CA LEU B 248 -26.05 26.43 7.95
C LEU B 248 -24.74 25.67 7.67
N LEU B 249 -23.64 26.40 7.45
CA LEU B 249 -22.41 25.75 6.94
C LEU B 249 -21.44 25.20 7.99
N GLY B 250 -21.81 25.22 9.26
CA GLY B 250 -21.00 24.57 10.27
C GLY B 250 -20.14 25.45 11.16
N ASP B 251 -19.71 26.62 10.68
CA ASP B 251 -19.08 27.61 11.56
C ASP B 251 -19.72 29.00 11.35
N MET B 252 -19.15 30.05 11.94
CA MET B 252 -19.80 31.36 11.90
C MET B 252 -19.90 31.94 10.49
N TRP B 253 -19.05 31.50 9.55
CA TRP B 253 -19.04 32.11 8.23
C TRP B 253 -19.08 31.09 7.12
N GLY B 254 -18.85 29.84 7.46
CA GLY B 254 -18.70 28.85 6.42
C GLY B 254 -17.29 28.86 5.88
N ARG B 255 -16.32 29.22 6.72
CA ARG B 255 -14.95 29.09 6.32
C ARG B 255 -14.56 27.63 6.08
N PHE B 256 -15.18 26.71 6.82
CA PHE B 256 -14.84 25.28 6.71
C PHE B 256 -16.12 24.50 6.84
N TRP B 257 -16.31 23.49 5.99
CA TRP B 257 -17.51 22.67 6.16
C TRP B 257 -17.30 21.49 7.11
N THR B 258 -16.14 21.49 7.76
CA THR B 258 -15.76 20.43 8.69
C THR B 258 -16.90 19.95 9.59
N ASN B 259 -17.57 20.86 10.29
CA ASN B 259 -18.67 20.45 11.17
C ASN B 259 -19.93 19.91 10.45
N LEU B 260 -19.89 19.85 9.12
CA LEU B 260 -21.03 19.26 8.43
C LEU B 260 -20.84 17.74 8.30
N TYR B 261 -19.69 17.22 8.73
CA TYR B 261 -19.42 15.78 8.60
C TYR B 261 -20.57 14.88 9.15
N SER B 262 -20.96 15.08 10.40
CA SER B 262 -21.97 14.24 11.03
C SER B 262 -23.25 14.18 10.19
N LEU B 263 -23.59 15.26 9.51
CA LEU B 263 -24.78 15.13 8.68
C LEU B 263 -24.48 14.92 7.19
N THR B 264 -23.21 14.78 6.81
CA THR B 264 -22.90 14.47 5.40
C THR B 264 -22.15 13.17 5.20
N VAL B 265 -21.81 12.48 6.28
CA VAL B 265 -20.97 11.30 6.18
C VAL B 265 -21.55 10.32 5.16
N PRO B 266 -20.75 9.96 4.13
CA PRO B 266 -21.18 8.99 3.12
C PRO B 266 -21.73 7.68 3.70
N PHE B 267 -20.95 6.99 4.53
CA PHE B 267 -21.34 5.66 5.03
C PHE B 267 -21.20 5.56 6.54
N GLY B 268 -22.28 5.91 7.24
CA GLY B 268 -22.30 6.14 8.67
C GLY B 268 -22.30 4.90 9.55
N GLN B 269 -22.57 3.73 8.98
CA GLN B 269 -22.40 2.48 9.74
C GLN B 269 -20.93 2.05 9.85
N LYS B 270 -20.03 2.75 9.17
CA LYS B 270 -18.61 2.41 9.25
C LYS B 270 -18.00 2.94 10.54
N PRO B 271 -16.84 2.37 10.96
CA PRO B 271 -16.23 2.78 12.21
C PRO B 271 -15.65 4.16 12.02
N ASN B 272 -16.07 5.07 12.88
CA ASN B 272 -15.86 6.49 12.64
C ASN B 272 -14.41 6.90 12.43
N ILE B 273 -14.18 7.62 11.35
CA ILE B 273 -12.92 8.30 11.06
C ILE B 273 -12.75 9.59 11.88
N ASP B 274 -13.83 10.06 12.49
CA ASP B 274 -13.69 11.17 13.41
C ASP B 274 -13.39 10.59 14.77
N VAL B 275 -12.11 10.62 15.11
CA VAL B 275 -11.62 9.95 16.28
C VAL B 275 -11.83 10.78 17.55
N THR B 276 -12.63 11.84 17.45
CA THR B 276 -12.93 12.65 18.63
C THR B 276 -13.45 11.75 19.74
N ASP B 277 -14.46 10.95 19.42
CA ASP B 277 -15.07 10.08 20.41
C ASP B 277 -14.07 9.07 20.95
N ALA B 278 -13.34 8.42 20.05
CA ALA B 278 -12.19 7.58 20.40
C ALA B 278 -11.26 8.25 21.42
N MET B 279 -10.97 9.53 21.22
CA MET B 279 -10.03 10.26 22.05
C MET B 279 -10.55 10.50 23.44
N VAL B 280 -11.79 10.99 23.49
CA VAL B 280 -12.53 11.19 24.73
C VAL B 280 -12.62 9.87 25.50
N ASP B 281 -13.00 8.81 24.78
CA ASP B 281 -13.17 7.51 25.38
C ASP B 281 -11.90 6.99 26.01
N GLN B 282 -10.77 7.29 25.41
CA GLN B 282 -9.51 6.83 25.94
C GLN B 282 -8.89 7.82 26.91
N ALA B 283 -9.65 8.86 27.25
CA ALA B 283 -9.24 9.88 28.20
C ALA B 283 -7.90 10.56 27.88
N TRP B 284 -7.74 10.92 26.63
CA TRP B 284 -6.59 11.67 26.16
C TRP B 284 -6.62 13.10 26.68
N ASP B 285 -5.44 13.69 26.90
CA ASP B 285 -5.35 15.12 27.25
C ASP B 285 -4.37 15.90 26.36
N ALA B 286 -4.32 17.22 26.54
CA ALA B 286 -3.44 18.08 25.76
C ALA B 286 -2.02 17.54 25.71
N GLN B 287 -1.48 17.16 26.87
CA GLN B 287 -0.16 16.53 26.97
C GLN B 287 -0.04 15.38 25.99
N ARG B 288 -1.06 14.53 25.96
CA ARG B 288 -1.05 13.35 25.11
C ARG B 288 -1.03 13.73 23.64
N ILE B 289 -1.78 14.76 23.24
CA ILE B 289 -1.82 15.24 21.86
C ILE B 289 -0.45 15.68 21.42
N PHE B 290 0.14 16.58 22.19
CA PHE B 290 1.38 17.22 21.78
C PHE B 290 2.53 16.23 21.88
N LYS B 291 2.53 15.46 22.96
CA LYS B 291 3.57 14.46 23.16
C LYS B 291 3.46 13.45 22.02
N GLU B 292 2.25 13.17 21.60
CA GLU B 292 2.03 12.32 20.44
C GLU B 292 2.52 12.91 19.11
N ALA B 293 2.26 14.19 18.88
CA ALA B 293 2.68 14.88 17.66
C ALA B 293 4.22 15.03 17.58
N GLU B 294 4.86 15.33 18.72
CA GLU B 294 6.31 15.29 18.80
C GLU B 294 6.89 13.96 18.29
N LYS B 295 6.32 12.87 18.80
CA LYS B 295 6.70 11.54 18.42
C LYS B 295 6.62 11.39 16.89
N PHE B 296 5.64 12.05 16.25
CA PHE B 296 5.51 12.00 14.79
C PHE B 296 6.73 12.62 14.06
N PHE B 297 7.19 13.80 14.50
CA PHE B 297 8.32 14.41 13.84
C PHE B 297 9.65 13.73 14.15
N VAL B 298 9.75 13.09 15.31
CA VAL B 298 10.96 12.32 15.61
C VAL B 298 11.06 11.16 14.60
N SER B 299 9.90 10.56 14.30
CA SER B 299 9.84 9.38 13.42
C SER B 299 10.32 9.67 12.01
N VAL B 300 10.16 10.91 11.55
CA VAL B 300 10.70 11.29 10.22
C VAL B 300 12.16 11.78 10.24
N GLY B 301 12.70 11.98 11.45
CA GLY B 301 14.12 12.37 11.59
C GLY B 301 14.38 13.73 12.23
N LEU B 302 13.32 14.46 12.52
CA LEU B 302 13.44 15.80 13.08
C LEU B 302 13.63 15.72 14.60
N PRO B 303 14.09 16.80 15.24
CA PRO B 303 14.30 16.81 16.68
C PRO B 303 13.03 16.78 17.49
N ASN B 304 13.18 16.41 18.76
CA ASN B 304 12.15 16.58 19.77
C ASN B 304 11.84 18.04 19.88
N MET B 305 10.80 18.34 20.63
CA MET B 305 10.61 19.66 21.15
C MET B 305 11.67 19.87 22.23
N THR B 306 11.98 21.14 22.51
CA THR B 306 13.03 21.50 23.46
C THR B 306 12.51 21.49 24.88
N GLN B 307 13.40 21.29 25.84
CA GLN B 307 13.06 21.36 27.27
C GLN B 307 12.24 22.63 27.52
N GLY B 308 12.69 23.73 26.93
CA GLY B 308 11.98 25.01 26.97
C GLY B 308 10.56 24.98 26.44
N PHE B 309 10.34 24.26 25.33
CA PHE B 309 9.02 24.12 24.75
C PHE B 309 8.08 23.51 25.77
N TRP B 310 8.50 22.44 26.42
CA TRP B 310 7.60 21.80 27.37
C TRP B 310 7.39 22.63 28.63
N GLU B 311 8.46 23.24 29.14
CA GLU B 311 8.37 24.05 30.34
C GLU B 311 7.52 25.32 30.14
N ASN B 312 7.62 25.92 28.95
CA ASN B 312 7.12 27.28 28.71
C ASN B 312 5.84 27.45 27.91
N SER B 313 5.48 26.42 27.13
CA SER B 313 4.29 26.47 26.28
C SER B 313 3.03 26.52 27.12
N MET B 314 1.96 27.04 26.55
CA MET B 314 0.66 26.97 27.18
C MET B 314 -0.27 26.11 26.33
N LEU B 315 -0.40 24.84 26.75
CA LEU B 315 -1.20 23.88 26.02
C LEU B 315 -2.67 23.77 26.45
N THR B 316 -3.06 24.52 27.49
CA THR B 316 -4.46 24.54 27.97
C THR B 316 -4.90 25.89 28.48
N ASP B 317 -6.20 26.10 28.49
CA ASP B 317 -6.81 27.28 29.09
C ASP B 317 -6.58 27.26 30.60
N PRO B 318 -6.02 28.35 31.17
CA PRO B 318 -5.95 28.46 32.64
C PRO B 318 -7.32 28.59 33.30
N GLY B 319 -8.34 28.99 32.53
CA GLY B 319 -9.69 29.22 33.05
C GLY B 319 -9.94 30.70 33.28
N ASN B 320 -10.76 31.03 34.28
CA ASN B 320 -10.86 32.41 34.75
C ASN B 320 -9.96 32.63 35.99
N VAL B 321 -9.56 33.89 36.23
CA VAL B 321 -8.39 34.23 37.06
C VAL B 321 -7.15 33.73 36.29
N GLN B 322 -6.57 34.65 35.52
CA GLN B 322 -5.57 34.38 34.47
C GLN B 322 -6.26 34.06 33.15
N LYS B 323 -6.36 35.06 32.28
CA LYS B 323 -7.11 34.95 31.04
C LYS B 323 -6.22 35.21 29.83
N ALA B 324 -6.48 34.49 28.74
CA ALA B 324 -5.56 34.48 27.61
C ALA B 324 -6.29 34.60 26.27
N VAL B 325 -5.54 34.90 25.20
CA VAL B 325 -6.11 34.80 23.85
C VAL B 325 -5.87 33.37 23.36
N CYS B 326 -6.96 32.67 23.01
CA CYS B 326 -6.88 31.24 22.72
C CYS B 326 -6.50 30.87 21.30
N HIS B 327 -6.55 31.82 20.38
CA HIS B 327 -6.13 31.56 19.00
C HIS B 327 -4.85 30.72 18.99
N PRO B 328 -4.89 29.51 18.39
CA PRO B 328 -3.71 28.65 18.30
C PRO B 328 -2.54 29.35 17.59
N THR B 329 -1.38 29.41 18.23
CA THR B 329 -0.26 30.15 17.65
C THR B 329 1.03 29.41 17.89
N ALA B 330 1.93 29.48 16.92
CA ALA B 330 3.27 28.86 17.00
C ALA B 330 4.36 29.90 17.16
N TRP B 331 4.85 30.03 18.40
CA TRP B 331 5.76 31.11 18.80
C TRP B 331 7.25 30.78 18.60
N ASP B 332 7.95 31.73 17.97
CA ASP B 332 9.41 31.70 17.77
C ASP B 332 9.98 32.96 18.37
N LEU B 333 10.02 33.00 19.70
CA LEU B 333 10.39 34.23 20.43
C LEU B 333 11.80 34.78 20.14
N GLY B 334 12.72 33.89 19.74
CA GLY B 334 14.12 34.25 19.51
C GLY B 334 15.05 33.51 20.45
N LYS B 335 16.35 33.63 20.22
CA LYS B 335 17.34 32.95 21.04
C LYS B 335 16.92 31.49 21.33
N GLY B 336 16.50 30.79 20.26
CA GLY B 336 16.12 29.38 20.35
C GLY B 336 15.01 29.10 21.35
N ASP B 337 14.16 30.08 21.60
CA ASP B 337 13.04 29.92 22.52
C ASP B 337 11.80 29.68 21.69
N PHE B 338 11.38 28.41 21.60
CA PHE B 338 10.16 28.05 20.88
C PHE B 338 9.08 27.54 21.81
N ARG B 339 7.85 27.94 21.52
CA ARG B 339 6.66 27.42 22.20
C ARG B 339 5.37 27.50 21.38
N ILE B 340 4.35 26.77 21.84
CA ILE B 340 3.02 26.85 21.29
C ILE B 340 2.04 27.39 22.34
N LEU B 341 1.24 28.37 21.93
CA LEU B 341 0.08 28.79 22.71
C LEU B 341 -1.19 28.23 22.08
N MET B 342 -1.89 27.37 22.83
CA MET B 342 -3.13 26.76 22.37
C MET B 342 -4.02 26.33 23.53
N CYS B 343 -5.29 26.67 23.48
CA CYS B 343 -6.25 26.17 24.45
C CYS B 343 -6.82 24.82 24.01
N THR B 344 -5.97 23.79 24.07
CA THR B 344 -6.28 22.46 23.57
C THR B 344 -7.54 21.90 24.18
N LYS B 345 -8.45 21.49 23.30
CA LYS B 345 -9.65 20.72 23.61
C LYS B 345 -9.42 19.29 23.10
N VAL B 346 -10.01 18.30 23.76
CA VAL B 346 -9.90 16.90 23.32
C VAL B 346 -10.87 16.67 22.17
N THR B 347 -10.47 17.06 20.98
CA THR B 347 -11.21 16.80 19.74
C THR B 347 -10.23 16.34 18.66
N MET B 348 -10.74 15.86 17.54
CA MET B 348 -9.87 15.52 16.43
C MET B 348 -9.30 16.76 15.75
N ASP B 349 -10.08 17.82 15.58
CA ASP B 349 -9.55 19.03 14.95
C ASP B 349 -8.34 19.56 15.72
N ASP B 350 -8.36 19.40 17.05
CA ASP B 350 -7.25 19.89 17.86
C ASP B 350 -6.02 19.00 17.73
N PHE B 351 -6.25 17.69 17.58
CA PHE B 351 -5.21 16.73 17.33
C PHE B 351 -4.51 17.14 16.05
N LEU B 352 -5.28 17.43 15.02
CA LEU B 352 -4.73 17.81 13.73
C LEU B 352 -4.00 19.14 13.81
N THR B 353 -4.67 20.15 14.37
CA THR B 353 -4.05 21.44 14.65
C THR B 353 -2.72 21.29 15.42
N ALA B 354 -2.68 20.41 16.43
CA ALA B 354 -1.42 20.29 17.16
C ALA B 354 -0.30 19.99 16.18
N HIS B 355 -0.50 18.98 15.34
CA HIS B 355 0.50 18.69 14.33
C HIS B 355 0.84 19.94 13.48
N HIS B 356 -0.18 20.64 12.99
CA HIS B 356 0.03 21.84 12.15
C HIS B 356 0.93 22.79 12.90
N GLU B 357 0.43 23.33 13.99
CA GLU B 357 1.20 24.20 14.84
C GLU B 357 2.63 23.69 15.07
N MET B 358 2.78 22.45 15.54
CA MET B 358 4.13 21.92 15.79
C MET B 358 4.97 21.89 14.50
N GLY B 359 4.26 21.70 13.36
CA GLY B 359 4.83 21.85 12.03
C GLY B 359 5.51 23.19 11.93
N HIS B 360 4.77 24.28 12.18
CA HIS B 360 5.36 25.61 12.20
C HIS B 360 6.65 25.60 13.03
N ILE B 361 6.57 25.13 14.27
CA ILE B 361 7.69 25.21 15.23
C ILE B 361 8.91 24.50 14.65
N GLN B 362 8.65 23.35 14.03
CA GLN B 362 9.71 22.53 13.47
C GLN B 362 10.41 23.30 12.33
N TYR B 363 9.61 24.01 11.53
CA TYR B 363 10.09 24.88 10.45
C TYR B 363 10.96 25.99 11.02
N ASP B 364 10.52 26.57 12.14
CA ASP B 364 11.24 27.66 12.79
C ASP B 364 12.57 27.20 13.34
N MET B 365 12.60 25.98 13.85
CA MET B 365 13.83 25.46 14.42
C MET B 365 14.77 25.27 13.27
N ALA B 366 14.26 24.69 12.18
CA ALA B 366 15.08 24.38 11.01
C ALA B 366 15.85 25.58 10.50
N TYR B 367 15.25 26.77 10.52
CA TYR B 367 15.93 27.94 9.94
C TYR B 367 16.48 28.95 10.95
N ALA B 368 16.47 28.55 12.23
CA ALA B 368 17.24 29.23 13.28
C ALA B 368 18.70 29.42 12.87
N ALA B 369 19.19 28.49 12.04
CA ALA B 369 20.54 28.54 11.46
C ALA B 369 20.81 29.78 10.61
N GLN B 370 19.76 30.50 10.20
CA GLN B 370 19.91 31.61 9.26
C GLN B 370 20.23 32.97 9.91
N PRO B 371 20.86 33.87 9.12
CA PRO B 371 20.96 35.29 9.45
C PRO B 371 19.62 35.79 9.92
N PHE B 372 19.64 36.62 10.96
CA PHE B 372 18.42 37.01 11.66
C PHE B 372 17.29 37.43 10.72
N LEU B 373 17.66 38.24 9.72
CA LEU B 373 16.71 38.83 8.79
C LEU B 373 16.06 37.82 7.85
N LEU B 374 16.66 36.65 7.72
CA LEU B 374 16.19 35.65 6.78
C LEU B 374 15.44 34.50 7.45
N ARG B 375 15.10 34.68 8.72
CA ARG B 375 14.52 33.63 9.52
C ARG B 375 13.02 33.63 9.37
N ASN B 376 12.55 33.14 8.22
CA ASN B 376 11.11 33.08 7.97
C ASN B 376 10.73 32.08 6.89
N GLY B 377 9.43 31.87 6.69
CA GLY B 377 8.93 31.01 5.61
C GLY B 377 9.28 31.57 4.25
N ALA B 378 9.40 30.70 3.25
CA ALA B 378 9.84 31.14 1.92
C ALA B 378 8.88 32.16 1.28
N ASN B 379 7.59 31.99 1.51
CA ASN B 379 6.59 33.06 1.35
C ASN B 379 5.49 32.84 2.41
N GLU B 380 4.57 33.79 2.54
CA GLU B 380 3.52 33.69 3.56
C GLU B 380 2.79 32.34 3.54
N GLY B 381 2.85 31.65 2.41
CA GLY B 381 2.11 30.42 2.23
C GLY B 381 2.89 29.15 2.58
N PHE B 382 4.21 29.23 2.57
CA PHE B 382 5.04 28.09 2.91
C PHE B 382 4.77 27.59 4.33
N HIS B 383 4.80 28.48 5.31
CA HIS B 383 4.55 28.07 6.70
C HIS B 383 3.23 27.28 6.88
N GLU B 384 2.15 27.80 6.33
CA GLU B 384 0.86 27.18 6.46
C GLU B 384 0.80 25.81 5.79
N ALA B 385 1.46 25.69 4.65
CA ALA B 385 1.54 24.44 3.92
C ALA B 385 2.31 23.39 4.73
N VAL B 386 3.36 23.83 5.42
CA VAL B 386 4.18 22.92 6.18
C VAL B 386 3.33 22.35 7.31
N GLY B 387 2.56 23.24 7.95
CA GLY B 387 1.65 22.85 9.01
C GLY B 387 0.80 21.72 8.49
N GLU B 388 0.15 21.99 7.35
CA GLU B 388 -0.85 21.11 6.74
C GLU B 388 -0.29 19.81 6.17
N ILE B 389 0.99 19.80 5.83
CA ILE B 389 1.64 18.58 5.38
C ILE B 389 1.52 17.52 6.47
N MET B 390 1.75 17.94 7.71
CA MET B 390 1.76 17.03 8.85
C MET B 390 0.37 16.53 9.10
N SER B 391 -0.54 17.50 9.12
CA SER B 391 -1.93 17.25 9.34
C SER B 391 -2.47 16.26 8.30
N LEU B 392 -2.01 16.38 7.06
CA LEU B 392 -2.28 15.36 6.04
C LEU B 392 -1.95 13.93 6.46
N SER B 393 -0.78 13.69 7.06
CA SER B 393 -0.34 12.33 7.35
C SER B 393 -1.02 11.76 8.59
N ALA B 394 -1.17 12.58 9.61
CA ALA B 394 -1.75 12.20 10.91
C ALA B 394 -3.23 11.85 10.83
N ALA B 395 -3.90 12.31 9.78
CA ALA B 395 -5.37 12.13 9.70
C ALA B 395 -5.77 10.89 9.01
N THR B 396 -4.85 10.29 8.28
CA THR B 396 -5.07 8.99 7.63
C THR B 396 -5.49 7.93 8.64
N PRO B 397 -6.49 7.11 8.28
CA PRO B 397 -6.86 5.99 9.15
C PRO B 397 -5.67 5.07 9.50
N LYS B 398 -4.80 4.83 8.52
CA LYS B 398 -3.53 4.15 8.75
C LYS B 398 -2.82 4.64 10.01
N HIS B 399 -2.71 5.95 10.16
CA HIS B 399 -2.01 6.59 11.27
C HIS B 399 -2.86 6.53 12.55
N LEU B 400 -4.16 6.75 12.44
CA LEU B 400 -5.01 6.64 13.62
C LEU B 400 -4.90 5.25 14.24
N LYS B 401 -4.94 4.22 13.38
CA LYS B 401 -4.70 2.85 13.80
C LYS B 401 -3.41 2.75 14.61
N SER B 402 -2.35 3.33 14.05
CA SER B 402 -1.02 3.27 14.61
C SER B 402 -0.89 3.87 16.01
N ILE B 403 -1.47 5.06 16.20
CA ILE B 403 -1.60 5.65 17.54
C ILE B 403 -2.61 4.94 18.44
N GLY B 404 -3.44 4.09 17.85
CA GLY B 404 -4.44 3.35 18.61
C GLY B 404 -5.70 4.16 18.89
N LEU B 405 -6.02 5.07 17.98
CA LEU B 405 -7.28 5.75 18.04
C LEU B 405 -8.27 4.97 17.18
N LEU B 406 -7.74 4.08 16.35
CA LEU B 406 -8.54 3.12 15.62
C LEU B 406 -8.07 1.71 15.96
N SER B 407 -9.04 0.81 16.18
CA SER B 407 -8.78 -0.59 16.52
C SER B 407 -7.71 -1.14 15.59
N PRO B 408 -6.71 -1.86 16.13
CA PRO B 408 -5.74 -2.55 15.27
C PRO B 408 -6.39 -3.44 14.19
N ASP B 409 -7.57 -3.99 14.47
CA ASP B 409 -8.33 -4.81 13.52
C ASP B 409 -9.10 -4.00 12.48
N PHE B 410 -9.07 -2.67 12.59
CA PHE B 410 -9.79 -1.80 11.66
C PHE B 410 -9.36 -2.07 10.23
N GLN B 411 -10.33 -2.41 9.39
CA GLN B 411 -10.07 -2.85 8.04
C GLN B 411 -10.55 -1.84 6.99
N GLU B 412 -9.59 -1.33 6.20
CA GLU B 412 -9.84 -0.30 5.19
C GLU B 412 -10.53 -0.88 3.98
N ASP B 413 -11.68 -0.33 3.63
CA ASP B 413 -12.30 -0.66 2.35
C ASP B 413 -12.61 0.61 1.59
N ASN B 414 -13.28 0.49 0.45
CA ASN B 414 -13.65 1.67 -0.34
C ASN B 414 -14.66 2.64 0.33
N GLU B 415 -15.43 2.15 1.31
CA GLU B 415 -16.39 3.00 2.02
C GLU B 415 -15.71 3.87 3.07
N THR B 416 -14.76 3.29 3.78
CA THR B 416 -14.01 4.07 4.75
C THR B 416 -13.19 5.12 4.00
N GLU B 417 -12.57 4.69 2.91
CA GLU B 417 -11.86 5.58 2.00
C GLU B 417 -12.72 6.80 1.53
N ILE B 418 -13.93 6.54 1.07
CA ILE B 418 -14.83 7.61 0.66
C ILE B 418 -15.18 8.53 1.83
N ASN B 419 -15.60 7.95 2.97
CA ASN B 419 -15.80 8.71 4.23
C ASN B 419 -14.60 9.61 4.49
N PHE B 420 -13.41 9.03 4.43
CA PHE B 420 -12.22 9.80 4.74
C PHE B 420 -12.02 10.94 3.74
N LEU B 421 -12.14 10.61 2.46
CA LEU B 421 -11.90 11.59 1.43
C LEU B 421 -12.95 12.68 1.50
N LEU B 422 -14.19 12.29 1.80
CA LEU B 422 -15.29 13.26 2.01
C LEU B 422 -14.97 14.22 3.16
N LYS B 423 -14.52 13.67 4.29
CA LYS B 423 -14.28 14.50 5.46
C LYS B 423 -13.12 15.45 5.15
N GLN B 424 -12.09 14.92 4.52
CA GLN B 424 -10.99 15.76 4.08
C GLN B 424 -11.51 16.87 3.16
N ALA B 425 -12.32 16.51 2.17
CA ALA B 425 -12.87 17.50 1.24
C ALA B 425 -13.61 18.65 1.96
N LEU B 426 -14.36 18.29 3.02
CA LEU B 426 -15.25 19.25 3.68
C LEU B 426 -14.39 20.37 4.22
N THR B 427 -13.22 20.01 4.74
CA THR B 427 -12.32 21.00 5.27
C THR B 427 -11.48 21.62 4.17
N ILE B 428 -10.72 20.79 3.46
CA ILE B 428 -9.72 21.26 2.53
C ILE B 428 -10.33 21.94 1.31
N VAL B 429 -11.14 21.20 0.54
CA VAL B 429 -11.66 21.67 -0.75
C VAL B 429 -12.65 22.77 -0.49
N GLY B 430 -13.48 22.59 0.52
CA GLY B 430 -14.56 23.52 0.76
C GLY B 430 -14.16 24.91 1.20
N THR B 431 -12.94 25.08 1.70
CA THR B 431 -12.47 26.41 2.09
C THR B 431 -12.03 27.20 0.85
N LEU B 432 -11.71 26.49 -0.23
CA LEU B 432 -11.07 27.13 -1.38
C LEU B 432 -11.85 28.32 -1.94
N PRO B 433 -13.13 28.11 -2.33
CA PRO B 433 -13.93 29.21 -2.88
C PRO B 433 -14.16 30.31 -1.86
N PHE B 434 -14.34 29.94 -0.60
CA PHE B 434 -14.62 30.88 0.46
C PHE B 434 -13.44 31.84 0.55
N THR B 435 -12.25 31.26 0.67
CA THR B 435 -11.02 32.03 0.75
C THR B 435 -10.80 32.90 -0.49
N TYR B 436 -10.78 32.27 -1.66
CA TYR B 436 -10.63 33.01 -2.90
C TYR B 436 -11.60 34.18 -3.01
N MET B 437 -12.85 33.94 -2.66
CA MET B 437 -13.90 34.95 -2.73
C MET B 437 -13.70 36.09 -1.71
N LEU B 438 -13.44 35.76 -0.44
CA LEU B 438 -13.11 36.75 0.61
C LEU B 438 -12.02 37.73 0.13
N GLU B 439 -10.88 37.21 -0.34
CA GLU B 439 -9.78 38.06 -0.82
C GLU B 439 -10.16 38.93 -2.02
N LYS B 440 -10.80 38.33 -3.02
CA LYS B 440 -11.16 39.07 -4.24
C LYS B 440 -11.93 40.33 -3.85
N TRP B 441 -12.99 40.19 -3.05
CA TRP B 441 -13.71 41.36 -2.55
C TRP B 441 -12.77 42.41 -1.98
N ARG B 442 -12.00 42.03 -0.96
CA ARG B 442 -11.00 42.92 -0.39
C ARG B 442 -10.15 43.56 -1.48
N TRP B 443 -9.58 42.71 -2.33
CA TRP B 443 -8.71 43.17 -3.43
C TRP B 443 -9.35 44.27 -4.27
N MET B 444 -10.53 43.95 -4.80
CA MET B 444 -11.39 44.87 -5.53
C MET B 444 -11.68 46.16 -4.76
N VAL B 445 -11.98 46.05 -3.46
CA VAL B 445 -12.26 47.24 -2.64
C VAL B 445 -11.03 48.14 -2.64
N PHE B 446 -9.89 47.57 -2.24
CA PHE B 446 -8.62 48.31 -2.25
C PHE B 446 -8.31 48.95 -3.60
N LYS B 447 -8.60 48.22 -4.68
CA LYS B 447 -8.39 48.71 -6.04
C LYS B 447 -9.35 49.85 -6.40
N GLY B 448 -10.38 50.03 -5.57
CA GLY B 448 -11.35 51.09 -5.79
C GLY B 448 -12.55 50.66 -6.61
N GLU B 449 -12.44 49.52 -7.28
CA GLU B 449 -13.49 48.99 -8.14
C GLU B 449 -14.87 48.86 -7.49
N ILE B 450 -14.93 48.95 -6.16
CA ILE B 450 -16.20 48.81 -5.44
C ILE B 450 -16.47 50.02 -4.53
N PRO B 451 -17.57 50.74 -4.79
CA PRO B 451 -17.96 51.91 -4.01
C PRO B 451 -18.66 51.56 -2.71
N LYS B 452 -18.58 52.47 -1.74
CA LYS B 452 -19.16 52.30 -0.40
C LYS B 452 -20.62 51.88 -0.40
N ASP B 453 -21.40 52.42 -1.33
CA ASP B 453 -22.85 52.18 -1.39
C ASP B 453 -23.20 50.82 -2.00
N GLN B 454 -22.19 50.00 -2.28
CA GLN B 454 -22.38 48.69 -2.88
C GLN B 454 -21.56 47.60 -2.20
N TRP B 455 -20.91 47.97 -1.11
CA TRP B 455 -20.01 47.11 -0.37
C TRP B 455 -20.64 45.75 -0.04
N MET B 456 -21.79 45.76 0.61
CA MET B 456 -22.47 44.51 0.95
C MET B 456 -23.13 43.84 -0.25
N LYS B 457 -23.65 44.64 -1.18
CA LYS B 457 -24.30 44.12 -2.38
C LYS B 457 -23.34 43.23 -3.16
N LYS B 458 -22.12 43.70 -3.36
CA LYS B 458 -21.13 42.94 -4.11
C LYS B 458 -20.57 41.72 -3.33
N TRP B 459 -20.46 41.83 -2.02
CA TRP B 459 -20.08 40.69 -1.20
C TRP B 459 -21.07 39.58 -1.46
N TRP B 460 -22.35 39.85 -1.23
CA TRP B 460 -23.37 38.82 -1.35
C TRP B 460 -23.60 38.34 -2.77
N GLU B 461 -23.41 39.22 -3.75
CA GLU B 461 -23.36 38.81 -5.18
C GLU B 461 -22.26 37.75 -5.39
N MET B 462 -21.11 37.98 -4.77
CA MET B 462 -19.96 37.10 -4.95
C MET B 462 -20.10 35.81 -4.15
N LYS B 463 -20.74 35.92 -2.98
CA LYS B 463 -21.09 34.74 -2.22
C LYS B 463 -21.96 33.79 -3.04
N ARG B 464 -22.95 34.34 -3.73
CA ARG B 464 -23.80 33.59 -4.66
C ARG B 464 -23.06 33.06 -5.89
N GLU B 465 -22.42 33.95 -6.66
CA GLU B 465 -21.67 33.58 -7.89
C GLU B 465 -20.64 32.49 -7.65
N ILE B 466 -19.67 32.82 -6.79
CA ILE B 466 -18.45 32.03 -6.61
C ILE B 466 -18.54 30.91 -5.54
N VAL B 467 -19.16 31.20 -4.42
CA VAL B 467 -19.18 30.24 -3.32
C VAL B 467 -20.47 29.43 -3.28
N GLY B 468 -21.51 29.92 -3.96
CA GLY B 468 -22.82 29.27 -3.93
C GLY B 468 -23.39 29.27 -2.52
N VAL B 469 -23.31 30.42 -1.86
CA VAL B 469 -23.85 30.63 -0.52
C VAL B 469 -24.74 31.87 -0.53
N VAL B 470 -25.82 31.87 0.25
CA VAL B 470 -26.77 33.00 0.24
C VAL B 470 -27.09 33.45 1.62
N GLU B 471 -27.25 34.78 1.76
CA GLU B 471 -27.60 35.38 3.04
C GLU B 471 -29.01 34.94 3.40
N PRO B 472 -29.21 34.54 4.64
CA PRO B 472 -30.55 34.13 5.03
C PRO B 472 -31.48 35.33 5.22
N VAL B 473 -30.96 36.47 5.67
CA VAL B 473 -31.74 37.73 5.61
C VAL B 473 -31.00 38.75 4.76
N PRO B 474 -31.71 39.73 4.13
CA PRO B 474 -31.02 40.70 3.27
C PRO B 474 -30.23 41.68 4.13
N HIS B 475 -29.19 42.29 3.55
CA HIS B 475 -28.29 43.20 4.30
C HIS B 475 -27.99 44.53 3.60
N ASP B 476 -28.62 45.61 4.04
CA ASP B 476 -28.24 46.94 3.54
C ASP B 476 -26.80 47.33 3.96
N GLU B 477 -26.35 48.51 3.53
CA GLU B 477 -24.97 48.93 3.75
C GLU B 477 -24.68 49.52 5.15
N THR B 478 -25.54 49.23 6.12
CA THR B 478 -25.18 49.43 7.54
C THR B 478 -24.25 48.26 7.95
N TYR B 479 -24.39 47.16 7.22
CA TYR B 479 -23.66 45.93 7.49
C TYR B 479 -22.26 45.95 6.93
N CYS B 480 -21.42 45.10 7.51
CA CYS B 480 -20.03 44.92 7.09
C CYS B 480 -19.65 43.49 7.43
N ASP B 481 -20.19 42.56 6.64
CA ASP B 481 -20.10 41.15 6.98
C ASP B 481 -18.66 40.62 6.95
N PRO B 482 -17.86 41.01 5.93
CA PRO B 482 -16.47 40.54 5.97
C PRO B 482 -15.78 40.81 7.32
N ALA B 483 -16.02 41.98 7.91
CA ALA B 483 -15.34 42.35 9.15
C ALA B 483 -15.69 41.44 10.34
N SER B 484 -16.73 40.63 10.16
CA SER B 484 -17.13 39.62 11.16
C SER B 484 -16.14 38.46 11.20
N LEU B 485 -15.22 38.43 10.25
CA LEU B 485 -14.13 37.49 10.28
C LEU B 485 -12.96 38.11 11.02
N PHE B 486 -12.25 37.30 11.79
CA PHE B 486 -11.08 37.80 12.49
C PHE B 486 -10.06 38.46 11.56
N HIS B 487 -9.87 37.89 10.37
CA HIS B 487 -8.75 38.28 9.52
C HIS B 487 -8.97 39.63 8.86
N VAL B 488 -10.24 39.92 8.66
CA VAL B 488 -10.64 41.14 8.01
C VAL B 488 -10.42 42.29 9.01
N SER B 489 -11.05 42.17 10.18
CA SER B 489 -11.01 43.21 11.19
C SER B 489 -9.71 43.24 11.98
N ASN B 490 -8.88 42.21 11.87
CA ASN B 490 -7.55 42.25 12.47
C ASN B 490 -6.46 42.32 11.43
N ASP B 491 -6.80 42.81 10.23
CA ASP B 491 -5.82 43.22 9.21
C ASP B 491 -4.81 42.15 8.82
N TYR B 492 -5.30 41.03 8.29
CA TYR B 492 -4.42 39.94 7.88
C TYR B 492 -4.77 39.45 6.52
N SER B 493 -3.79 39.44 5.62
CA SER B 493 -3.99 38.86 4.31
C SER B 493 -4.55 37.42 4.45
N PHE B 494 -5.45 37.07 3.53
CA PHE B 494 -6.16 35.80 3.54
C PHE B 494 -5.66 34.81 2.48
N ILE B 495 -5.31 35.33 1.29
CA ILE B 495 -4.96 34.45 0.16
C ILE B 495 -3.94 33.38 0.54
N ARG B 496 -3.20 33.61 1.63
CA ARG B 496 -2.25 32.62 2.16
C ARG B 496 -2.91 31.26 2.31
N TYR B 497 -4.16 31.23 2.79
CA TYR B 497 -4.87 29.97 3.00
C TYR B 497 -5.15 29.29 1.68
N TYR B 498 -5.19 30.05 0.59
CA TYR B 498 -5.42 29.47 -0.73
C TYR B 498 -4.14 28.83 -1.23
N THR B 499 -3.09 29.65 -1.35
CA THR B 499 -1.78 29.20 -1.83
C THR B 499 -1.28 28.02 -1.03
N ARG B 500 -1.43 28.12 0.28
CA ARG B 500 -1.13 27.07 1.24
C ARG B 500 -1.67 25.70 0.79
N THR B 501 -2.96 25.63 0.50
CA THR B 501 -3.63 24.39 0.15
C THR B 501 -3.14 23.79 -1.16
N LEU B 502 -2.70 24.63 -2.10
CA LEU B 502 -2.01 24.11 -3.28
C LEU B 502 -0.63 23.55 -2.90
N TYR B 503 0.30 24.42 -2.51
CA TYR B 503 1.62 24.00 -2.04
C TYR B 503 1.54 22.70 -1.22
N GLN B 504 0.57 22.67 -0.31
CA GLN B 504 0.30 21.52 0.55
C GLN B 504 0.47 20.21 -0.17
N PHE B 505 -0.37 19.97 -1.18
CA PHE B 505 -0.39 18.70 -1.89
C PHE B 505 0.80 18.56 -2.81
N GLN B 506 1.29 19.70 -3.31
CA GLN B 506 2.51 19.69 -4.11
C GLN B 506 3.59 19.01 -3.29
N PHE B 507 3.96 19.64 -2.18
CA PHE B 507 4.84 19.06 -1.17
C PHE B 507 4.59 17.58 -0.86
N GLN B 508 3.33 17.20 -0.65
CA GLN B 508 3.00 15.84 -0.21
C GLN B 508 3.30 14.82 -1.32
N GLU B 509 2.94 15.18 -2.55
CA GLU B 509 3.20 14.33 -3.70
C GLU B 509 4.70 14.03 -3.83
N ALA B 510 5.54 15.03 -3.54
CA ALA B 510 6.99 14.87 -3.59
C ALA B 510 7.50 14.07 -2.39
N LEU B 511 6.91 14.31 -1.24
CA LEU B 511 7.35 13.70 0.00
C LEU B 511 7.05 12.20 0.07
N CYS B 512 5.89 11.82 -0.45
CA CYS B 512 5.50 10.42 -0.54
C CYS B 512 6.28 9.66 -1.60
N GLN B 513 6.67 10.35 -2.67
CA GLN B 513 7.63 9.79 -3.65
C GLN B 513 8.91 9.41 -2.92
N ALA B 514 9.39 10.30 -2.05
CA ALA B 514 10.58 10.06 -1.26
C ALA B 514 10.41 8.86 -0.32
N ALA B 515 9.26 8.78 0.33
CA ALA B 515 8.97 7.66 1.23
C ALA B 515 8.63 6.34 0.50
N LYS B 516 8.89 6.31 -0.82
CA LYS B 516 8.68 5.13 -1.66
C LYS B 516 7.27 4.57 -1.52
N HIS B 517 6.30 5.48 -1.48
CA HIS B 517 4.91 5.14 -1.25
C HIS B 517 4.25 4.48 -2.44
N GLU B 518 3.50 3.42 -2.12
CA GLU B 518 2.79 2.55 -3.05
C GLU B 518 1.64 3.25 -3.78
N GLY B 519 0.43 3.15 -3.24
CA GLY B 519 -0.78 3.52 -3.97
C GLY B 519 -1.13 5.00 -4.18
N PRO B 520 -2.44 5.34 -4.06
CA PRO B 520 -2.95 6.69 -4.28
C PRO B 520 -2.42 7.65 -3.22
N LEU B 521 -2.40 8.93 -3.56
CA LEU B 521 -1.80 9.91 -2.67
C LEU B 521 -2.51 10.02 -1.31
N HIS B 522 -3.84 10.00 -1.29
CA HIS B 522 -4.57 10.14 -0.03
C HIS B 522 -4.31 9.00 0.96
N LYS B 523 -3.48 8.04 0.58
CA LYS B 523 -3.26 6.91 1.47
C LYS B 523 -1.86 6.94 2.09
N CYS B 524 -1.13 8.01 1.79
CA CYS B 524 0.25 8.13 2.17
C CYS B 524 0.39 8.68 3.59
N ASP B 525 1.16 7.96 4.41
CA ASP B 525 1.60 8.47 5.70
C ASP B 525 3.13 8.51 5.73
N ILE B 526 3.72 9.71 5.85
CA ILE B 526 5.19 9.80 5.81
C ILE B 526 5.87 9.34 7.11
N SER B 527 5.09 8.93 8.10
CA SER B 527 5.67 8.52 9.37
C SER B 527 6.76 7.50 9.10
N ASN B 528 7.74 7.50 9.98
CA ASN B 528 8.94 6.69 9.88
C ASN B 528 9.78 6.88 8.61
N SER B 529 9.55 7.93 7.83
CA SER B 529 10.40 8.10 6.65
C SER B 529 11.50 9.18 6.77
N THR B 530 12.67 8.73 7.25
CA THR B 530 13.82 9.61 7.43
C THR B 530 14.19 10.26 6.12
N GLU B 531 14.02 9.51 5.02
CA GLU B 531 14.20 10.00 3.66
C GLU B 531 13.28 11.17 3.41
N ALA B 532 11.98 10.98 3.64
CA ALA B 532 10.99 12.06 3.48
C ALA B 532 11.28 13.20 4.44
N GLY B 533 11.64 12.87 5.67
CA GLY B 533 12.03 13.89 6.64
C GLY B 533 13.16 14.74 6.09
N GLN B 534 14.18 14.08 5.56
CA GLN B 534 15.37 14.73 5.05
C GLN B 534 15.04 15.76 3.95
N LYS B 535 14.21 15.35 2.99
CA LYS B 535 13.78 16.24 1.90
C LYS B 535 13.20 17.51 2.45
N LEU B 536 12.17 17.36 3.29
CA LEU B 536 11.47 18.50 3.85
C LEU B 536 12.45 19.44 4.56
N PHE B 537 13.26 18.86 5.43
CA PHE B 537 14.19 19.63 6.23
C PHE B 537 15.12 20.44 5.34
N ASN B 538 15.60 19.81 4.27
CA ASN B 538 16.47 20.49 3.32
C ASN B 538 15.89 21.79 2.74
N MET B 539 14.57 21.87 2.61
CA MET B 539 13.94 23.12 2.16
C MET B 539 13.48 24.00 3.32
N LEU B 540 13.20 23.38 4.47
CA LEU B 540 12.97 24.09 5.73
C LEU B 540 14.10 25.02 6.16
N ARG B 541 15.33 24.51 6.21
CA ARG B 541 16.45 25.28 6.79
C ARG B 541 16.90 26.48 5.97
N LEU B 542 16.46 26.53 4.72
CA LEU B 542 16.68 27.67 3.85
C LEU B 542 16.02 28.97 4.30
N GLY B 543 15.00 28.90 5.16
CA GLY B 543 14.26 30.09 5.58
C GLY B 543 13.85 30.97 4.40
N LYS B 544 13.83 32.29 4.62
CA LYS B 544 13.51 33.27 3.56
C LYS B 544 14.72 33.59 2.63
N SER B 545 15.79 32.79 2.73
CA SER B 545 17.05 33.02 2.03
C SER B 545 17.01 32.59 0.57
N GLU B 546 15.81 32.28 0.09
CA GLU B 546 15.60 31.78 -1.26
C GLU B 546 14.24 32.25 -1.75
N PRO B 547 14.14 32.58 -3.06
CA PRO B 547 12.84 32.85 -3.65
C PRO B 547 11.98 31.60 -3.58
N TRP B 548 10.73 31.75 -3.16
CA TRP B 548 9.85 30.61 -2.96
C TRP B 548 9.76 29.71 -4.19
N THR B 549 9.84 30.34 -5.37
CA THR B 549 9.78 29.67 -6.67
C THR B 549 10.86 28.62 -6.87
N LEU B 550 12.09 29.00 -6.54
CA LEU B 550 13.23 28.09 -6.61
C LEU B 550 13.17 27.10 -5.44
N ALA B 551 12.85 27.62 -4.25
CA ALA B 551 12.71 26.80 -3.05
C ALA B 551 11.72 25.67 -3.25
N LEU B 552 10.59 26.03 -3.87
CA LEU B 552 9.54 25.09 -4.21
C LEU B 552 10.04 24.10 -5.24
N GLU B 553 10.73 24.61 -6.26
CA GLU B 553 11.24 23.76 -7.33
C GLU B 553 12.20 22.70 -6.81
N ASN B 554 12.95 23.05 -5.77
CA ASN B 554 13.90 22.13 -5.18
C ASN B 554 13.26 21.00 -4.38
N VAL B 555 12.04 21.23 -3.90
CA VAL B 555 11.27 20.21 -3.18
C VAL B 555 10.54 19.33 -4.16
N VAL B 556 9.76 19.97 -5.04
CA VAL B 556 8.76 19.26 -5.85
C VAL B 556 9.08 19.23 -7.34
N GLY B 557 10.06 20.03 -7.76
CA GLY B 557 10.39 20.19 -9.18
C GLY B 557 9.45 21.08 -9.97
N ALA B 558 9.10 22.25 -9.42
CA ALA B 558 8.15 23.17 -10.09
C ALA B 558 8.39 24.63 -9.73
N LYS B 559 8.39 25.50 -10.74
CA LYS B 559 8.60 26.92 -10.53
C LYS B 559 7.38 27.58 -9.88
N ASN B 560 6.19 27.03 -10.15
CA ASN B 560 4.98 27.66 -9.66
C ASN B 560 4.05 26.75 -8.87
N MET B 561 2.96 27.30 -8.35
CA MET B 561 1.93 26.47 -7.77
C MET B 561 1.19 25.68 -8.85
N ASN B 562 0.75 24.49 -8.48
CA ASN B 562 0.14 23.53 -9.40
C ASN B 562 -1.01 22.82 -8.68
N VAL B 563 -2.14 22.72 -9.36
CA VAL B 563 -3.33 22.17 -8.75
C VAL B 563 -3.47 20.66 -8.94
N ARG B 564 -2.70 20.13 -9.90
CA ARG B 564 -2.81 18.73 -10.31
C ARG B 564 -2.77 17.80 -9.09
N PRO B 565 -1.77 17.97 -8.19
CA PRO B 565 -1.66 17.13 -7.00
C PRO B 565 -2.94 17.09 -6.15
N LEU B 566 -3.46 18.27 -5.79
CA LEU B 566 -4.75 18.36 -5.10
C LEU B 566 -5.80 17.51 -5.81
N LEU B 567 -6.01 17.78 -7.10
CA LEU B 567 -6.99 17.06 -7.89
C LEU B 567 -6.79 15.54 -7.84
N ASN B 568 -5.55 15.07 -7.96
CA ASN B 568 -5.27 13.61 -7.82
C ASN B 568 -5.61 13.08 -6.44
N TYR B 569 -5.29 13.87 -5.42
CA TYR B 569 -5.55 13.49 -4.05
C TYR B 569 -7.02 13.20 -3.86
N PHE B 570 -7.88 13.98 -4.53
CA PHE B 570 -9.33 13.82 -4.35
C PHE B 570 -10.06 12.98 -5.38
N GLU B 571 -9.34 12.61 -6.44
CA GLU B 571 -9.97 11.90 -7.53
C GLU B 571 -10.98 10.85 -7.13
N PRO B 572 -10.60 9.87 -6.28
CA PRO B 572 -11.60 8.81 -6.02
C PRO B 572 -12.91 9.42 -5.55
N LEU B 573 -12.83 10.54 -4.85
CA LEU B 573 -14.00 11.14 -4.26
C LEU B 573 -14.77 11.85 -5.35
N PHE B 574 -14.05 12.55 -6.22
CA PHE B 574 -14.68 13.21 -7.36
C PHE B 574 -15.50 12.19 -8.17
N THR B 575 -14.86 11.08 -8.52
CA THR B 575 -15.56 10.08 -9.30
C THR B 575 -16.80 9.57 -8.57
N TRP B 576 -16.66 9.32 -7.26
CA TRP B 576 -17.79 8.87 -6.43
C TRP B 576 -18.87 9.95 -6.32
N LEU B 577 -18.47 11.19 -6.00
CA LEU B 577 -19.44 12.32 -5.97
C LEU B 577 -20.30 12.49 -7.24
N LYS B 578 -19.68 12.30 -8.42
CA LYS B 578 -20.38 12.38 -9.70
C LYS B 578 -21.50 11.36 -9.78
N ASP B 579 -21.25 10.16 -9.28
CA ASP B 579 -22.27 9.11 -9.34
C ASP B 579 -23.30 9.22 -8.21
N GLN B 580 -22.85 9.66 -7.06
CA GLN B 580 -23.76 9.91 -5.98
C GLN B 580 -24.73 11.00 -6.40
N ASN B 581 -24.26 11.92 -7.24
CA ASN B 581 -25.03 13.11 -7.60
C ASN B 581 -25.97 12.95 -8.78
N LYS B 582 -26.08 11.72 -9.29
CA LYS B 582 -26.86 11.46 -10.49
C LYS B 582 -28.35 11.77 -10.30
N ASN B 583 -28.82 11.81 -9.06
CA ASN B 583 -30.24 12.12 -8.82
C ASN B 583 -30.46 13.51 -8.22
N SER B 584 -29.63 14.47 -8.62
CA SER B 584 -29.78 15.81 -8.10
C SER B 584 -29.12 16.86 -8.97
N PHE B 585 -29.48 18.12 -8.74
CA PHE B 585 -28.95 19.19 -9.51
C PHE B 585 -27.52 19.43 -9.06
N VAL B 586 -26.65 19.66 -10.01
CA VAL B 586 -25.26 19.96 -9.74
C VAL B 586 -25.02 21.39 -10.27
N GLY B 587 -24.75 22.31 -9.35
CA GLY B 587 -24.58 23.74 -9.67
C GLY B 587 -25.62 24.54 -8.91
N TRP B 588 -25.77 25.82 -9.21
CA TRP B 588 -26.76 26.61 -8.49
C TRP B 588 -27.27 27.83 -9.23
N SER B 589 -28.48 28.25 -8.85
CA SER B 589 -29.03 29.52 -9.27
C SER B 589 -28.71 30.57 -8.24
N THR B 590 -28.38 31.78 -8.69
CA THR B 590 -28.01 32.84 -7.78
C THR B 590 -29.22 33.61 -7.26
N ASP B 591 -30.41 33.22 -7.73
CA ASP B 591 -31.64 33.98 -7.48
C ASP B 591 -32.51 33.55 -6.33
N TRP B 592 -32.44 32.29 -5.92
CA TRP B 592 -33.21 31.84 -4.76
C TRP B 592 -32.66 32.46 -3.46
N SER B 593 -33.56 32.88 -2.58
CA SER B 593 -33.23 33.51 -1.30
C SER B 593 -34.13 32.91 -0.24
N PRO B 594 -33.58 32.62 0.96
CA PRO B 594 -34.45 32.14 2.04
C PRO B 594 -35.46 33.19 2.53
N TYR B 595 -35.27 34.45 2.15
CA TYR B 595 -36.13 35.54 2.61
C TYR B 595 -37.13 36.05 1.57
N ALA B 596 -36.85 35.82 0.29
CA ALA B 596 -37.77 36.18 -0.79
C ALA B 596 -38.94 35.18 -0.82
N ASP B 597 -39.90 35.39 0.08
CA ASP B 597 -40.87 34.36 0.49
C ASP B 597 -42.32 34.86 0.60
N PRO C 1 -55.90 -42.37 -11.32
CA PRO C 1 -54.97 -43.44 -11.66
C PRO C 1 -53.54 -42.92 -11.83
N PHE C 2 -53.10 -42.07 -10.90
CA PHE C 2 -51.79 -41.44 -11.01
C PHE C 2 -50.61 -42.35 -10.68
N GLY C 3 -50.82 -43.30 -9.76
CA GLY C 3 -49.79 -44.29 -9.41
C GLY C 3 -49.38 -45.16 -10.59
N GLU C 4 -50.26 -45.24 -11.59
CA GLU C 4 -49.97 -45.95 -12.82
C GLU C 4 -49.00 -45.13 -13.69
N VAL C 5 -48.68 -43.92 -13.25
CA VAL C 5 -47.72 -43.04 -13.94
C VAL C 5 -46.41 -42.93 -13.17
N PHE C 6 -46.43 -42.25 -12.02
CA PHE C 6 -45.31 -42.27 -11.07
C PHE C 6 -45.31 -43.67 -10.48
N ASN C 7 -44.19 -44.39 -10.59
CA ASN C 7 -44.10 -45.81 -10.14
C ASN C 7 -44.25 -46.83 -11.26
N ALA C 8 -44.43 -46.36 -12.50
CA ALA C 8 -44.36 -47.24 -13.65
C ALA C 8 -42.93 -47.75 -13.73
N THR C 9 -42.78 -49.07 -13.79
CA THR C 9 -41.47 -49.71 -13.68
C THR C 9 -40.39 -49.14 -14.63
N LYS C 10 -40.79 -48.71 -15.81
CA LYS C 10 -39.88 -48.12 -16.80
C LYS C 10 -40.33 -46.73 -17.28
N PHE C 11 -39.38 -45.92 -17.73
CA PHE C 11 -39.76 -44.60 -18.19
C PHE C 11 -39.28 -44.40 -19.61
N PRO C 12 -39.92 -43.48 -20.35
CA PRO C 12 -39.49 -43.22 -21.72
C PRO C 12 -38.23 -42.35 -21.83
N SER C 13 -37.50 -42.49 -22.92
CA SER C 13 -36.45 -41.54 -23.23
C SER C 13 -37.11 -40.18 -23.58
N VAL C 14 -36.49 -39.08 -23.19
CA VAL C 14 -37.08 -37.75 -23.45
C VAL C 14 -37.58 -37.57 -24.88
N TYR C 15 -36.78 -38.00 -25.85
CA TYR C 15 -37.08 -37.71 -27.23
C TYR C 15 -38.39 -38.39 -27.65
N ALA C 16 -38.69 -39.51 -27.00
CA ALA C 16 -39.92 -40.25 -27.24
C ALA C 16 -40.81 -40.24 -26.02
N TRP C 17 -40.94 -39.07 -25.38
CA TRP C 17 -41.73 -38.91 -24.16
C TRP C 17 -43.21 -39.35 -24.35
N GLU C 18 -43.84 -39.80 -23.25
CA GLU C 18 -45.20 -40.31 -23.34
C GLU C 18 -46.25 -39.37 -22.80
N ARG C 19 -47.35 -39.26 -23.53
CA ARG C 19 -48.51 -38.50 -23.06
C ARG C 19 -49.64 -39.45 -22.71
N LYS C 20 -50.03 -39.41 -21.43
CA LYS C 20 -51.13 -40.21 -20.93
C LYS C 20 -52.30 -39.30 -20.53
N LYS C 21 -53.42 -39.45 -21.23
CA LYS C 21 -54.58 -38.60 -21.04
C LYS C 21 -55.45 -39.09 -19.88
N ILE C 22 -55.73 -38.20 -18.94
CA ILE C 22 -56.57 -38.55 -17.79
C ILE C 22 -57.82 -37.67 -17.76
N SER C 23 -58.97 -38.31 -17.93
CA SER C 23 -60.28 -37.66 -17.84
C SER C 23 -61.31 -38.58 -17.18
N ASN C 24 -62.40 -37.99 -16.71
CA ASN C 24 -63.46 -38.69 -15.93
C ASN C 24 -62.90 -39.33 -14.66
N CYS C 25 -62.39 -38.50 -13.75
CA CYS C 25 -61.67 -38.99 -12.58
C CYS C 25 -61.71 -37.92 -11.49
N VAL C 26 -61.36 -38.31 -10.27
CA VAL C 26 -61.20 -37.36 -9.16
C VAL C 26 -59.90 -37.63 -8.42
N ALA C 27 -59.14 -36.57 -8.16
CA ALA C 27 -57.85 -36.68 -7.50
C ALA C 27 -57.69 -35.68 -6.36
N ASP C 28 -56.91 -36.06 -5.36
CA ASP C 28 -56.69 -35.24 -4.16
C ASP C 28 -55.44 -34.36 -4.27
N TYR C 29 -54.44 -34.88 -4.99
CA TYR C 29 -53.11 -34.28 -5.12
C TYR C 29 -52.29 -34.32 -3.82
N SER C 30 -52.93 -34.74 -2.73
CA SER C 30 -52.28 -34.90 -1.42
C SER C 30 -51.19 -35.97 -1.50
N VAL C 31 -51.46 -37.00 -2.32
CA VAL C 31 -50.50 -38.05 -2.64
C VAL C 31 -49.19 -37.45 -3.17
N LEU C 32 -49.24 -36.20 -3.62
CA LEU C 32 -48.07 -35.51 -4.16
C LEU C 32 -47.48 -34.50 -3.18
N TYR C 33 -48.29 -33.50 -2.79
CA TYR C 33 -47.84 -32.37 -1.96
C TYR C 33 -46.84 -32.77 -0.87
N ASN C 34 -47.30 -33.60 0.06
CA ASN C 34 -46.45 -34.11 1.13
C ASN C 34 -45.50 -35.18 0.58
N SER C 35 -44.23 -34.82 0.42
CA SER C 35 -43.19 -35.79 0.05
C SER C 35 -41.82 -35.16 -0.24
N THR C 36 -40.84 -35.49 0.61
CA THR C 36 -39.44 -35.13 0.36
C THR C 36 -38.86 -36.09 -0.67
N PHE C 37 -39.70 -37.00 -1.15
CA PHE C 37 -39.37 -37.91 -2.25
C PHE C 37 -39.10 -37.12 -3.52
N PHE C 38 -39.73 -35.95 -3.65
CA PHE C 38 -39.58 -35.12 -4.83
C PHE C 38 -38.51 -34.06 -4.68
N SER C 39 -37.52 -34.10 -5.56
CA SER C 39 -36.46 -33.10 -5.58
C SER C 39 -36.99 -31.77 -6.16
N THR C 40 -37.65 -31.86 -7.31
CA THR C 40 -38.33 -30.70 -7.91
C THR C 40 -39.84 -30.93 -7.93
N PHE C 41 -40.58 -29.92 -7.46
CA PHE C 41 -42.02 -29.88 -7.51
C PHE C 41 -42.39 -28.44 -7.80
N LYS C 42 -42.32 -28.05 -9.06
CA LYS C 42 -42.59 -26.65 -9.39
C LYS C 42 -43.80 -26.53 -10.28
N CYS C 43 -44.84 -25.89 -9.74
CA CYS C 43 -46.04 -25.60 -10.50
C CYS C 43 -45.95 -24.23 -11.17
N TYR C 44 -46.69 -24.08 -12.26
CA TYR C 44 -46.64 -22.90 -13.09
C TYR C 44 -48.07 -22.53 -13.43
N GLY C 45 -48.92 -22.59 -12.41
CA GLY C 45 -50.35 -22.34 -12.53
C GLY C 45 -50.95 -21.94 -11.20
N VAL C 46 -51.19 -22.92 -10.33
CA VAL C 46 -51.78 -22.70 -9.00
C VAL C 46 -51.29 -23.67 -7.92
N SER C 47 -52.02 -23.74 -6.80
CA SER C 47 -51.73 -24.68 -5.72
C SER C 47 -52.98 -24.99 -4.87
N ALA C 48 -54.10 -25.28 -5.54
CA ALA C 48 -55.35 -25.62 -4.89
C ALA C 48 -55.90 -26.95 -5.43
N THR C 49 -57.21 -27.18 -5.28
CA THR C 49 -57.84 -28.43 -5.70
C THR C 49 -59.26 -28.20 -6.23
N LYS C 50 -59.65 -28.97 -7.25
CA LYS C 50 -60.98 -28.82 -7.86
C LYS C 50 -61.71 -30.14 -8.19
N LEU C 51 -60.99 -31.28 -8.17
CA LEU C 51 -61.56 -32.63 -8.37
C LEU C 51 -62.19 -32.84 -9.77
N ASN C 52 -61.42 -32.53 -10.81
CA ASN C 52 -61.89 -32.56 -12.22
C ASN C 52 -62.28 -33.95 -12.70
N VAL C 59 -56.68 -33.24 -18.18
CA VAL C 59 -55.36 -33.43 -17.58
C VAL C 59 -54.43 -34.36 -18.39
N TYR C 60 -53.23 -33.86 -18.68
CA TYR C 60 -52.21 -34.68 -19.34
C TYR C 60 -51.01 -34.93 -18.42
N ALA C 61 -50.46 -36.14 -18.52
CA ALA C 61 -49.29 -36.55 -17.75
C ALA C 61 -48.22 -36.96 -18.72
N ASP C 62 -47.12 -36.23 -18.74
CA ASP C 62 -46.01 -36.56 -19.63
C ASP C 62 -44.84 -37.11 -18.83
N SER C 63 -44.47 -38.37 -19.09
CA SER C 63 -43.36 -39.04 -18.41
C SER C 63 -42.11 -38.89 -19.24
N PHE C 64 -40.94 -39.02 -18.61
CA PHE C 64 -39.63 -39.18 -19.28
C PHE C 64 -38.43 -39.10 -18.33
N VAL C 65 -37.24 -39.40 -18.84
CA VAL C 65 -36.02 -39.27 -18.05
C VAL C 65 -35.06 -38.25 -18.65
N VAL C 66 -34.56 -37.37 -17.78
CA VAL C 66 -33.41 -36.53 -18.14
C VAL C 66 -32.36 -36.49 -17.03
N LYS C 67 -31.25 -35.83 -17.32
CA LYS C 67 -30.14 -35.65 -16.41
C LYS C 67 -30.46 -34.54 -15.40
N GLY C 68 -30.03 -34.71 -14.15
CA GLY C 68 -30.27 -33.69 -13.12
C GLY C 68 -30.19 -32.27 -13.65
N ASP C 69 -29.07 -31.95 -14.28
CA ASP C 69 -28.84 -30.60 -14.80
C ASP C 69 -29.83 -30.23 -15.91
N ASP C 70 -30.47 -31.23 -16.49
CA ASP C 70 -31.42 -30.97 -17.58
C ASP C 70 -32.77 -30.55 -17.03
N VAL C 71 -33.10 -31.03 -15.82
CA VAL C 71 -34.39 -30.79 -15.18
C VAL C 71 -34.84 -29.31 -15.25
N ARG C 72 -33.88 -28.38 -15.18
CA ARG C 72 -34.21 -26.95 -15.31
C ARG C 72 -34.83 -26.60 -16.64
N GLN C 73 -34.40 -27.27 -17.71
CA GLN C 73 -34.95 -27.06 -19.05
C GLN C 73 -36.43 -27.44 -19.20
N ILE C 74 -36.97 -28.17 -18.22
CA ILE C 74 -38.38 -28.54 -18.29
C ILE C 74 -39.25 -27.47 -17.60
N ALA C 75 -39.08 -26.22 -18.02
CA ALA C 75 -39.90 -25.12 -17.55
C ALA C 75 -40.18 -24.15 -18.72
N PRO C 76 -41.24 -23.33 -18.63
CA PRO C 76 -41.45 -22.32 -19.68
C PRO C 76 -40.23 -21.42 -19.84
N GLY C 77 -39.94 -20.99 -21.05
CA GLY C 77 -38.66 -20.33 -21.34
C GLY C 77 -37.60 -21.42 -21.48
N GLN C 78 -36.40 -21.16 -20.97
CA GLN C 78 -35.27 -22.13 -21.01
C GLN C 78 -34.50 -22.29 -22.34
N THR C 79 -33.18 -22.06 -22.25
CA THR C 79 -32.24 -22.06 -23.38
C THR C 79 -32.44 -23.25 -24.32
N GLY C 80 -31.99 -24.46 -23.91
CA GLY C 80 -32.32 -25.67 -24.68
C GLY C 80 -31.39 -26.85 -24.87
N VAL C 81 -31.66 -27.62 -25.92
CA VAL C 81 -31.14 -28.99 -26.22
C VAL C 81 -32.13 -30.04 -25.79
N ILE C 82 -32.50 -30.04 -24.52
CA ILE C 82 -33.59 -30.88 -24.05
C ILE C 82 -34.90 -30.14 -24.29
N ALA C 83 -34.88 -28.84 -24.06
CA ALA C 83 -36.03 -27.98 -24.36
C ALA C 83 -36.13 -27.81 -25.87
N ASP C 84 -34.98 -27.57 -26.51
CA ASP C 84 -34.93 -27.23 -27.93
C ASP C 84 -35.34 -28.37 -28.85
N TYR C 85 -34.94 -29.59 -28.52
CA TYR C 85 -35.05 -30.70 -29.47
C TYR C 85 -35.84 -31.91 -28.96
N ASN C 86 -36.29 -31.87 -27.72
CA ASN C 86 -36.84 -33.07 -27.15
C ASN C 86 -38.26 -32.92 -26.60
N TYR C 87 -38.40 -32.03 -25.62
CA TYR C 87 -39.66 -31.76 -24.96
C TYR C 87 -39.69 -30.28 -24.67
N LYS C 88 -40.61 -29.56 -25.32
CA LYS C 88 -40.74 -28.12 -25.11
C LYS C 88 -42.05 -27.76 -24.42
N LEU C 89 -41.93 -27.12 -23.26
CA LEU C 89 -43.07 -26.55 -22.56
C LEU C 89 -43.54 -25.26 -23.25
N PRO C 90 -44.84 -24.93 -23.16
CA PRO C 90 -45.36 -23.72 -23.80
C PRO C 90 -45.12 -22.45 -22.99
N ASP C 91 -45.06 -21.32 -23.70
CA ASP C 91 -44.67 -20.01 -23.13
C ASP C 91 -45.41 -19.61 -21.87
N ASP C 92 -46.73 -19.51 -21.96
CA ASP C 92 -47.53 -19.06 -20.83
C ASP C 92 -48.21 -20.27 -20.20
N PHE C 93 -49.29 -20.70 -20.85
CA PHE C 93 -50.01 -21.94 -20.58
C PHE C 93 -49.21 -22.94 -19.73
N MET C 94 -49.76 -23.39 -18.60
CA MET C 94 -49.11 -24.44 -17.78
C MET C 94 -49.80 -24.95 -16.50
N GLY C 95 -49.35 -26.13 -16.06
CA GLY C 95 -49.65 -26.72 -14.74
C GLY C 95 -48.39 -27.00 -13.91
N CYS C 96 -48.13 -28.27 -13.59
CA CYS C 96 -46.99 -28.66 -12.71
C CYS C 96 -45.93 -29.59 -13.32
N VAL C 97 -44.75 -29.60 -12.68
CA VAL C 97 -43.59 -30.34 -13.14
C VAL C 97 -42.92 -31.04 -11.96
N LEU C 98 -42.83 -32.36 -12.01
CA LEU C 98 -42.26 -33.15 -10.91
C LEU C 98 -41.05 -34.01 -11.28
N ALA C 99 -39.94 -33.79 -10.60
CA ALA C 99 -38.72 -34.56 -10.84
C ALA C 99 -38.28 -35.28 -9.57
N TRP C 100 -37.41 -36.26 -9.74
CA TRP C 100 -36.92 -37.07 -8.62
C TRP C 100 -35.70 -37.95 -8.97
N ASN C 101 -34.84 -38.15 -7.98
CA ASN C 101 -33.61 -38.90 -8.22
C ASN C 101 -33.81 -40.40 -8.29
N THR C 102 -33.37 -40.98 -9.40
CA THR C 102 -33.56 -42.40 -9.57
C THR C 102 -32.26 -43.17 -9.77
N ARG C 103 -31.17 -42.68 -9.20
CA ARG C 103 -29.86 -43.32 -9.40
C ARG C 103 -29.95 -44.83 -9.15
N ASN C 104 -30.59 -45.20 -8.05
CA ASN C 104 -30.71 -46.58 -7.62
C ASN C 104 -31.49 -47.45 -8.59
N ILE C 105 -32.46 -46.86 -9.29
CA ILE C 105 -33.26 -47.58 -10.29
C ILE C 105 -32.64 -47.47 -11.69
N ASP C 106 -32.38 -46.24 -12.14
CA ASP C 106 -31.98 -45.96 -13.53
C ASP C 106 -30.49 -45.77 -13.80
N ALA C 107 -29.63 -46.13 -12.84
CA ALA C 107 -28.19 -46.11 -13.06
C ALA C 107 -27.50 -47.31 -12.42
N THR C 108 -26.39 -47.74 -13.02
CA THR C 108 -25.57 -48.84 -12.51
C THR C 108 -24.14 -48.39 -12.30
N SER C 109 -23.39 -49.12 -11.48
CA SER C 109 -21.96 -48.86 -11.30
C SER C 109 -21.17 -49.22 -12.56
N THR C 110 -21.84 -49.85 -13.51
CA THR C 110 -21.19 -50.24 -14.75
C THR C 110 -21.44 -49.21 -15.88
N GLY C 111 -22.57 -48.50 -15.75
CA GLY C 111 -23.05 -47.59 -16.79
C GLY C 111 -24.39 -48.08 -17.29
N ASN C 112 -25.37 -47.18 -17.41
CA ASN C 112 -26.66 -47.49 -18.01
C ASN C 112 -26.94 -46.53 -19.17
N TYR C 113 -27.13 -47.09 -20.36
CA TYR C 113 -27.18 -46.29 -21.58
C TYR C 113 -28.51 -46.46 -22.34
N ASN C 114 -29.53 -46.97 -21.67
CA ASN C 114 -30.84 -47.14 -22.32
C ASN C 114 -31.60 -45.83 -22.60
N TYR C 115 -31.26 -44.77 -21.87
CA TYR C 115 -31.99 -43.52 -22.01
C TYR C 115 -31.42 -42.59 -23.13
N LYS C 116 -32.25 -42.31 -24.14
CA LYS C 116 -31.80 -41.53 -25.30
C LYS C 116 -32.29 -40.07 -25.28
N TYR C 117 -31.55 -39.15 -25.92
CA TYR C 117 -32.06 -37.81 -26.18
C TYR C 117 -31.56 -37.34 -27.52
N ARG C 118 -32.29 -36.44 -28.18
CA ARG C 118 -31.88 -35.85 -29.48
C ARG C 118 -31.08 -34.54 -29.36
N TYR C 119 -29.94 -34.45 -30.03
CA TYR C 119 -29.10 -33.26 -29.92
C TYR C 119 -28.87 -32.50 -31.24
N LEU C 120 -29.51 -32.95 -32.32
CA LEU C 120 -29.42 -32.28 -33.61
C LEU C 120 -30.78 -32.28 -34.30
N ARG C 121 -31.12 -31.16 -34.92
CA ARG C 121 -32.41 -31.00 -35.56
C ARG C 121 -32.43 -29.68 -36.30
N HIS C 122 -33.14 -29.64 -37.42
CA HIS C 122 -33.35 -28.40 -38.16
C HIS C 122 -34.52 -27.62 -37.60
N GLY C 123 -34.20 -26.67 -36.73
CA GLY C 123 -35.24 -25.88 -36.07
C GLY C 123 -35.72 -26.53 -34.81
N LYS C 124 -36.07 -25.71 -33.82
CA LYS C 124 -36.59 -26.19 -32.55
C LYS C 124 -38.00 -26.76 -32.71
N LEU C 125 -38.50 -27.40 -31.66
CA LEU C 125 -39.84 -27.95 -31.65
C LEU C 125 -40.86 -26.89 -31.30
N ARG C 126 -42.13 -27.18 -31.59
CA ARG C 126 -43.23 -26.38 -31.07
C ARG C 126 -43.66 -27.00 -29.76
N PRO C 127 -44.23 -26.20 -28.84
CA PRO C 127 -44.69 -26.76 -27.56
C PRO C 127 -45.48 -28.06 -27.75
N PHE C 128 -45.10 -29.08 -26.99
CA PHE C 128 -45.73 -30.41 -27.01
C PHE C 128 -45.55 -31.24 -28.29
N GLU C 129 -44.75 -30.73 -29.22
CA GLU C 129 -44.36 -31.49 -30.43
C GLU C 129 -43.41 -32.63 -30.01
N ARG C 130 -43.31 -33.65 -30.87
CA ARG C 130 -42.60 -34.88 -30.55
C ARG C 130 -41.89 -35.48 -31.77
N ASP C 131 -40.56 -35.55 -31.71
CA ASP C 131 -39.79 -36.04 -32.83
C ASP C 131 -39.25 -37.44 -32.55
N ILE C 132 -39.79 -38.42 -33.27
CA ILE C 132 -39.55 -39.86 -33.05
C ILE C 132 -38.56 -40.40 -34.07
N SER C 133 -38.20 -39.57 -35.03
CA SER C 133 -37.39 -39.98 -36.16
C SER C 133 -35.94 -40.22 -35.78
N ASN C 134 -35.31 -41.13 -36.51
CA ASN C 134 -33.92 -41.38 -36.33
C ASN C 134 -33.21 -41.47 -37.69
N VAL C 135 -33.00 -40.31 -38.30
CA VAL C 135 -32.41 -40.19 -39.65
C VAL C 135 -31.04 -39.46 -39.61
N PRO C 136 -30.01 -40.02 -40.27
CA PRO C 136 -28.70 -39.37 -40.27
C PRO C 136 -28.78 -37.89 -40.70
N PHE C 137 -27.97 -37.06 -40.04
CA PHE C 137 -28.13 -35.60 -40.02
C PHE C 137 -26.94 -34.86 -40.63
N SER C 138 -27.23 -33.84 -41.45
CA SER C 138 -26.21 -32.90 -41.97
C SER C 138 -26.73 -31.47 -41.88
N PRO C 139 -25.88 -30.53 -41.38
CA PRO C 139 -26.33 -29.18 -40.98
C PRO C 139 -26.85 -28.26 -42.11
N ASP C 140 -26.98 -28.80 -43.31
CA ASP C 140 -27.50 -28.06 -44.46
C ASP C 140 -28.51 -28.86 -45.26
N GLY C 141 -29.31 -29.67 -44.56
CA GLY C 141 -30.25 -30.60 -45.19
C GLY C 141 -29.49 -31.74 -45.82
N LYS C 142 -29.92 -32.17 -47.00
CA LYS C 142 -29.23 -33.19 -47.81
C LYS C 142 -29.20 -34.56 -47.16
N PRO C 143 -29.60 -35.61 -47.92
CA PRO C 143 -29.48 -36.97 -47.40
C PRO C 143 -28.05 -37.28 -46.96
N CYS C 144 -27.92 -38.28 -46.10
CA CYS C 144 -26.68 -38.54 -45.37
C CYS C 144 -26.36 -40.02 -45.34
N THR C 145 -25.10 -40.36 -45.55
CA THR C 145 -24.70 -41.75 -45.39
C THR C 145 -23.36 -41.88 -44.66
N PRO C 146 -23.39 -41.92 -43.30
CA PRO C 146 -22.23 -42.23 -42.48
C PRO C 146 -21.63 -43.59 -42.86
N PRO C 147 -20.32 -43.81 -42.63
CA PRO C 147 -19.30 -43.09 -41.82
C PRO C 147 -18.86 -41.70 -42.30
N ALA C 148 -19.52 -41.17 -43.33
CA ALA C 148 -19.20 -39.87 -43.91
C ALA C 148 -18.99 -38.73 -42.92
N LEU C 149 -18.15 -37.77 -43.34
CA LEU C 149 -17.85 -36.55 -42.59
C LEU C 149 -19.06 -35.62 -42.64
N ASN C 150 -19.36 -35.00 -41.50
CA ASN C 150 -20.48 -34.06 -41.35
C ASN C 150 -21.87 -34.74 -41.38
N CYS C 151 -21.88 -36.07 -41.35
CA CYS C 151 -23.09 -36.84 -41.09
C CYS C 151 -22.99 -37.37 -39.67
N TYR C 152 -24.05 -37.17 -38.89
CA TYR C 152 -24.10 -37.66 -37.53
C TYR C 152 -25.47 -38.27 -37.20
N TRP C 153 -25.51 -39.17 -36.22
CA TRP C 153 -26.77 -39.70 -35.71
C TRP C 153 -27.32 -38.78 -34.63
N PRO C 154 -28.55 -38.27 -34.84
CA PRO C 154 -29.07 -37.19 -34.03
C PRO C 154 -29.38 -37.61 -32.60
N LEU C 155 -29.42 -38.91 -32.33
CA LEU C 155 -29.80 -39.41 -31.03
C LEU C 155 -28.58 -39.80 -30.20
N ASN C 156 -28.52 -39.31 -28.95
CA ASN C 156 -27.40 -39.65 -28.08
C ASN C 156 -27.85 -40.46 -26.88
N ASP C 157 -26.91 -41.24 -26.33
CA ASP C 157 -27.14 -42.08 -25.17
C ASP C 157 -26.72 -41.33 -23.90
N TYR C 158 -27.53 -41.46 -22.85
CA TYR C 158 -27.29 -40.69 -21.64
C TYR C 158 -26.11 -41.12 -20.80
N GLY C 159 -25.90 -42.42 -20.61
CA GLY C 159 -24.78 -42.84 -19.73
C GLY C 159 -24.89 -42.40 -18.26
N PHE C 160 -25.70 -43.12 -17.49
CA PHE C 160 -25.97 -42.82 -16.10
C PHE C 160 -25.25 -43.83 -15.21
N TYR C 161 -24.31 -43.36 -14.38
CA TYR C 161 -23.55 -44.22 -13.46
C TYR C 161 -23.79 -43.76 -12.04
N THR C 162 -23.86 -44.73 -11.13
CA THR C 162 -23.94 -44.50 -9.70
C THR C 162 -22.99 -43.41 -9.18
N THR C 163 -21.74 -43.45 -9.65
CA THR C 163 -20.67 -42.67 -9.08
C THR C 163 -20.68 -41.19 -9.45
N THR C 164 -21.43 -40.82 -10.49
CA THR C 164 -21.44 -39.43 -10.97
C THR C 164 -21.98 -38.43 -9.93
N GLY C 165 -21.83 -37.15 -10.24
CA GLY C 165 -22.39 -36.07 -9.44
C GLY C 165 -23.88 -35.98 -9.65
N ILE C 166 -24.56 -35.32 -8.71
CA ILE C 166 -26.01 -35.27 -8.71
C ILE C 166 -26.54 -34.71 -10.01
N GLY C 167 -25.85 -33.71 -10.55
CA GLY C 167 -26.27 -33.07 -11.78
C GLY C 167 -26.19 -33.99 -12.97
N TYR C 168 -25.46 -35.10 -12.81
CA TYR C 168 -25.31 -36.13 -13.86
C TYR C 168 -26.07 -37.44 -13.58
N GLN C 169 -26.90 -37.42 -12.54
CA GLN C 169 -27.70 -38.58 -12.16
C GLN C 169 -29.07 -38.57 -12.87
N PRO C 170 -29.67 -39.76 -13.10
CA PRO C 170 -30.93 -39.78 -13.83
C PRO C 170 -32.07 -39.30 -12.96
N TYR C 171 -32.97 -38.54 -13.57
CA TYR C 171 -34.13 -37.99 -12.88
C TYR C 171 -35.39 -38.28 -13.67
N ARG C 172 -36.27 -39.06 -13.06
CA ARG C 172 -37.56 -39.35 -13.68
C ARG C 172 -38.43 -38.11 -13.55
N VAL C 173 -38.91 -37.58 -14.68
CA VAL C 173 -39.70 -36.36 -14.68
C VAL C 173 -41.14 -36.62 -15.13
N VAL C 174 -42.08 -35.92 -14.50
CA VAL C 174 -43.49 -36.03 -14.86
C VAL C 174 -44.05 -34.63 -14.98
N VAL C 175 -44.58 -34.31 -16.15
CA VAL C 175 -45.19 -33.01 -16.39
C VAL C 175 -46.72 -33.12 -16.46
N LEU C 176 -47.41 -32.43 -15.55
CA LEU C 176 -48.88 -32.39 -15.56
C LEU C 176 -49.38 -31.15 -16.29
N SER C 177 -50.30 -31.34 -17.24
CA SER C 177 -50.83 -30.24 -18.06
C SER C 177 -52.34 -30.07 -17.86
N PHE C 178 -52.79 -28.81 -17.78
CA PHE C 178 -54.21 -28.49 -17.51
C PHE C 178 -54.90 -27.67 -18.63
N GLU C 179 -56.08 -28.12 -19.03
CA GLU C 179 -56.90 -27.45 -20.04
C GLU C 179 -58.25 -26.95 -19.48
N PRO D 1 43.31 23.70 45.68
CA PRO D 1 42.71 25.03 45.71
C PRO D 1 41.76 25.27 44.55
N PHE D 2 41.26 24.18 43.96
CA PHE D 2 40.39 24.24 42.78
C PHE D 2 39.01 24.77 43.07
N GLY D 3 38.43 24.34 44.19
CA GLY D 3 37.12 24.80 44.63
C GLY D 3 37.08 26.29 44.93
N GLU D 4 38.12 27.00 44.52
CA GLU D 4 38.16 28.45 44.59
C GLU D 4 37.99 29.10 43.21
N VAL D 5 38.07 28.28 42.17
CA VAL D 5 37.85 28.71 40.77
C VAL D 5 36.43 28.33 40.32
N PHE D 6 36.20 27.06 40.01
CA PHE D 6 34.84 26.51 40.01
C PHE D 6 34.41 26.65 41.45
N ASN D 7 33.15 27.03 41.67
CA ASN D 7 32.70 27.40 43.03
C ASN D 7 32.96 28.87 43.38
N ALA D 8 33.69 29.59 42.52
CA ALA D 8 33.82 31.03 42.68
C ALA D 8 32.47 31.65 42.48
N THR D 9 32.07 32.52 43.41
CA THR D 9 30.79 33.21 43.33
C THR D 9 30.58 33.87 41.96
N LYS D 10 31.54 34.69 41.56
CA LYS D 10 31.51 35.45 40.30
C LYS D 10 32.46 34.88 39.26
N PHE D 11 32.17 35.15 37.99
CA PHE D 11 33.04 34.83 36.86
C PHE D 11 33.05 36.02 35.91
N PRO D 12 34.17 36.24 35.20
CA PRO D 12 34.31 37.38 34.29
C PRO D 12 33.79 37.15 32.88
N SER D 13 33.66 38.24 32.13
CA SER D 13 33.40 38.19 30.68
C SER D 13 34.57 37.56 29.91
N VAL D 14 34.25 36.86 28.81
CA VAL D 14 35.27 36.23 27.96
C VAL D 14 36.37 37.18 27.53
N TYR D 15 35.97 38.34 26.99
CA TYR D 15 36.92 39.30 26.41
C TYR D 15 37.86 39.78 27.50
N ALA D 16 37.39 39.67 28.73
CA ALA D 16 38.14 40.10 29.89
C ALA D 16 38.48 38.92 30.83
N TRP D 17 38.66 37.73 30.28
CA TRP D 17 38.98 36.53 31.08
C TRP D 17 40.11 36.75 32.10
N GLU D 18 40.03 35.99 33.20
CA GLU D 18 41.07 36.03 34.24
C GLU D 18 41.84 34.73 34.18
N ARG D 19 43.07 34.79 34.64
CA ARG D 19 43.91 33.63 34.77
C ARG D 19 44.39 33.50 36.21
N LYS D 20 44.23 32.31 36.77
CA LYS D 20 44.81 32.02 38.07
C LYS D 20 46.04 31.13 37.89
N LYS D 21 47.16 31.53 38.49
CA LYS D 21 48.39 30.74 38.49
C LYS D 21 48.33 29.70 39.60
N ILE D 22 48.73 28.48 39.29
CA ILE D 22 48.77 27.39 40.27
C ILE D 22 50.12 26.65 40.26
N SER D 23 50.94 26.95 41.27
CA SER D 23 52.23 26.29 41.48
C SER D 23 52.30 25.77 42.92
N ASN D 24 53.28 24.90 43.21
CA ASN D 24 53.55 24.42 44.57
C ASN D 24 52.29 23.97 45.32
N CYS D 25 51.73 22.85 44.85
CA CYS D 25 50.39 22.44 45.27
C CYS D 25 50.17 20.97 44.93
N VAL D 26 49.30 20.31 45.71
CA VAL D 26 48.79 18.98 45.33
C VAL D 26 47.28 19.02 45.09
N ALA D 27 46.87 18.56 43.92
CA ALA D 27 45.47 18.40 43.56
C ALA D 27 45.22 16.95 43.20
N ASP D 28 44.14 16.40 43.75
CA ASP D 28 43.76 15.00 43.53
C ASP D 28 43.06 14.83 42.17
N TYR D 29 42.44 15.90 41.70
CA TYR D 29 41.69 15.92 40.43
C TYR D 29 40.33 15.20 40.48
N SER D 30 40.19 14.24 41.40
CA SER D 30 38.94 13.49 41.59
C SER D 30 37.72 14.41 41.76
N VAL D 31 37.99 15.65 42.17
CA VAL D 31 36.97 16.70 42.30
C VAL D 31 36.35 17.01 40.93
N LEU D 32 37.02 16.57 39.86
CA LEU D 32 36.55 16.82 38.51
C LEU D 32 36.15 15.54 37.75
N TYR D 33 36.88 14.44 37.99
CA TYR D 33 36.53 13.12 37.47
C TYR D 33 35.12 12.72 37.91
N ASN D 34 34.89 12.80 39.23
CA ASN D 34 33.66 12.33 39.86
C ASN D 34 32.54 13.37 39.78
N SER D 35 32.10 13.67 38.55
CA SER D 35 31.15 14.75 38.35
C SER D 35 30.35 14.64 37.05
N THR D 36 29.01 14.54 37.17
CA THR D 36 28.09 14.64 36.02
C THR D 36 27.55 16.06 35.96
N PHE D 37 28.09 16.88 36.86
CA PHE D 37 27.86 18.32 36.91
C PHE D 37 28.40 19.01 35.65
N PHE D 38 29.45 18.45 35.06
CA PHE D 38 30.11 19.06 33.90
C PHE D 38 29.53 18.62 32.58
N SER D 39 29.03 19.60 31.83
CA SER D 39 28.43 19.35 30.51
C SER D 39 29.49 19.15 29.44
N THR D 40 30.69 19.67 29.69
CA THR D 40 31.82 19.54 28.78
C THR D 40 33.03 19.22 29.62
N PHE D 41 33.78 18.19 29.22
CA PHE D 41 35.04 17.80 29.85
C PHE D 41 35.91 17.23 28.75
N LYS D 42 36.50 18.10 27.94
CA LYS D 42 37.38 17.68 26.86
C LYS D 42 38.83 17.93 27.21
N CYS D 43 39.65 16.89 27.13
CA CYS D 43 41.08 17.03 27.37
C CYS D 43 41.85 16.75 26.11
N TYR D 44 42.74 17.67 25.74
CA TYR D 44 43.63 17.50 24.60
C TYR D 44 45.04 17.29 25.14
N GLY D 45 45.12 16.35 26.07
CA GLY D 45 46.34 15.94 26.77
C GLY D 45 46.21 14.48 27.16
N VAL D 46 45.40 14.19 28.19
CA VAL D 46 45.12 12.82 28.67
C VAL D 46 43.92 12.69 29.62
N SER D 47 44.17 12.07 30.77
CA SER D 47 43.22 11.86 31.87
C SER D 47 43.86 10.95 32.92
N ALA D 48 45.00 11.41 33.47
CA ALA D 48 45.78 10.66 34.45
C ALA D 48 46.28 11.56 35.61
N THR D 49 47.37 11.17 36.28
CA THR D 49 47.81 11.85 37.50
C THR D 49 49.32 11.86 37.75
N LYS D 50 49.79 13.00 38.28
CA LYS D 50 51.17 13.19 38.73
C LYS D 50 51.33 14.01 40.06
N LEU D 51 50.21 14.56 40.58
CA LEU D 51 50.19 15.37 41.83
C LEU D 51 51.25 16.51 41.84
N ASN D 52 51.08 17.42 40.89
CA ASN D 52 51.97 18.53 40.56
C ASN D 52 51.43 19.84 41.15
N VAL D 59 50.39 24.89 36.38
CA VAL D 59 48.93 24.92 36.19
C VAL D 59 48.32 26.34 36.09
N TYR D 60 47.51 26.54 35.07
CA TYR D 60 46.83 27.81 34.85
C TYR D 60 45.35 27.55 34.61
N ALA D 61 44.51 28.21 35.40
CA ALA D 61 43.08 28.13 35.19
C ALA D 61 42.54 29.45 34.65
N ASP D 62 41.95 29.40 33.46
CA ASP D 62 41.28 30.55 32.87
C ASP D 62 39.77 30.38 33.01
N SER D 63 39.11 31.41 33.53
CA SER D 63 37.66 31.42 33.72
C SER D 63 37.01 32.42 32.78
N PHE D 64 35.76 32.17 32.44
CA PHE D 64 34.93 33.14 31.73
C PHE D 64 33.57 32.52 31.36
N VAL D 65 32.59 33.39 31.16
CA VAL D 65 31.25 32.97 30.78
C VAL D 65 31.01 33.12 29.27
N VAL D 66 30.54 32.04 28.64
CA VAL D 66 30.07 32.10 27.24
C VAL D 66 28.75 31.37 27.09
N LYS D 67 28.04 31.71 26.02
CA LYS D 67 26.76 31.08 25.72
C LYS D 67 26.92 29.66 25.18
N GLY D 68 25.92 28.82 25.44
CA GLY D 68 25.93 27.43 24.96
C GLY D 68 26.68 27.16 23.66
N ASP D 69 26.18 27.70 22.56
CA ASP D 69 26.77 27.42 21.25
C ASP D 69 28.17 28.00 21.02
N ASP D 70 28.63 28.83 21.95
CA ASP D 70 29.96 29.40 21.85
C ASP D 70 31.00 28.51 22.50
N VAL D 71 30.56 27.58 23.35
CA VAL D 71 31.47 26.66 24.02
C VAL D 71 32.35 25.86 23.05
N ARG D 72 31.83 25.54 21.86
CA ARG D 72 32.53 24.66 20.91
C ARG D 72 33.78 25.32 20.33
N GLN D 73 33.91 26.62 20.55
CA GLN D 73 35.05 27.40 20.08
C GLN D 73 36.18 27.39 21.08
N ILE D 74 35.97 26.76 22.23
CA ILE D 74 37.00 26.75 23.27
C ILE D 74 37.74 25.42 23.16
N ALA D 75 38.53 25.33 22.09
CA ALA D 75 39.27 24.12 21.73
C ALA D 75 40.24 24.46 20.60
N PRO D 76 41.37 23.74 20.50
CA PRO D 76 42.32 23.97 19.40
C PRO D 76 41.63 24.01 18.04
N GLY D 77 42.22 24.74 17.09
CA GLY D 77 41.54 25.05 15.84
C GLY D 77 40.51 26.13 16.12
N GLN D 78 39.29 25.94 15.64
CA GLN D 78 38.12 26.81 15.94
C GLN D 78 37.99 28.18 15.27
N THR D 79 36.79 28.40 14.76
CA THR D 79 36.56 29.25 13.60
C THR D 79 36.49 30.75 13.88
N GLY D 80 35.55 31.21 14.73
CA GLY D 80 35.36 32.68 14.89
C GLY D 80 34.70 33.36 16.10
N VAL D 81 34.91 34.67 16.19
CA VAL D 81 34.29 35.57 17.21
C VAL D 81 34.70 35.36 18.68
N ILE D 82 34.51 34.18 19.23
CA ILE D 82 35.00 33.93 20.57
C ILE D 82 36.44 33.44 20.50
N ALA D 83 36.73 32.56 19.54
CA ALA D 83 38.10 32.12 19.31
C ALA D 83 38.92 33.19 18.59
N ASP D 84 38.25 34.06 17.85
CA ASP D 84 38.92 35.00 16.96
C ASP D 84 39.30 36.30 17.62
N TYR D 85 38.34 36.87 18.35
CA TYR D 85 38.52 38.21 18.93
C TYR D 85 38.57 38.20 20.47
N ASN D 86 38.37 37.03 21.06
CA ASN D 86 38.19 36.93 22.50
C ASN D 86 39.21 36.07 23.24
N TYR D 87 39.30 34.80 22.87
CA TYR D 87 40.09 33.81 23.60
C TYR D 87 40.52 32.66 22.68
N LYS D 88 41.79 32.63 22.28
CA LYS D 88 42.25 31.61 21.33
C LYS D 88 43.19 30.59 21.97
N LEU D 89 42.84 29.32 21.87
CA LEU D 89 43.70 28.24 22.30
C LEU D 89 44.69 27.91 21.18
N PRO D 90 45.96 27.61 21.53
CA PRO D 90 47.02 27.28 20.57
C PRO D 90 46.84 25.91 19.90
N ASP D 91 47.17 25.88 18.60
CA ASP D 91 46.88 24.74 17.73
C ASP D 91 47.26 23.38 18.29
N ASP D 92 48.40 23.31 18.95
CA ASP D 92 48.79 22.07 19.56
C ASP D 92 48.63 22.22 21.08
N PHE D 93 49.72 22.64 21.73
CA PHE D 93 49.77 22.96 23.16
C PHE D 93 48.38 22.86 23.83
N MET D 94 48.18 21.88 24.71
CA MET D 94 46.92 21.81 25.47
C MET D 94 46.81 20.89 26.71
N GLY D 95 45.86 21.26 27.58
CA GLY D 95 45.31 20.44 28.67
C GLY D 95 43.78 20.27 28.59
N CYS D 96 43.06 20.44 29.70
CA CYS D 96 41.58 20.23 29.75
C CYS D 96 40.72 21.51 29.74
N VAL D 97 39.49 21.35 29.24
CA VAL D 97 38.51 22.42 29.08
C VAL D 97 37.19 21.96 29.69
N LEU D 98 36.83 22.48 30.86
CA LEU D 98 35.60 22.10 31.52
C LEU D 98 34.60 23.23 31.40
N ALA D 99 33.32 22.86 31.24
CA ALA D 99 32.20 23.81 31.11
C ALA D 99 30.91 23.22 31.66
N TRP D 100 30.05 24.11 32.16
CA TRP D 100 28.82 23.68 32.81
C TRP D 100 27.69 24.71 32.72
N ASN D 101 26.46 24.20 32.62
CA ASN D 101 25.29 25.06 32.46
C ASN D 101 24.98 25.84 33.72
N THR D 102 24.95 27.15 33.58
CA THR D 102 24.65 28.02 34.70
C THR D 102 23.44 28.90 34.40
N ARG D 103 22.31 28.28 34.08
CA ARG D 103 21.10 29.06 33.81
C ARG D 103 20.61 29.76 35.07
N ASN D 104 20.52 29.00 36.15
CA ASN D 104 19.94 29.48 37.42
C ASN D 104 20.86 30.40 38.24
N ILE D 105 22.04 30.73 37.69
CA ILE D 105 23.04 31.54 38.40
C ILE D 105 23.39 32.82 37.63
N ASP D 106 23.61 32.68 36.32
CA ASP D 106 24.04 33.78 35.46
C ASP D 106 22.95 34.30 34.54
N ALA D 107 21.78 33.69 34.62
CA ALA D 107 20.63 34.15 33.84
C ALA D 107 19.44 34.45 34.74
N THR D 108 18.75 35.54 34.42
CA THR D 108 17.57 35.95 35.17
C THR D 108 16.38 36.03 34.24
N SER D 109 15.22 35.57 34.71
CA SER D 109 14.00 35.56 33.88
C SER D 109 13.61 36.97 33.41
N THR D 110 14.31 37.97 33.91
CA THR D 110 14.09 39.34 33.49
C THR D 110 15.17 39.83 32.51
N GLY D 111 16.34 39.20 32.55
CA GLY D 111 17.40 39.43 31.56
C GLY D 111 18.71 39.97 32.10
N ASN D 112 19.78 39.17 31.99
CA ASN D 112 21.07 39.55 32.55
C ASN D 112 22.15 39.87 31.51
N TYR D 113 22.59 41.14 31.50
CA TYR D 113 23.45 41.68 30.46
C TYR D 113 24.85 42.04 30.96
N ASN D 114 25.23 41.58 32.15
CA ASN D 114 26.57 41.92 32.70
C ASN D 114 27.75 41.36 31.89
N TYR D 115 27.55 40.19 31.30
CA TYR D 115 28.57 39.50 30.54
C TYR D 115 28.77 40.10 29.13
N LYS D 116 30.03 40.45 28.83
CA LYS D 116 30.37 41.06 27.55
C LYS D 116 31.22 40.12 26.67
N TYR D 117 31.37 40.48 25.41
CA TYR D 117 32.32 39.84 24.48
C TYR D 117 32.70 40.81 23.37
N ARG D 118 33.87 40.61 22.76
CA ARG D 118 34.32 41.51 21.70
C ARG D 118 33.91 40.98 20.32
N TYR D 119 33.10 41.75 19.59
CA TYR D 119 32.61 41.29 18.28
C TYR D 119 33.26 41.97 17.08
N LEU D 120 34.19 42.88 17.30
CA LEU D 120 34.91 43.53 16.22
C LEU D 120 36.35 43.82 16.60
N ARG D 121 37.28 43.32 15.79
CA ARG D 121 38.71 43.50 16.07
C ARG D 121 39.52 43.57 14.78
N HIS D 122 40.56 44.42 14.81
CA HIS D 122 41.48 44.61 13.68
C HIS D 122 42.55 43.52 13.59
N GLY D 123 42.12 42.27 13.47
CA GLY D 123 43.01 41.13 13.33
C GLY D 123 42.78 40.07 14.38
N LYS D 124 42.95 38.81 14.01
CA LYS D 124 42.78 37.70 14.94
C LYS D 124 43.81 37.73 16.07
N LEU D 125 43.41 37.23 17.24
CA LEU D 125 44.33 37.08 18.36
C LEU D 125 45.27 35.93 18.11
N ARG D 126 46.47 36.05 18.65
CA ARG D 126 47.36 34.92 18.75
C ARG D 126 46.84 34.10 19.94
N PRO D 127 47.38 32.87 20.15
CA PRO D 127 46.97 32.11 21.32
C PRO D 127 47.17 32.88 22.61
N PHE D 128 46.25 32.71 23.55
CA PHE D 128 46.35 33.28 24.91
C PHE D 128 46.46 34.79 25.06
N GLU D 129 46.44 35.53 23.96
CA GLU D 129 46.37 36.99 23.97
C GLU D 129 45.14 37.47 24.74
N ARG D 130 45.15 38.73 25.14
CA ARG D 130 44.04 39.29 25.91
C ARG D 130 43.90 40.78 25.56
N ASP D 131 42.76 41.13 24.95
CA ASP D 131 42.45 42.51 24.57
C ASP D 131 41.41 43.09 25.52
N ILE D 132 41.71 44.26 26.06
CA ILE D 132 40.98 44.83 27.18
C ILE D 132 40.40 46.19 26.80
N SER D 133 40.81 46.67 25.63
CA SER D 133 40.48 48.01 25.17
C SER D 133 39.01 48.19 24.82
N ASN D 134 38.48 49.36 25.15
CA ASN D 134 37.20 49.78 24.65
C ASN D 134 37.42 51.04 23.81
N VAL D 135 37.96 50.81 22.60
CA VAL D 135 38.18 51.89 21.62
C VAL D 135 37.24 51.66 20.43
N PRO D 136 36.52 52.72 19.99
CA PRO D 136 35.59 52.61 18.86
C PRO D 136 36.29 52.18 17.57
N PHE D 137 35.65 51.26 16.85
CA PHE D 137 36.23 50.55 15.73
C PHE D 137 35.79 51.13 14.39
N SER D 138 36.73 51.24 13.46
CA SER D 138 36.43 51.56 12.07
C SER D 138 37.12 50.53 11.17
N PRO D 139 36.38 49.94 10.22
CA PRO D 139 36.89 48.87 9.34
C PRO D 139 38.03 49.29 8.39
N ASP D 140 38.28 50.60 8.29
CA ASP D 140 39.44 51.13 7.59
C ASP D 140 40.13 52.15 8.47
N GLY D 141 41.15 51.70 9.22
CA GLY D 141 41.89 52.55 10.16
C GLY D 141 40.97 53.46 10.96
N LYS D 142 41.17 54.77 10.79
CA LYS D 142 40.25 55.83 11.29
C LYS D 142 39.88 55.76 12.78
N PRO D 143 40.40 56.70 13.58
CA PRO D 143 39.88 56.86 14.93
C PRO D 143 38.39 57.23 14.88
N CYS D 144 37.65 56.78 15.89
CA CYS D 144 36.20 56.91 15.86
C CYS D 144 35.63 57.79 16.95
N THR D 145 34.45 58.33 16.66
CA THR D 145 33.63 59.00 17.66
C THR D 145 32.17 58.76 17.33
N PRO D 146 31.47 57.94 18.14
CA PRO D 146 30.01 57.82 18.02
C PRO D 146 29.29 59.16 18.23
N PRO D 147 28.06 59.32 17.70
CA PRO D 147 27.25 58.33 16.97
C PRO D 147 27.49 58.28 15.46
N ALA D 148 28.71 58.61 15.04
CA ALA D 148 29.09 58.62 13.62
C ALA D 148 28.94 57.25 12.94
N LEU D 149 28.51 57.29 11.68
CA LEU D 149 28.23 56.08 10.90
C LEU D 149 29.49 55.38 10.46
N ASN D 150 29.45 54.04 10.53
CA ASN D 150 30.62 53.18 10.33
C ASN D 150 31.60 53.16 11.51
N CYS D 151 31.14 53.63 12.66
CA CYS D 151 31.87 53.49 13.92
C CYS D 151 31.03 52.76 14.95
N TYR D 152 31.62 51.75 15.60
CA TYR D 152 30.89 50.91 16.54
C TYR D 152 31.70 50.69 17.82
N TRP D 153 30.99 50.63 18.97
CA TRP D 153 31.56 50.18 20.24
C TRP D 153 31.63 48.67 20.23
N PRO D 154 32.84 48.10 20.41
CA PRO D 154 33.11 46.73 20.00
C PRO D 154 32.76 45.65 21.03
N LEU D 155 32.28 46.07 22.20
CA LEU D 155 31.89 45.12 23.22
C LEU D 155 30.39 45.01 23.30
N ASN D 156 29.87 43.89 22.85
CA ASN D 156 28.45 43.62 22.99
C ASN D 156 28.14 42.87 24.27
N ASP D 157 26.90 43.02 24.72
CA ASP D 157 26.40 42.28 25.87
C ASP D 157 25.83 40.97 25.39
N TYR D 158 25.86 39.97 26.27
CA TYR D 158 25.22 38.72 25.98
C TYR D 158 23.69 38.79 26.13
N GLY D 159 23.22 39.15 27.33
CA GLY D 159 21.78 39.05 27.59
C GLY D 159 21.34 37.60 27.76
N PHE D 160 21.40 37.13 29.01
CA PHE D 160 21.08 35.77 29.37
C PHE D 160 19.75 35.72 30.12
N TYR D 161 18.69 35.34 29.42
CA TYR D 161 17.40 35.11 30.02
C TYR D 161 17.29 33.64 30.41
N THR D 162 16.41 33.36 31.39
CA THR D 162 16.15 32.02 31.90
C THR D 162 15.40 31.13 30.92
N THR D 163 14.65 31.76 30.01
CA THR D 163 13.75 31.06 29.10
C THR D 163 14.34 30.66 27.74
N THR D 164 15.58 31.05 27.43
CA THR D 164 16.18 30.76 26.11
C THR D 164 16.49 29.27 25.91
N GLY D 165 16.85 28.90 24.68
CA GLY D 165 17.29 27.55 24.40
C GLY D 165 18.63 27.29 25.08
N ILE D 166 19.00 26.02 25.19
CA ILE D 166 20.22 25.62 25.88
C ILE D 166 21.42 26.33 25.23
N GLY D 167 21.41 26.45 23.91
CA GLY D 167 22.52 27.02 23.17
C GLY D 167 22.70 28.51 23.36
N TYR D 168 21.72 29.13 24.02
CA TYR D 168 21.73 30.56 24.28
C TYR D 168 21.88 30.82 25.77
N GLN D 169 21.79 29.76 26.57
CA GLN D 169 21.98 29.85 28.02
C GLN D 169 23.44 30.09 28.35
N PRO D 170 23.72 30.72 29.52
CA PRO D 170 25.14 30.92 29.90
C PRO D 170 25.82 29.65 30.41
N TYR D 171 27.10 29.53 30.11
CA TYR D 171 27.94 28.44 30.57
C TYR D 171 29.24 28.94 31.19
N ARG D 172 29.49 28.56 32.44
CA ARG D 172 30.80 28.82 33.04
C ARG D 172 31.80 27.80 32.52
N VAL D 173 33.00 28.27 32.19
CA VAL D 173 34.06 27.48 31.54
C VAL D 173 35.38 27.73 32.23
N VAL D 174 36.13 26.67 32.52
CA VAL D 174 37.45 26.82 33.10
C VAL D 174 38.42 26.02 32.26
N VAL D 175 39.49 26.68 31.83
CA VAL D 175 40.51 26.04 31.00
C VAL D 175 41.74 25.79 31.85
N LEU D 176 42.16 24.53 31.89
CA LEU D 176 43.37 24.15 32.60
C LEU D 176 44.50 23.95 31.61
N SER D 177 45.66 24.49 31.93
CA SER D 177 46.86 24.34 31.11
C SER D 177 47.98 23.72 31.93
N PHE D 178 48.83 22.93 31.28
CA PHE D 178 49.92 22.24 31.97
C PHE D 178 51.27 22.56 31.30
N GLU D 179 52.35 22.53 32.09
CA GLU D 179 53.71 22.84 31.61
C GLU D 179 54.85 22.20 32.43
C1 NDG E . -19.90 -18.59 -29.70
C2 NDG E . -20.77 -17.78 -28.73
C3 NDG E . -21.05 -18.51 -27.42
C4 NDG E . -21.32 -20.01 -27.58
C5 NDG E . -20.48 -20.69 -28.67
C6 NDG E . -21.08 -22.03 -29.06
C7 NDG E . -19.87 -15.58 -29.38
C8 NDG E . -20.99 -15.06 -30.24
O5 NDG E . -20.39 -19.91 -29.85
O3 NDG E . -22.17 -17.89 -26.83
O4 NDG E . -21.09 -20.63 -26.32
O6 NDG E . -20.19 -23.08 -28.71
O7 NDG E . -18.73 -15.17 -29.53
N2 NDG E . -20.18 -16.48 -28.43
O1 NDG E . -18.55 -18.58 -29.30
ZN ZN F . -1.16 -30.77 -6.46
CL CL G . 22.78 -34.29 -12.13
C1 NDG H . 30.02 35.70 1.25
C2 NDG H . 30.94 34.56 1.69
C3 NDG H . 30.14 33.57 2.53
C4 NDG H . 29.54 34.30 3.74
C5 NDG H . 28.68 35.47 3.26
C6 NDG H . 28.12 36.26 4.44
C7 NDG H . 32.87 34.01 0.26
C8 NDG H . 33.76 32.89 0.72
O5 NDG H . 29.42 36.32 2.38
O3 NDG H . 30.97 32.51 2.96
O4 NDG H . 28.79 33.41 4.52
O6 NDG H . 28.47 37.63 4.34
O7 NDG H . 33.33 34.96 -0.37
N2 NDG H . 31.56 33.90 0.56
O1 NDG H . 29.03 35.22 0.38
C1 NDG I . 12.90 11.86 23.38
C2 NDG I . 14.16 11.08 22.99
C3 NDG I . 14.12 9.64 23.56
C4 NDG I . 13.67 9.58 25.03
C5 NDG I . 12.39 10.41 25.26
C6 NDG I . 11.93 10.47 26.73
C7 NDG I . 15.55 11.67 20.97
C8 NDG I . 16.86 10.96 21.24
O5 NDG I . 12.55 11.74 24.76
O3 NDG I . 15.40 9.04 23.49
O4 NDG I . 13.51 8.21 25.37
O6 NDG I . 12.15 11.76 27.29
O7 NDG I . 15.56 12.65 20.23
N2 NDG I . 14.42 11.17 21.54
O1 NDG I . 11.81 11.46 22.58
C1 NDG J . 6.76 2.39 13.52
C2 NDG J . 5.23 2.27 13.66
C3 NDG J . 4.77 1.70 14.98
C4 NDG J . 5.58 0.46 15.32
C5 NDG J . 7.05 0.93 15.48
C6 NDG J . 8.03 -0.16 15.95
C7 NDG J . 3.81 3.85 12.41
C8 NDG J . 3.35 5.29 12.28
O5 NDG J . 7.55 1.45 14.25
O3 NDG J . 3.38 1.44 14.83
O4 NDG J . 5.09 -0.24 16.45
O6 NDG J . 8.82 -0.73 14.91
O7 NDG J . 3.43 3.02 11.60
N2 NDG J . 4.59 3.57 13.46
O1 NDG J . 7.17 3.69 13.84
ZN ZN K . -0.71 28.06 11.06
CL CL L . -20.59 36.94 5.94
C1 NAG M . -24.22 -19.73 -25.46
C2 NAG M . -25.18 -20.41 -26.45
C3 NAG M . -26.59 -19.78 -26.47
C4 NAG M . -26.81 -18.74 -25.37
C5 NAG M . -25.66 -17.72 -25.34
C6 NAG M . -25.74 -16.84 -24.10
C7 NAG M . -24.64 -21.33 -28.70
C8 NAG M . -25.20 -20.96 -30.05
N2 NAG M . -24.59 -20.36 -27.79
O1 NAG M . -24.28 -20.29 -24.16
O3 NAG M . -27.59 -20.76 -26.34
O4 NAG M . -28.05 -18.09 -25.57
O5 NAG M . -24.36 -18.31 -25.41
O6 NAG M . -25.27 -15.56 -24.42
O7 NAG M . -24.25 -22.49 -28.50
C1 NDG N . 31.67 32.02 5.83
C2 NDG N . 31.37 32.45 7.27
C3 NDG N . 32.07 31.56 8.31
C4 NDG N . 32.00 30.07 7.97
C5 NDG N . 32.37 29.81 6.51
C6 NDG N . 32.17 28.33 6.15
C7 NDG N . 30.89 34.86 7.67
C8 NDG N . 31.45 36.04 8.41
O5 NDG N . 31.56 30.61 5.66
O3 NDG N . 31.49 31.76 9.58
O4 NDG N . 32.85 29.34 8.85
O6 NDG N . 32.25 28.17 4.74
O7 NDG N . 29.71 34.85 7.30
N2 NDG N . 31.75 33.85 7.45
O1 NDG N . 32.94 32.45 5.42
#